data_4PES
#
_entry.id   4PES
#
_cell.length_a   78.754
_cell.length_b   116.087
_cell.length_c   123.923
_cell.angle_alpha   90.00
_cell.angle_beta   98.09
_cell.angle_gamma   90.00
#
_symmetry.space_group_name_H-M   'P 1 21 1'
#
loop_
_entity.id
_entity.type
_entity.pdbx_description
1 polymer 'Insulin-degrading enzyme'
2 polymer Ala-Ala-Ala
3 non-polymer 'tert-butyl [(2S)-2-(2,5-difluorophenyl)-3-(quinolin-3-yl)propyl]carbamate'
4 non-polymer 'ZINC ION'
5 water water
#
loop_
_entity_poly.entity_id
_entity_poly.type
_entity_poly.pdbx_seq_one_letter_code
_entity_poly.pdbx_strand_id
1 'polypeptide(L)'
;MGHHHHHHGRAMNNPAIKRIGNHITKSPEDKREYRGLELANGIKVLLISDPTTDKSSAALDVHIGSLSDPPNIAGLSHFL
QHMLFLGTKKYPKENEYSQFLSEHAGSSNAFTSGEHTNYYFDVSHEHLEGALDRFAQFFLSPLFDESAKDREVNAVDSEH
EKNVMNDAWRLFQLEKATGNPKHPFSKFGTGNKYTLETRPNQEGIDVRQELLKFHSAYYSSNLMAVVVLGRESLDDLTNL
VVKLFSEVENKNVPLPEFPEHPFQEEHLKQLYKIVPIKDIRNLYVTFPIPDLQKYYKSNPGHYLGHLIGHEGPGSLLSEL
KSKGWVNTLVGGQKEGARGFMFFIINVDLTEEGLLHVEDIILHMFQYIQKLRAEGPQEWVFQELKDLNAVAFRFKDKERP
RGYTSKIAGILHYYPLEEVLTAEYLLEEFRPDLIEMVLDKLRPENVRVAIVSKSFEGKTDRTEEWYGTQYKQEAIPDEVI
KKWQNADLNGKFKLPTKNEFIPTNFEILPLEKEATPYPALIKDTAMSKLWFKQDDKFFLPKANLNFEFFSPFAYVDPLHS
NMAYLYLELLKDSLNEYAYAAELAGLSYDLQNTIYGMYLSVKGYNDKQPILLKKIIEKMATFEIDEKRFEIIKEAYMRSL
NNFRAEQPHQHAMYYLRLLMTEVAWTKDELKEALDDVTLPRLKAFIPQLLSRLHIEALLHGNITKQAALGIMQMVEDTLI
EHAHTKPLLPSQLVRYREVQLPDRGWFVYQQRNEVHNNSGIEIYYQTDMQSTSENMFLELFAQIISEPAFNTLRTKEQLG
YIVFSGPRRANGIQGLRFIIQSEKPPHYLESRVEAFLITMEKSIEDMTEEAFQKHIQALAIRRLDKPKKLSAESAKYWGE
IISQQYNFDRDNTEVAYLKTLTKEDIIKFYKEMLAVDAPRRHKVSVHVLAREMDSNPVVGEFPAQNDINLSQAPALPQPE
VIQNMTEFKRGLPLFPLVKPHINFMAAKL
;
A,B
2 'polypeptide(L)' AAA C,D
#
loop_
_chem_comp.id
_chem_comp.type
_chem_comp.name
_chem_comp.formula
2PJ non-polymer 'tert-butyl [(2S)-2-(2,5-difluorophenyl)-3-(quinolin-3-yl)propyl]carbamate' 'C23 H24 F2 N2 O2'
ZN non-polymer 'ZINC ION' 'Zn 2'
#
# COMPACT_ATOMS: atom_id res chain seq x y z
N ASN A 14 42.43 36.64 47.32
CA ASN A 14 41.75 37.05 48.58
C ASN A 14 41.45 38.57 48.63
N PRO A 15 42.43 39.41 48.21
CA PRO A 15 42.14 40.84 48.19
C PRO A 15 41.40 41.27 46.91
N ALA A 16 41.46 40.42 45.89
CA ALA A 16 40.83 40.67 44.59
C ALA A 16 39.33 40.33 44.59
N ILE A 17 38.82 39.94 45.76
CA ILE A 17 37.40 39.59 45.93
C ILE A 17 36.74 40.55 46.91
N LYS A 18 35.84 41.39 46.39
CA LYS A 18 35.09 42.36 47.20
C LYS A 18 34.24 41.67 48.29
N ARG A 19 33.51 40.62 47.91
CA ARG A 19 32.74 39.83 48.89
C ARG A 19 32.39 38.44 48.35
N ILE A 20 32.19 37.52 49.29
CA ILE A 20 31.71 36.18 49.00
C ILE A 20 30.24 36.10 49.46
N GLY A 21 29.39 35.54 48.60
CA GLY A 21 27.97 35.39 48.94
C GLY A 21 27.80 34.34 50.02
N ASN A 22 26.64 34.35 50.68
CA ASN A 22 26.28 33.27 51.57
C ASN A 22 25.94 31.99 50.77
N HIS A 23 25.18 31.07 51.37
CA HIS A 23 24.80 29.83 50.71
C HIS A 23 23.89 30.13 49.54
N ILE A 24 24.27 29.62 48.36
CA ILE A 24 23.45 29.68 47.13
C ILE A 24 22.28 28.68 47.22
N THR A 25 21.09 29.18 47.51
CA THR A 25 19.91 28.33 47.68
C THR A 25 19.68 27.50 46.41
N LYS A 26 19.57 26.19 46.61
CA LYS A 26 19.49 25.23 45.51
C LYS A 26 18.53 24.16 45.90
N SER A 27 18.21 23.29 44.95
CA SER A 27 17.35 22.16 45.21
C SER A 27 18.10 21.08 45.99
N PRO A 28 17.45 20.45 46.99
CA PRO A 28 18.06 19.28 47.68
C PRO A 28 18.51 18.21 46.71
N GLU A 29 17.79 18.08 45.58
CA GLU A 29 18.14 17.12 44.53
C GLU A 29 19.38 17.50 43.70
N ASP A 30 19.88 18.73 43.85
CA ASP A 30 21.02 19.23 43.06
C ASP A 30 22.35 18.91 43.73
N LYS A 31 23.12 18.02 43.12
CA LYS A 31 24.39 17.58 43.69
C LYS A 31 25.56 18.45 43.24
N ARG A 32 25.30 19.40 42.33
CA ARG A 32 26.33 20.38 41.95
C ARG A 32 26.60 21.33 43.13
N GLU A 33 27.82 21.85 43.20
CA GLU A 33 28.15 22.80 44.26
C GLU A 33 28.40 24.21 43.72
N TYR A 34 27.90 25.19 44.47
CA TYR A 34 27.83 26.57 44.05
C TYR A 34 28.45 27.52 45.05
N ARG A 35 29.06 28.58 44.51
CA ARG A 35 29.65 29.66 45.29
C ARG A 35 29.50 30.94 44.49
N GLY A 36 28.94 31.94 45.15
CA GLY A 36 28.80 33.26 44.58
C GLY A 36 29.84 34.21 45.14
N LEU A 37 30.25 35.16 44.32
CA LEU A 37 31.12 36.23 44.78
C LEU A 37 31.08 37.46 43.90
N GLU A 38 31.64 38.55 44.41
CA GLU A 38 31.81 39.76 43.65
C GLU A 38 33.29 40.13 43.68
N LEU A 39 33.91 40.21 42.49
CA LEU A 39 35.29 40.70 42.34
C LEU A 39 35.43 42.22 42.71
N ALA A 40 36.65 42.62 43.09
CA ALA A 40 36.94 44.03 43.43
C ALA A 40 36.64 45.02 42.28
N ASN A 41 36.77 44.56 41.03
CA ASN A 41 36.44 45.39 39.87
C ASN A 41 34.93 45.45 39.49
N GLY A 42 34.08 44.93 40.37
CA GLY A 42 32.61 44.94 40.17
C GLY A 42 31.95 43.72 39.55
N ILE A 43 32.73 42.90 38.83
CA ILE A 43 32.21 41.64 38.24
C ILE A 43 31.53 40.71 39.25
N LYS A 44 30.27 40.37 38.97
CA LYS A 44 29.54 39.37 39.75
C LYS A 44 29.85 37.97 39.19
N VAL A 45 30.17 37.02 40.07
CA VAL A 45 30.55 35.67 39.68
C VAL A 45 29.68 34.58 40.30
N LEU A 46 29.27 33.59 39.47
CA LEU A 46 28.81 32.29 40.00
C LEU A 46 29.67 31.13 39.51
N LEU A 47 30.22 30.40 40.47
CA LEU A 47 31.00 29.19 40.22
C LEU A 47 30.16 27.95 40.45
N ILE A 48 30.31 26.97 39.56
CA ILE A 48 29.56 25.72 39.63
C ILE A 48 30.53 24.53 39.55
N SER A 49 30.60 23.79 40.65
CA SER A 49 31.44 22.59 40.71
C SER A 49 30.61 21.31 40.49
N ASP A 50 30.89 20.63 39.38
CA ASP A 50 30.20 19.40 39.01
C ASP A 50 31.22 18.36 38.56
N PRO A 51 31.65 17.50 39.50
CA PRO A 51 32.67 16.49 39.19
C PRO A 51 32.25 15.40 38.19
N THR A 52 30.97 15.33 37.84
CA THR A 52 30.46 14.31 36.93
C THR A 52 30.30 14.82 35.49
N THR A 53 30.35 16.14 35.31
CA THR A 53 30.07 16.77 34.01
C THR A 53 31.02 16.30 32.90
N ASP A 54 30.48 16.08 31.71
CA ASP A 54 31.32 15.72 30.57
C ASP A 54 31.88 16.97 29.96
N LYS A 55 31.08 18.02 29.98
CA LYS A 55 31.50 19.30 29.43
C LYS A 55 31.51 20.43 30.43
N SER A 56 32.60 21.19 30.39
CA SER A 56 32.70 22.42 31.15
C SER A 56 32.28 23.62 30.30
N SER A 57 32.00 24.74 30.96
CA SER A 57 31.46 25.89 30.26
C SER A 57 31.72 27.18 31.04
N ALA A 58 31.82 28.28 30.30
CA ALA A 58 31.77 29.61 30.92
C ALA A 58 30.92 30.59 30.10
N ALA A 59 30.47 31.65 30.77
CA ALA A 59 29.70 32.67 30.11
C ALA A 59 29.94 34.02 30.75
N LEU A 60 29.99 35.05 29.91
CA LEU A 60 30.06 36.42 30.38
C LEU A 60 28.86 37.20 29.80
N ASP A 61 28.14 37.88 30.66
CA ASP A 61 27.03 38.73 30.20
C ASP A 61 27.36 40.20 30.53
N VAL A 62 27.44 41.02 29.49
CA VAL A 62 27.69 42.47 29.62
C VAL A 62 26.34 43.16 29.58
N HIS A 63 25.99 43.86 30.63
CA HIS A 63 24.64 44.43 30.74
C HIS A 63 24.51 45.71 29.90
N ILE A 64 24.89 45.60 28.62
CA ILE A 64 24.75 46.62 27.59
C ILE A 64 24.37 45.94 26.28
N GLY A 65 23.36 46.47 25.60
CA GLY A 65 22.99 45.97 24.28
C GLY A 65 22.39 47.04 23.38
N SER A 66 21.55 46.60 22.46
CA SER A 66 21.07 47.38 21.33
C SER A 66 20.42 48.72 21.64
N LEU A 67 19.72 48.81 22.76
CA LEU A 67 19.02 50.00 23.14
C LEU A 67 20.01 51.12 23.39
N SER A 68 21.28 50.73 23.52
CA SER A 68 22.36 51.67 23.74
C SER A 68 23.15 51.98 22.46
N ASP A 69 22.74 51.43 21.32
CA ASP A 69 23.37 51.79 20.04
C ASP A 69 23.33 53.30 19.79
N PRO A 70 24.37 53.87 19.13
CA PRO A 70 24.27 55.27 18.71
C PRO A 70 23.23 55.40 17.58
N PRO A 71 22.39 56.44 17.62
CA PRO A 71 21.28 56.53 16.64
C PRO A 71 21.72 56.49 15.17
N ASN A 72 22.92 56.99 14.88
CA ASN A 72 23.44 56.98 13.49
C ASN A 72 24.10 55.67 13.01
N ILE A 73 24.29 54.73 13.94
CA ILE A 73 24.85 53.40 13.64
C ILE A 73 23.99 52.30 14.29
N ALA A 74 22.91 51.93 13.60
CA ALA A 74 22.03 50.88 14.08
C ALA A 74 22.73 49.54 13.92
N GLY A 75 22.71 48.73 14.97
CA GLY A 75 23.34 47.41 14.92
C GLY A 75 24.73 47.35 15.50
N LEU A 76 25.19 48.44 16.10
CA LEU A 76 26.58 48.49 16.54
C LEU A 76 26.90 47.51 17.70
N SER A 77 26.02 47.46 18.72
CA SER A 77 26.16 46.51 19.85
C SER A 77 26.31 45.10 19.34
N HIS A 78 25.49 44.79 18.34
CA HIS A 78 25.46 43.51 17.67
C HIS A 78 26.75 43.28 16.94
N PHE A 79 27.20 44.31 16.24
CA PHE A 79 28.40 44.22 15.46
C PHE A 79 29.60 44.01 16.37
N LEU A 80 29.63 44.74 17.49
CA LEU A 80 30.69 44.60 18.47
C LEU A 80 30.77 43.17 18.98
N GLN A 81 29.61 42.51 19.04
CA GLN A 81 29.53 41.10 19.46
C GLN A 81 30.21 40.16 18.45
N HIS A 82 30.08 40.42 17.15
CA HIS A 82 30.81 39.65 16.13
C HIS A 82 32.29 39.98 16.16
N MET A 83 32.59 41.28 16.31
CA MET A 83 33.97 41.77 16.26
C MET A 83 34.85 41.47 17.48
N LEU A 84 34.23 41.30 18.66
CA LEU A 84 34.98 41.17 19.92
C LEU A 84 35.86 39.92 20.01
N PHE A 85 35.43 38.83 19.37
CA PHE A 85 36.13 37.55 19.49
C PHE A 85 37.03 37.19 18.27
N LEU A 86 37.75 38.20 17.78
CA LEU A 86 38.68 38.00 16.65
C LEU A 86 40.09 38.50 16.97
N GLY A 87 40.86 37.67 17.66
CA GLY A 87 42.25 37.99 18.02
C GLY A 87 42.40 38.88 19.25
N THR A 88 43.31 38.50 20.14
CA THR A 88 43.76 39.33 21.27
C THR A 88 45.29 39.42 21.28
N LYS A 89 45.85 40.23 22.19
CA LYS A 89 47.31 40.37 22.34
C LYS A 89 48.00 39.03 22.67
N LYS A 90 47.48 38.31 23.66
CA LYS A 90 48.03 37.01 24.04
C LYS A 90 47.83 35.95 22.96
N TYR A 91 46.69 35.98 22.28
CA TYR A 91 46.40 35.00 21.23
C TYR A 91 46.07 35.71 19.91
N PRO A 92 47.11 36.17 19.20
CA PRO A 92 47.00 36.97 17.97
C PRO A 92 46.07 36.42 16.88
N LYS A 93 46.20 35.13 16.54
CA LYS A 93 45.43 34.56 15.42
C LYS A 93 43.94 34.49 15.75
N GLU A 94 43.09 34.91 14.81
CA GLU A 94 41.64 35.04 15.06
C GLU A 94 40.90 33.70 15.17
N ASN A 95 41.43 32.70 14.46
CA ASN A 95 40.90 31.32 14.44
C ASN A 95 41.16 30.55 15.72
N GLU A 96 42.08 31.06 16.54
CA GLU A 96 42.51 30.46 17.81
C GLU A 96 41.37 29.98 18.72
N TYR A 97 40.47 30.89 19.08
CA TYR A 97 39.33 30.59 19.97
C TYR A 97 38.41 29.50 19.39
N SER A 98 38.00 29.67 18.13
CA SER A 98 37.20 28.66 17.44
C SER A 98 37.96 27.35 17.27
N GLN A 99 39.24 27.46 16.91
CA GLN A 99 40.15 26.33 16.69
C GLN A 99 40.34 25.46 17.93
N PHE A 100 40.66 26.10 19.05
CA PHE A 100 40.90 25.41 20.32
C PHE A 100 39.64 24.67 20.74
N LEU A 101 38.48 25.33 20.61
CA LEU A 101 37.20 24.71 20.96
C LEU A 101 36.90 23.53 20.03
N SER A 102 37.15 23.74 18.74
CA SER A 102 37.05 22.70 17.72
C SER A 102 37.90 21.47 18.06
N GLU A 103 39.13 21.71 18.52
CA GLU A 103 40.08 20.63 18.82
C GLU A 103 39.79 19.88 20.10
N HIS A 104 38.97 20.44 20.98
CA HIS A 104 38.70 19.83 22.27
C HIS A 104 37.22 19.67 22.58
N ALA A 105 36.46 19.19 21.59
CA ALA A 105 35.01 18.93 21.72
C ALA A 105 34.20 20.05 22.38
N GLY A 106 34.47 21.28 21.96
CA GLY A 106 33.72 22.42 22.46
C GLY A 106 32.84 23.08 21.42
N SER A 107 32.22 24.18 21.83
CA SER A 107 31.43 25.04 20.94
C SER A 107 31.29 26.41 21.62
N SER A 108 30.94 27.42 20.85
CA SER A 108 30.70 28.74 21.40
C SER A 108 29.60 29.40 20.63
N ASN A 109 29.03 30.43 21.25
CA ASN A 109 28.01 31.24 20.63
C ASN A 109 27.78 32.49 21.45
N ALA A 110 27.01 33.42 20.90
CA ALA A 110 26.73 34.69 21.56
C ALA A 110 25.41 35.28 21.08
N PHE A 111 24.83 36.15 21.89
CA PHE A 111 23.64 36.89 21.49
C PHE A 111 23.66 38.32 22.02
N THR A 112 23.00 39.20 21.27
CA THR A 112 22.83 40.60 21.64
C THR A 112 21.34 40.89 21.79
N SER A 113 20.95 41.39 22.94
CA SER A 113 19.57 41.81 23.12
C SER A 113 19.55 43.34 23.28
N GLY A 114 18.44 43.90 23.77
CA GLY A 114 18.34 45.32 24.06
C GLY A 114 19.22 45.78 25.22
N GLU A 115 19.35 44.99 26.28
CA GLU A 115 20.19 45.41 27.40
C GLU A 115 21.41 44.50 27.73
N HIS A 116 21.71 43.50 26.89
CA HIS A 116 22.76 42.51 27.23
C HIS A 116 23.47 42.02 26.05
N THR A 117 24.74 41.66 26.25
CA THR A 117 25.54 40.94 25.24
C THR A 117 26.22 39.78 25.99
N ASN A 118 25.88 38.58 25.55
CA ASN A 118 26.11 37.35 26.29
C ASN A 118 27.01 36.46 25.46
N TYR A 119 28.20 36.18 25.98
CA TYR A 119 29.19 35.35 25.28
C TYR A 119 29.36 34.06 26.09
N TYR A 120 29.38 32.92 25.41
CA TYR A 120 29.48 31.63 26.08
C TYR A 120 30.14 30.51 25.25
N PHE A 121 30.70 29.53 25.93
CA PHE A 121 31.26 28.34 25.26
C PHE A 121 31.08 27.11 26.15
N ASP A 122 31.14 25.94 25.52
CA ASP A 122 31.50 24.72 26.26
C ASP A 122 32.79 24.06 25.74
N VAL A 123 33.36 23.18 26.56
CA VAL A 123 34.55 22.38 26.20
C VAL A 123 34.61 21.07 27.02
N SER A 124 35.40 20.10 26.55
CA SER A 124 35.69 18.88 27.30
C SER A 124 36.19 19.25 28.69
N HIS A 125 35.76 18.52 29.71
CA HIS A 125 36.09 18.88 31.11
C HIS A 125 37.56 19.04 31.42
N GLU A 126 38.43 18.44 30.61
CA GLU A 126 39.88 18.48 30.87
C GLU A 126 40.51 19.83 30.57
N HIS A 127 39.85 20.60 29.71
CA HIS A 127 40.47 21.77 29.07
C HIS A 127 39.81 23.09 29.37
N LEU A 128 39.15 23.17 30.53
CA LEU A 128 38.53 24.42 30.98
C LEU A 128 39.51 25.60 31.04
N GLU A 129 40.67 25.40 31.68
CA GLU A 129 41.66 26.48 31.86
C GLU A 129 42.15 27.02 30.52
N GLY A 130 42.40 26.15 29.56
CA GLY A 130 42.91 26.55 28.25
C GLY A 130 41.89 27.35 27.46
N ALA A 131 40.63 26.94 27.59
CA ALA A 131 39.52 27.62 26.94
C ALA A 131 39.19 28.95 27.62
N LEU A 132 38.99 28.90 28.94
CA LEU A 132 38.70 30.12 29.71
C LEU A 132 39.82 31.17 29.58
N ASP A 133 41.07 30.72 29.45
CA ASP A 133 42.18 31.65 29.19
C ASP A 133 41.96 32.44 27.90
N ARG A 134 41.69 31.75 26.80
CA ARG A 134 41.39 32.40 25.52
C ARG A 134 40.14 33.30 25.60
N PHE A 135 39.13 32.86 26.32
CA PHE A 135 37.90 33.63 26.56
C PHE A 135 38.15 34.94 27.31
N ALA A 136 38.83 34.85 28.46
CA ALA A 136 39.13 36.00 29.33
C ALA A 136 39.86 37.14 28.60
N GLN A 137 40.69 36.80 27.61
CA GLN A 137 41.54 37.78 26.93
C GLN A 137 40.73 38.82 26.15
N PHE A 138 39.59 38.41 25.59
CA PHE A 138 38.72 39.31 24.82
C PHE A 138 38.17 40.44 25.70
N PHE A 139 38.22 40.22 27.01
CA PHE A 139 37.85 41.22 27.99
C PHE A 139 39.07 41.79 28.74
N LEU A 140 40.26 41.56 28.18
CA LEU A 140 41.49 42.21 28.65
C LEU A 140 42.16 43.00 27.50
N SER A 141 42.40 42.36 26.35
CA SER A 141 43.12 43.00 25.22
C SER A 141 42.67 42.58 23.82
N PRO A 142 41.38 42.83 23.47
CA PRO A 142 40.92 42.44 22.13
C PRO A 142 41.56 43.28 21.03
N LEU A 143 41.71 42.69 19.85
CA LEU A 143 42.34 43.37 18.72
C LEU A 143 41.36 43.83 17.64
N PHE A 144 40.22 43.14 17.53
CA PHE A 144 39.22 43.41 16.50
C PHE A 144 39.82 43.43 15.08
N ASP A 145 40.46 42.34 14.66
CA ASP A 145 41.20 42.35 13.38
C ASP A 145 40.41 42.97 12.21
N GLU A 146 40.98 44.02 11.62
CA GLU A 146 40.35 44.77 10.53
C GLU A 146 40.04 43.94 9.30
N SER A 147 40.78 42.85 9.12
CA SER A 147 40.64 41.98 7.96
C SER A 147 39.22 41.43 7.79
N ALA A 148 38.56 41.16 8.91
CA ALA A 148 37.27 40.48 8.91
C ALA A 148 36.09 41.44 8.74
N LYS A 149 36.27 42.69 9.16
CA LYS A 149 35.23 43.73 9.11
C LYS A 149 34.17 43.52 8.01
N ASP A 150 34.61 43.39 6.76
CA ASP A 150 33.67 43.21 5.64
C ASP A 150 32.86 41.92 5.71
N ARG A 151 33.50 40.85 6.16
CA ARG A 151 32.85 39.55 6.36
C ARG A 151 31.76 39.57 7.46
N GLU A 152 32.10 40.13 8.61
CA GLU A 152 31.19 40.28 9.75
C GLU A 152 29.99 41.18 9.43
N VAL A 153 30.20 42.18 8.58
CA VAL A 153 29.10 43.02 8.09
C VAL A 153 28.19 42.23 7.16
N ASN A 154 28.79 41.42 6.29
CA ASN A 154 27.99 40.55 5.42
C ASN A 154 27.27 39.45 6.20
N ALA A 155 27.78 39.15 7.41
CA ALA A 155 27.14 38.20 8.32
C ALA A 155 25.87 38.84 8.93
N VAL A 156 26.03 39.97 9.63
CA VAL A 156 24.91 40.72 10.19
C VAL A 156 23.82 40.97 9.13
N ASP A 157 24.24 41.26 7.91
CA ASP A 157 23.29 41.51 6.81
C ASP A 157 22.48 40.25 6.42
N SER A 158 23.14 39.09 6.52
CA SER A 158 22.52 37.77 6.24
C SER A 158 21.36 37.48 7.20
N GLU A 159 21.64 37.72 8.47
CA GLU A 159 20.68 37.56 9.56
C GLU A 159 19.41 38.39 9.31
N HIS A 160 19.56 39.69 9.13
CA HIS A 160 18.41 40.55 8.91
C HIS A 160 17.62 40.12 7.72
N GLU A 161 18.31 39.76 6.64
CA GLU A 161 17.66 39.41 5.38
C GLU A 161 16.81 38.14 5.54
N LYS A 162 17.32 37.25 6.38
CA LYS A 162 16.65 36.06 6.85
C LYS A 162 15.26 36.36 7.45
N ASN A 163 15.24 37.33 8.38
CA ASN A 163 14.07 37.68 9.15
C ASN A 163 13.04 38.54 8.43
N VAL A 164 13.46 39.19 7.35
CA VAL A 164 12.63 40.17 6.64
C VAL A 164 11.24 39.66 6.28
N MET A 165 11.15 38.42 5.81
CA MET A 165 9.86 37.85 5.40
C MET A 165 9.16 37.06 6.52
N ASN A 166 9.80 36.97 7.69
CA ASN A 166 9.24 36.32 8.87
C ASN A 166 8.26 37.25 9.62
N ASP A 167 6.97 36.88 9.66
CA ASP A 167 5.89 37.69 10.25
C ASP A 167 6.12 38.15 11.69
N ALA A 168 6.80 37.34 12.50
CA ALA A 168 7.04 37.67 13.90
C ALA A 168 8.05 38.79 14.12
N TRP A 169 9.16 38.75 13.39
CA TRP A 169 10.14 39.84 13.39
C TRP A 169 9.57 41.11 12.80
N ARG A 170 8.67 40.95 11.84
CA ARG A 170 8.01 42.10 11.23
C ARG A 170 7.16 42.80 12.25
N LEU A 171 6.38 42.02 13.01
CA LEU A 171 5.46 42.60 14.01
C LEU A 171 6.24 43.23 15.17
N PHE A 172 7.37 42.61 15.51
CA PHE A 172 8.25 43.03 16.59
C PHE A 172 8.79 44.43 16.33
N GLN A 173 9.31 44.65 15.12
CA GLN A 173 9.87 45.94 14.73
C GLN A 173 8.76 46.97 14.50
N LEU A 174 7.67 46.55 13.89
CA LEU A 174 6.57 47.47 13.62
C LEU A 174 6.01 48.08 14.90
N GLU A 175 5.80 47.27 15.92
CA GLU A 175 5.36 47.81 17.22
C GLU A 175 6.27 48.98 17.66
N LYS A 176 7.58 48.75 17.55
CA LYS A 176 8.63 49.76 17.85
C LYS A 176 8.47 51.05 17.04
N ALA A 177 7.96 50.94 15.82
CA ALA A 177 7.87 52.09 14.96
C ALA A 177 6.64 52.95 15.30
N THR A 178 5.74 52.44 16.14
CA THR A 178 4.48 53.16 16.40
C THR A 178 4.55 53.85 17.76
N GLY A 179 5.70 53.75 18.42
CA GLY A 179 5.87 54.40 19.71
C GLY A 179 6.54 55.74 19.53
N ASN A 180 6.96 56.34 20.64
CA ASN A 180 7.78 57.57 20.63
C ASN A 180 9.09 57.36 19.86
N PRO A 181 9.25 58.05 18.71
CA PRO A 181 10.46 57.86 17.88
C PRO A 181 11.74 58.35 18.54
N LYS A 182 11.62 59.12 19.62
CA LYS A 182 12.79 59.61 20.34
C LYS A 182 13.27 58.58 21.42
N HIS A 183 12.42 57.60 21.75
CA HIS A 183 12.73 56.58 22.75
C HIS A 183 13.62 55.50 22.16
N PRO A 184 14.65 55.04 22.91
CA PRO A 184 15.51 53.97 22.36
C PRO A 184 14.74 52.72 21.89
N PHE A 185 13.55 52.50 22.45
CA PHE A 185 12.69 51.35 22.08
C PHE A 185 12.38 51.30 20.58
N SER A 186 12.36 52.45 19.93
CA SER A 186 12.15 52.51 18.47
C SER A 186 13.36 51.99 17.66
N LYS A 187 14.50 51.78 18.31
CA LYS A 187 15.70 51.42 17.52
C LYS A 187 15.58 50.12 16.75
N PHE A 188 16.30 50.06 15.64
CA PHE A 188 16.57 48.82 14.91
C PHE A 188 17.85 48.19 15.48
N GLY A 189 17.70 47.11 16.25
CA GLY A 189 18.83 46.50 16.98
C GLY A 189 19.74 45.56 16.19
N THR A 190 19.20 44.92 15.18
CA THR A 190 19.96 43.97 14.38
C THR A 190 21.04 44.66 13.54
N GLY A 191 20.64 45.64 12.73
CA GLY A 191 21.54 46.25 11.75
C GLY A 191 21.51 45.49 10.43
N ASN A 192 22.16 46.06 9.42
CA ASN A 192 22.38 45.38 8.14
C ASN A 192 23.56 46.03 7.38
N LYS A 193 23.74 45.66 6.12
CA LYS A 193 24.78 46.28 5.27
C LYS A 193 24.56 47.80 5.16
N TYR A 194 23.30 48.23 5.00
CA TYR A 194 23.01 49.66 4.94
C TYR A 194 23.46 50.39 6.21
N THR A 195 23.02 49.94 7.40
CA THR A 195 23.34 50.70 8.62
C THR A 195 24.78 50.54 9.09
N LEU A 196 25.49 49.55 8.58
CA LEU A 196 26.86 49.31 9.05
C LEU A 196 27.95 49.60 7.99
N GLU A 197 27.54 49.64 6.72
CA GLU A 197 28.45 50.03 5.63
C GLU A 197 27.96 51.25 4.78
N THR A 198 26.90 51.07 4.00
CA THR A 198 26.43 52.08 3.03
C THR A 198 26.23 53.48 3.61
N ARG A 199 25.38 53.59 4.64
CA ARG A 199 25.10 54.89 5.23
C ARG A 199 26.29 55.51 5.99
N PRO A 200 26.99 54.72 6.84
CA PRO A 200 28.15 55.36 7.51
C PRO A 200 29.32 55.73 6.56
N ASN A 201 29.46 55.03 5.43
CA ASN A 201 30.38 55.50 4.37
C ASN A 201 29.97 56.88 3.82
N GLN A 202 28.73 56.96 3.33
CA GLN A 202 28.11 58.20 2.86
C GLN A 202 28.23 59.33 3.86
N GLU A 203 27.98 59.03 5.15
CA GLU A 203 28.05 60.05 6.21
C GLU A 203 29.48 60.30 6.75
N GLY A 204 30.46 59.59 6.19
CA GLY A 204 31.86 59.76 6.60
C GLY A 204 32.19 59.31 8.01
N ILE A 205 31.58 58.20 8.40
CA ILE A 205 31.82 57.60 9.70
C ILE A 205 32.83 56.46 9.48
N ASP A 206 33.92 56.49 10.25
CA ASP A 206 34.86 55.38 10.31
C ASP A 206 34.27 54.40 11.32
N VAL A 207 33.66 53.32 10.84
CA VAL A 207 32.94 52.43 11.75
C VAL A 207 33.84 51.93 12.88
N ARG A 208 35.04 51.49 12.49
CA ARG A 208 36.02 50.93 13.38
C ARG A 208 36.29 51.79 14.63
N GLN A 209 36.48 53.10 14.47
CA GLN A 209 36.78 53.91 15.65
C GLN A 209 35.54 54.16 16.52
N GLU A 210 34.36 54.18 15.89
CA GLU A 210 33.10 54.25 16.64
C GLU A 210 32.85 52.93 17.40
N LEU A 211 33.17 51.80 16.76
CA LEU A 211 33.18 50.51 17.42
C LEU A 211 34.05 50.52 18.68
N LEU A 212 35.34 50.79 18.49
CA LEU A 212 36.31 51.01 19.56
C LEU A 212 35.84 52.01 20.64
N LYS A 213 35.24 53.11 20.23
CA LYS A 213 34.71 54.10 21.17
C LYS A 213 33.61 53.53 22.07
N PHE A 214 32.66 52.82 21.46
CA PHE A 214 31.53 52.20 22.17
C PHE A 214 32.04 51.19 23.19
N HIS A 215 33.01 50.38 22.76
CA HIS A 215 33.69 49.44 23.64
C HIS A 215 34.28 50.12 24.86
N SER A 216 35.11 51.13 24.62
CA SER A 216 35.78 51.86 25.68
C SER A 216 34.82 52.47 26.70
N ALA A 217 33.70 53.00 26.22
CA ALA A 217 32.70 53.64 27.09
C ALA A 217 31.88 52.60 27.84
N TYR A 218 31.59 51.46 27.18
CA TYR A 218 30.57 50.55 27.69
C TYR A 218 31.03 49.24 28.36
N TYR A 219 32.05 48.61 27.79
CA TYR A 219 32.57 47.35 28.34
C TYR A 219 33.33 47.54 29.64
N SER A 220 32.56 47.71 30.71
CA SER A 220 33.08 47.92 32.05
C SER A 220 32.77 46.71 32.92
N SER A 221 33.78 46.23 33.62
CA SER A 221 33.64 45.15 34.57
C SER A 221 32.49 45.39 35.55
N ASN A 222 32.16 46.65 35.82
CA ASN A 222 31.08 46.91 36.80
C ASN A 222 29.69 46.53 36.25
N LEU A 223 29.63 46.29 34.94
CA LEU A 223 28.40 45.89 34.25
C LEU A 223 28.50 44.45 33.69
N MET A 224 29.48 43.69 34.21
CA MET A 224 29.75 42.33 33.75
C MET A 224 29.46 41.26 34.80
N ALA A 225 28.95 40.11 34.34
CA ALA A 225 28.71 38.92 35.19
C ALA A 225 29.32 37.71 34.50
N VAL A 226 29.98 36.89 35.30
CA VAL A 226 30.73 35.74 34.78
C VAL A 226 30.24 34.46 35.46
N VAL A 227 30.05 33.41 34.68
CA VAL A 227 29.63 32.10 35.22
C VAL A 227 30.56 31.02 34.71
N VAL A 228 31.11 30.21 35.62
CA VAL A 228 32.04 29.10 35.25
C VAL A 228 31.59 27.77 35.87
N LEU A 229 31.36 26.77 35.02
CA LEU A 229 30.97 25.43 35.46
C LEU A 229 32.08 24.48 35.09
N GLY A 230 32.62 23.75 36.06
CA GLY A 230 33.73 22.80 35.82
C GLY A 230 33.81 21.64 36.81
N ARG A 231 34.63 20.64 36.48
CA ARG A 231 34.92 19.50 37.38
C ARG A 231 35.71 19.89 38.63
N GLU A 232 36.63 20.84 38.45
CA GLU A 232 37.42 21.41 39.54
C GLU A 232 36.59 21.86 40.76
N SER A 233 37.26 21.93 41.90
CA SER A 233 36.60 22.35 43.15
C SER A 233 36.22 23.84 43.12
N LEU A 234 35.33 24.23 44.03
CA LEU A 234 35.00 25.64 44.25
C LEU A 234 36.26 26.50 44.46
N ASP A 235 37.22 26.00 45.25
CA ASP A 235 38.50 26.71 45.49
C ASP A 235 39.37 26.86 44.25
N ASP A 236 39.49 25.82 43.43
CA ASP A 236 40.28 25.91 42.18
C ASP A 236 39.62 26.84 41.17
N LEU A 237 38.30 26.75 41.05
CA LEU A 237 37.54 27.67 40.19
C LEU A 237 37.65 29.10 40.71
N THR A 238 37.52 29.27 42.03
CA THR A 238 37.68 30.58 42.68
C THR A 238 39.01 31.17 42.24
N ASN A 239 40.10 30.42 42.40
CA ASN A 239 41.44 30.88 42.01
C ASN A 239 41.55 31.23 40.54
N LEU A 240 40.95 30.40 39.69
CA LEU A 240 41.09 30.58 38.25
C LEU A 240 40.39 31.86 37.75
N VAL A 241 39.21 32.12 38.27
CA VAL A 241 38.41 33.29 37.86
C VAL A 241 39.02 34.58 38.41
N VAL A 242 39.54 34.53 39.62
CA VAL A 242 40.29 35.67 40.16
C VAL A 242 41.49 35.90 39.25
N LYS A 243 42.23 34.84 38.93
CA LYS A 243 43.39 34.98 38.05
C LYS A 243 43.03 35.68 36.73
N LEU A 244 41.91 35.31 36.13
CA LEU A 244 41.64 35.76 34.77
C LEU A 244 40.79 37.01 34.60
N PHE A 245 40.01 37.38 35.62
CA PHE A 245 39.02 38.43 35.42
C PHE A 245 39.16 39.64 36.37
N SER A 246 40.05 39.52 37.37
CA SER A 246 40.29 40.63 38.29
C SER A 246 40.95 41.84 37.61
N GLU A 247 41.57 41.61 36.45
CA GLU A 247 42.22 42.67 35.69
C GLU A 247 41.31 43.39 34.70
N VAL A 248 40.07 42.94 34.53
CA VAL A 248 39.17 43.64 33.60
C VAL A 248 38.94 45.04 34.13
N GLU A 249 39.11 46.02 33.22
CA GLU A 249 39.09 47.42 33.65
C GLU A 249 37.70 47.89 34.12
N ASN A 250 37.68 48.61 35.24
CA ASN A 250 36.44 49.14 35.79
C ASN A 250 36.23 50.62 35.40
N LYS A 251 35.19 50.91 34.62
CA LYS A 251 34.99 52.29 34.18
C LYS A 251 33.78 52.94 34.87
N ASN A 252 33.27 52.27 35.90
CA ASN A 252 32.18 52.80 36.72
C ASN A 252 30.97 53.33 35.93
N VAL A 253 30.65 52.63 34.85
CA VAL A 253 29.54 52.99 33.97
C VAL A 253 28.20 52.85 34.69
N PRO A 254 27.40 53.93 34.70
CA PRO A 254 26.09 53.80 35.34
C PRO A 254 25.20 52.89 34.47
N LEU A 255 24.38 52.09 35.12
CA LEU A 255 23.56 51.13 34.40
C LEU A 255 22.38 51.86 33.71
N PRO A 256 22.32 51.79 32.35
CA PRO A 256 21.25 52.49 31.63
C PRO A 256 19.86 52.12 32.15
N GLU A 257 19.04 53.13 32.37
CA GLU A 257 17.65 52.94 32.77
C GLU A 257 16.78 53.60 31.71
N PHE A 258 15.64 53.01 31.40
CA PHE A 258 14.80 53.59 30.38
C PHE A 258 13.41 53.84 31.01
N PRO A 259 13.34 54.71 32.02
CA PRO A 259 12.10 54.75 32.82
C PRO A 259 10.91 55.47 32.17
N GLU A 260 11.13 56.21 31.10
CA GLU A 260 10.01 56.78 30.40
C GLU A 260 9.38 55.65 29.58
N HIS A 261 8.05 55.49 29.62
CA HIS A 261 7.42 54.48 28.77
C HIS A 261 7.42 54.91 27.31
N PRO A 262 7.78 54.00 26.38
CA PRO A 262 7.85 54.42 24.98
C PRO A 262 6.47 54.65 24.35
N PHE A 263 5.40 54.27 25.04
CA PHE A 263 4.05 54.62 24.61
C PHE A 263 3.49 55.64 25.59
N GLN A 264 3.37 56.88 25.11
CA GLN A 264 2.82 57.99 25.86
C GLN A 264 1.34 58.24 25.48
N GLU A 265 0.72 59.27 26.07
CA GLU A 265 -0.73 59.48 25.89
C GLU A 265 -1.23 59.44 24.43
N GLU A 266 -0.42 59.96 23.51
CA GLU A 266 -0.78 60.05 22.09
C GLU A 266 -0.60 58.71 21.33
N HIS A 267 -0.01 57.74 22.02
CA HIS A 267 0.16 56.39 21.50
C HIS A 267 -0.89 55.45 22.05
N LEU A 268 -1.85 56.00 22.79
CA LEU A 268 -2.88 55.19 23.47
C LEU A 268 -4.25 55.39 22.81
N LYS A 269 -5.14 54.44 23.04
CA LYS A 269 -6.44 54.41 22.37
C LYS A 269 -6.27 54.44 20.85
N GLN A 270 -5.20 53.78 20.38
CA GLN A 270 -4.85 53.64 18.97
C GLN A 270 -5.13 52.22 18.40
N LEU A 271 -5.61 52.19 17.15
CA LEU A 271 -5.89 50.97 16.41
C LEU A 271 -4.94 50.79 15.21
N TYR A 272 -4.39 49.61 15.08
CA TYR A 272 -3.47 49.32 14.00
C TYR A 272 -4.01 48.15 13.19
N LYS A 273 -3.94 48.30 11.88
CA LYS A 273 -4.42 47.30 10.94
C LYS A 273 -3.21 46.90 10.10
N ILE A 274 -2.78 45.64 10.21
CA ILE A 274 -1.52 45.17 9.64
C ILE A 274 -1.70 44.03 8.61
N VAL A 275 -0.90 44.03 7.56
CA VAL A 275 -0.97 43.00 6.52
C VAL A 275 0.14 41.97 6.78
N PRO A 276 -0.23 40.68 6.93
CA PRO A 276 0.75 39.65 7.14
C PRO A 276 1.24 39.02 5.84
N ILE A 277 2.32 38.26 5.91
CA ILE A 277 2.79 37.51 4.77
C ILE A 277 2.01 36.18 4.60
N LYS A 278 1.90 35.39 5.68
CA LYS A 278 1.05 34.19 5.71
C LYS A 278 -0.36 34.64 5.87
N ASP A 279 -1.30 33.80 5.47
CA ASP A 279 -2.72 34.11 5.72
C ASP A 279 -3.06 33.77 7.19
N ILE A 280 -2.71 34.69 8.11
CA ILE A 280 -2.97 34.52 9.53
C ILE A 280 -3.91 35.63 10.01
N ARG A 281 -4.65 35.39 11.09
CA ARG A 281 -5.59 36.41 11.56
C ARG A 281 -5.43 36.48 13.06
N ASN A 282 -4.84 37.58 13.52
CA ASN A 282 -4.52 37.76 14.94
C ASN A 282 -4.94 39.11 15.50
N LEU A 283 -5.29 39.11 16.77
CA LEU A 283 -5.56 40.34 17.51
C LEU A 283 -4.63 40.47 18.70
N TYR A 284 -3.98 41.62 18.79
CA TYR A 284 -3.04 41.91 19.86
C TYR A 284 -3.52 43.09 20.68
N VAL A 285 -3.72 42.85 21.98
CA VAL A 285 -4.16 43.90 22.90
C VAL A 285 -3.08 44.14 23.93
N THR A 286 -2.62 45.37 24.00
CA THR A 286 -1.48 45.75 24.82
C THR A 286 -1.77 46.94 25.73
N PHE A 287 -1.31 46.83 26.97
CA PHE A 287 -1.43 47.91 27.96
C PHE A 287 0.00 48.23 28.46
N PRO A 288 0.42 49.52 28.37
CA PRO A 288 1.65 49.99 29.01
C PRO A 288 1.54 49.86 30.51
N ILE A 289 2.59 49.33 31.11
CA ILE A 289 2.64 49.20 32.57
C ILE A 289 4.03 49.56 33.10
N PRO A 290 4.10 50.01 34.36
CA PRO A 290 5.44 50.25 34.93
C PRO A 290 6.25 48.95 35.04
N ASP A 291 7.57 49.07 35.18
CA ASP A 291 8.46 47.94 35.40
C ASP A 291 8.09 47.21 36.71
N LEU A 292 7.70 45.94 36.59
CA LEU A 292 7.32 45.14 37.74
C LEU A 292 8.44 44.28 38.30
N GLN A 293 9.60 44.30 37.67
CA GLN A 293 10.73 43.45 38.09
C GLN A 293 10.96 43.45 39.61
N LYS A 294 10.92 44.62 40.24
CA LYS A 294 11.23 44.74 41.67
C LYS A 294 10.25 43.99 42.60
N TYR A 295 9.03 43.74 42.12
CA TYR A 295 8.06 43.02 42.92
C TYR A 295 8.17 41.52 42.72
N TYR A 296 9.34 41.03 42.32
CA TYR A 296 9.50 39.62 41.91
C TYR A 296 9.11 38.58 42.97
N LYS A 297 9.33 38.90 44.25
CA LYS A 297 8.93 37.98 45.34
C LYS A 297 7.41 37.80 45.47
N SER A 298 6.64 38.77 44.98
CA SER A 298 5.18 38.62 44.98
C SER A 298 4.58 38.47 43.57
N ASN A 299 5.38 38.85 42.55
CA ASN A 299 5.01 38.78 41.11
C ASN A 299 3.54 38.98 40.73
N PRO A 300 3.04 40.21 40.83
CA PRO A 300 1.59 40.42 40.63
C PRO A 300 1.11 40.22 39.15
N GLY A 301 2.02 40.36 38.19
CA GLY A 301 1.67 40.17 36.79
C GLY A 301 1.52 38.70 36.45
N HIS A 302 2.31 37.87 37.13
CA HIS A 302 2.22 36.44 36.95
C HIS A 302 0.89 35.98 37.45
N TYR A 303 0.51 36.50 38.61
CA TYR A 303 -0.81 36.24 39.19
C TYR A 303 -1.92 36.56 38.18
N LEU A 304 -1.90 37.77 37.65
CA LEU A 304 -2.91 38.21 36.68
C LEU A 304 -2.77 37.48 35.34
N GLY A 305 -1.53 37.15 34.96
CA GLY A 305 -1.29 36.38 33.74
C GLY A 305 -1.88 34.98 33.78
N HIS A 306 -1.73 34.34 34.93
CA HIS A 306 -2.33 33.03 35.19
C HIS A 306 -3.82 33.06 35.05
N LEU A 307 -4.46 34.13 35.49
CA LEU A 307 -5.92 34.15 35.52
C LEU A 307 -6.50 34.59 34.19
N ILE A 308 -5.99 35.69 33.67
CA ILE A 308 -6.45 36.21 32.39
C ILE A 308 -6.10 35.21 31.25
N GLY A 309 -4.93 34.57 31.37
CA GLY A 309 -4.50 33.57 30.41
C GLY A 309 -4.98 32.16 30.66
N HIS A 310 -5.84 31.97 31.67
CA HIS A 310 -6.30 30.63 32.01
C HIS A 310 -7.11 29.99 30.91
N GLU A 311 -7.06 28.66 30.81
CA GLU A 311 -7.81 27.97 29.77
C GLU A 311 -8.84 26.95 30.30
N GLY A 312 -8.98 26.86 31.62
CA GLY A 312 -9.85 25.85 32.24
C GLY A 312 -11.28 26.36 32.18
N PRO A 313 -12.24 25.68 32.86
CA PRO A 313 -13.66 26.14 32.73
C PRO A 313 -13.87 27.53 33.30
N GLY A 314 -14.87 28.24 32.78
CA GLY A 314 -15.15 29.63 33.19
C GLY A 314 -14.14 30.68 32.73
N SER A 315 -13.13 30.27 31.94
CA SER A 315 -12.06 31.19 31.50
C SER A 315 -12.51 32.17 30.42
N LEU A 316 -11.77 33.27 30.28
CA LEU A 316 -11.92 34.19 29.14
C LEU A 316 -11.88 33.42 27.80
N LEU A 317 -10.85 32.59 27.61
CA LEU A 317 -10.70 31.79 26.39
C LEU A 317 -11.91 30.93 26.10
N SER A 318 -12.41 30.25 27.13
CA SER A 318 -13.52 29.32 26.93
C SER A 318 -14.72 30.04 26.35
N GLU A 319 -14.98 31.25 26.82
CA GLU A 319 -16.13 31.99 26.30
C GLU A 319 -15.87 32.51 24.89
N LEU A 320 -14.65 32.94 24.61
CA LEU A 320 -14.32 33.44 23.28
C LEU A 320 -14.39 32.27 22.27
N LYS A 321 -14.18 31.06 22.77
CA LYS A 321 -14.20 29.88 21.93
C LYS A 321 -15.61 29.46 21.67
N SER A 322 -16.41 29.35 22.72
CA SER A 322 -17.85 29.09 22.56
C SER A 322 -18.50 30.02 21.58
N LYS A 323 -18.08 31.28 21.58
CA LYS A 323 -18.68 32.29 20.70
C LYS A 323 -18.24 32.10 19.26
N GLY A 324 -17.20 31.28 19.05
CA GLY A 324 -16.71 31.04 17.69
C GLY A 324 -15.80 32.15 17.23
N TRP A 325 -15.20 32.88 18.17
CA TRP A 325 -14.42 34.03 17.75
C TRP A 325 -12.92 33.80 17.68
N VAL A 326 -12.38 32.99 18.59
CA VAL A 326 -10.94 32.73 18.65
C VAL A 326 -10.65 31.25 18.93
N ASN A 327 -9.42 30.82 18.67
CA ASN A 327 -9.01 29.44 19.01
C ASN A 327 -8.04 29.35 20.17
N THR A 328 -7.16 30.34 20.28
CA THR A 328 -6.06 30.29 21.24
C THR A 328 -5.87 31.67 21.86
N LEU A 329 -5.27 31.71 23.05
CA LEU A 329 -5.17 32.97 23.80
C LEU A 329 -3.88 32.92 24.60
N VAL A 330 -3.16 34.02 24.57
CA VAL A 330 -2.00 34.23 25.40
C VAL A 330 -2.19 35.51 26.23
N GLY A 331 -1.93 35.44 27.53
CA GLY A 331 -2.10 36.59 28.42
C GLY A 331 -0.99 36.74 29.47
N GLY A 332 -0.70 37.99 29.80
CA GLY A 332 0.18 38.31 30.92
C GLY A 332 1.25 39.35 30.62
N GLN A 333 2.23 39.43 31.51
CA GLN A 333 3.23 40.48 31.44
C GLN A 333 4.31 40.17 30.42
N LYS A 334 4.82 41.22 29.79
CA LYS A 334 5.80 41.08 28.73
C LYS A 334 6.86 42.08 29.03
N GLU A 335 8.11 41.60 28.92
CA GLU A 335 9.28 42.38 29.19
C GLU A 335 9.43 43.53 28.23
N GLY A 336 9.97 44.63 28.72
CA GLY A 336 10.31 45.79 27.91
C GLY A 336 11.79 45.99 28.09
N ALA A 337 12.15 46.90 29.00
CA ALA A 337 13.53 47.03 29.46
C ALA A 337 13.44 47.52 30.91
N ARG A 338 14.58 47.82 31.51
CA ARG A 338 14.55 48.48 32.82
C ARG A 338 13.77 49.82 32.77
N GLY A 339 12.62 49.86 33.43
CA GLY A 339 11.78 51.06 33.47
C GLY A 339 10.40 50.95 32.84
N PHE A 340 10.21 49.99 31.95
CA PHE A 340 8.92 49.89 31.27
C PHE A 340 8.58 48.44 30.92
N MET A 341 7.29 48.17 30.93
CA MET A 341 6.79 46.82 30.65
C MET A 341 5.45 46.88 29.94
N PHE A 342 4.89 45.69 29.64
CA PHE A 342 3.63 45.59 28.92
C PHE A 342 2.83 44.46 29.48
N PHE A 343 1.50 44.61 29.43
CA PHE A 343 0.60 43.53 29.70
C PHE A 343 -0.21 43.29 28.43
N ILE A 344 -0.26 42.04 28.01
CA ILE A 344 -0.80 41.66 26.70
C ILE A 344 -1.90 40.61 26.85
N ILE A 345 -2.84 40.66 25.91
CA ILE A 345 -3.85 39.65 25.73
C ILE A 345 -3.91 39.50 24.20
N ASN A 346 -3.34 38.41 23.69
CA ASN A 346 -3.31 38.12 22.26
C ASN A 346 -4.13 36.89 21.94
N VAL A 347 -4.89 36.98 20.85
CA VAL A 347 -5.70 35.88 20.37
C VAL A 347 -5.57 35.73 18.86
N ASP A 348 -5.88 34.54 18.38
CA ASP A 348 -5.99 34.37 16.96
C ASP A 348 -7.46 34.63 16.62
N LEU A 349 -7.79 34.76 15.35
CA LEU A 349 -9.18 35.09 15.05
C LEU A 349 -9.81 34.15 14.04
N THR A 350 -11.06 33.75 14.29
CA THR A 350 -11.79 33.02 13.27
C THR A 350 -12.29 34.06 12.25
N GLU A 351 -13.01 33.64 11.23
CA GLU A 351 -13.60 34.56 10.25
C GLU A 351 -14.64 35.44 10.93
N GLU A 352 -15.35 34.86 11.89
CA GLU A 352 -16.36 35.58 12.63
C GLU A 352 -15.71 36.50 13.64
N GLY A 353 -14.59 36.04 14.20
CA GLY A 353 -13.82 36.85 15.14
C GLY A 353 -13.37 38.17 14.54
N LEU A 354 -12.75 38.10 13.36
CA LEU A 354 -12.33 39.26 12.60
C LEU A 354 -13.46 40.32 12.44
N LEU A 355 -14.72 39.88 12.51
CA LEU A 355 -15.88 40.81 12.38
C LEU A 355 -16.44 41.24 13.73
N HIS A 356 -15.87 40.72 14.81
CA HIS A 356 -16.37 41.02 16.16
C HIS A 356 -15.28 41.37 17.12
N VAL A 357 -14.27 42.07 16.62
CA VAL A 357 -13.09 42.50 17.39
C VAL A 357 -13.49 43.36 18.59
N GLU A 358 -14.42 44.29 18.35
CA GLU A 358 -15.02 45.11 19.39
C GLU A 358 -15.65 44.31 20.52
N ASP A 359 -16.39 43.26 20.15
CA ASP A 359 -17.08 42.39 21.09
C ASP A 359 -16.09 41.56 21.89
N ILE A 360 -15.04 41.11 21.20
CA ILE A 360 -13.95 40.31 21.79
C ILE A 360 -13.30 41.12 22.89
N ILE A 361 -12.96 42.36 22.56
CA ILE A 361 -12.34 43.27 23.51
C ILE A 361 -13.32 43.61 24.67
N LEU A 362 -14.59 43.82 24.35
CA LEU A 362 -15.60 44.00 25.42
C LEU A 362 -15.54 42.82 26.41
N HIS A 363 -15.52 41.59 25.90
CA HIS A 363 -15.39 40.39 26.73
C HIS A 363 -14.11 40.33 27.56
N MET A 364 -13.00 40.78 26.98
CA MET A 364 -11.73 40.88 27.72
C MET A 364 -11.89 41.79 28.94
N PHE A 365 -12.44 42.98 28.71
CA PHE A 365 -12.70 43.93 29.82
C PHE A 365 -13.73 43.42 30.83
N GLN A 366 -14.70 42.63 30.38
CA GLN A 366 -15.65 41.98 31.31
C GLN A 366 -14.92 41.05 32.28
N TYR A 367 -14.02 40.22 31.74
CA TYR A 367 -13.21 39.33 32.60
C TYR A 367 -12.32 40.13 33.55
N ILE A 368 -11.71 41.21 33.06
CA ILE A 368 -10.85 42.06 33.88
C ILE A 368 -11.67 42.65 35.02
N GLN A 369 -12.85 43.15 34.68
CA GLN A 369 -13.79 43.70 35.65
C GLN A 369 -14.21 42.65 36.69
N LYS A 370 -14.49 41.43 36.27
CA LYS A 370 -14.76 40.30 37.18
C LYS A 370 -13.65 40.12 38.21
N LEU A 371 -12.39 40.26 37.79
CA LEU A 371 -11.26 40.08 38.72
C LEU A 371 -11.24 41.24 39.72
N ARG A 372 -11.74 42.40 39.30
CA ARG A 372 -11.90 43.54 40.21
C ARG A 372 -12.95 43.26 41.26
N ALA A 373 -14.16 42.98 40.82
CA ALA A 373 -15.29 42.69 41.69
C ALA A 373 -15.05 41.50 42.62
N GLU A 374 -14.22 40.54 42.22
CA GLU A 374 -13.93 39.41 43.11
C GLU A 374 -12.80 39.73 44.07
N GLY A 375 -11.92 40.63 43.68
CA GLY A 375 -10.71 40.93 44.44
C GLY A 375 -9.72 39.77 44.46
N PRO A 376 -8.48 40.04 44.89
CA PRO A 376 -7.41 39.05 44.98
C PRO A 376 -7.79 37.79 45.77
N GLN A 377 -7.21 36.64 45.40
CA GLN A 377 -7.45 35.35 46.04
C GLN A 377 -6.13 34.74 46.46
N GLU A 378 -5.98 34.50 47.75
CA GLU A 378 -4.70 34.01 48.27
C GLU A 378 -4.47 32.57 47.85
N TRP A 379 -5.55 31.79 47.82
CA TRP A 379 -5.47 30.37 47.45
C TRP A 379 -4.89 30.15 46.06
N VAL A 380 -5.20 31.05 45.13
CA VAL A 380 -4.61 31.07 43.79
C VAL A 380 -3.11 31.33 43.90
N PHE A 381 -2.75 32.37 44.63
CA PHE A 381 -1.35 32.67 44.87
C PHE A 381 -0.59 31.48 45.51
N GLN A 382 -1.20 30.88 46.54
CA GLN A 382 -0.62 29.71 47.21
C GLN A 382 -0.39 28.55 46.23
N GLU A 383 -1.38 28.28 45.39
CA GLU A 383 -1.23 27.28 44.32
C GLU A 383 -0.02 27.55 43.44
N LEU A 384 0.14 28.80 43.02
CA LEU A 384 1.27 29.19 42.14
C LEU A 384 2.57 28.94 42.86
N LYS A 385 2.57 29.26 44.14
CA LYS A 385 3.73 29.14 45.02
C LYS A 385 4.10 27.66 45.18
N ASP A 386 3.08 26.85 45.47
CA ASP A 386 3.29 25.41 45.61
C ASP A 386 3.84 24.79 44.30
N LEU A 387 3.25 25.17 43.15
CA LEU A 387 3.69 24.59 41.89
C LEU A 387 5.14 24.94 41.55
N ASN A 388 5.49 26.22 41.73
CA ASN A 388 6.85 26.70 41.49
C ASN A 388 7.88 26.03 42.41
N ALA A 389 7.44 25.76 43.64
CA ALA A 389 8.31 25.05 44.60
C ALA A 389 8.54 23.63 44.08
N VAL A 390 7.47 22.95 43.71
CA VAL A 390 7.65 21.61 43.11
C VAL A 390 8.56 21.66 41.85
N ALA A 391 8.29 22.62 40.96
CA ALA A 391 9.01 22.75 39.70
C ALA A 391 10.49 22.99 39.89
N PHE A 392 10.82 23.78 40.92
CA PHE A 392 12.19 24.08 41.25
C PHE A 392 12.86 22.85 41.82
N ARG A 393 12.19 22.23 42.80
CA ARG A 393 12.77 21.06 43.43
C ARG A 393 13.15 19.99 42.41
N PHE A 394 12.19 19.68 41.52
CA PHE A 394 12.36 18.53 40.62
C PHE A 394 12.75 18.93 39.18
N LYS A 395 13.32 20.13 39.03
CA LYS A 395 13.84 20.65 37.75
C LYS A 395 14.86 19.72 37.09
N ASP A 396 14.73 19.48 35.77
CA ASP A 396 15.69 18.63 35.04
C ASP A 396 17.06 19.29 35.06
N LYS A 397 18.12 18.48 35.02
CA LYS A 397 19.49 19.00 34.90
C LYS A 397 19.61 19.58 33.48
N GLU A 398 20.43 20.62 33.32
CA GLU A 398 20.57 21.38 32.06
C GLU A 398 21.93 21.08 31.43
N ARG A 399 22.00 21.15 30.09
CA ARG A 399 23.29 21.16 29.41
C ARG A 399 24.10 22.36 29.93
N PRO A 400 25.38 22.16 30.27
CA PRO A 400 26.16 23.24 30.91
C PRO A 400 26.17 24.57 30.13
N ARG A 401 26.22 24.52 28.79
CA ARG A 401 26.31 25.73 27.97
C ARG A 401 25.10 26.66 28.13
N GLY A 402 23.90 26.09 28.08
CA GLY A 402 22.67 26.85 28.31
C GLY A 402 22.60 27.35 29.75
N TYR A 403 23.09 26.52 30.68
CA TYR A 403 23.03 26.82 32.11
C TYR A 403 23.86 28.08 32.47
N THR A 404 25.10 28.13 32.01
CA THR A 404 25.98 29.25 32.33
C THR A 404 25.48 30.57 31.69
N SER A 405 25.09 30.49 30.41
CA SER A 405 24.60 31.63 29.68
C SER A 405 23.39 32.22 30.38
N LYS A 406 22.43 31.37 30.74
CA LYS A 406 21.23 31.79 31.46
C LYS A 406 21.56 32.50 32.78
N ILE A 407 22.47 31.91 33.55
CA ILE A 407 22.77 32.42 34.90
C ILE A 407 23.47 33.79 34.82
N ALA A 408 24.45 33.89 33.92
CA ALA A 408 25.15 35.16 33.67
C ALA A 408 24.17 36.35 33.51
N GLY A 409 23.05 36.13 32.81
CA GLY A 409 22.07 37.16 32.63
C GLY A 409 21.37 37.49 33.93
N ILE A 410 20.96 36.44 34.65
CA ILE A 410 20.16 36.64 35.83
C ILE A 410 20.95 37.16 37.02
N LEU A 411 22.28 37.04 36.94
CA LEU A 411 23.17 37.64 37.94
C LEU A 411 22.97 39.16 38.05
N HIS A 412 22.60 39.81 36.94
CA HIS A 412 22.36 41.24 36.93
C HIS A 412 21.06 41.65 37.59
N TYR A 413 20.14 40.72 37.86
CA TYR A 413 18.82 41.10 38.43
C TYR A 413 18.59 40.66 39.87
N TYR A 414 19.35 39.67 40.34
CA TYR A 414 19.05 39.05 41.64
C TYR A 414 20.30 38.94 42.54
N PRO A 415 20.12 39.01 43.87
CA PRO A 415 21.25 38.77 44.77
C PRO A 415 21.89 37.41 44.49
N LEU A 416 23.20 37.32 44.63
CA LEU A 416 23.95 36.08 44.52
C LEU A 416 23.21 34.82 45.03
N GLU A 417 22.71 34.88 46.26
CA GLU A 417 22.09 33.72 46.92
C GLU A 417 20.79 33.30 46.25
N GLU A 418 20.23 34.19 45.43
CA GLU A 418 18.95 33.93 44.80
C GLU A 418 19.02 33.63 43.29
N VAL A 419 20.23 33.54 42.76
CA VAL A 419 20.41 33.33 41.33
C VAL A 419 19.77 32.04 40.77
N LEU A 420 19.65 30.98 41.56
CA LEU A 420 18.99 29.77 41.09
C LEU A 420 17.51 29.75 41.35
N THR A 421 17.07 30.29 42.48
CA THR A 421 15.64 30.32 42.84
C THR A 421 14.86 31.41 42.12
N ALA A 422 15.60 32.43 41.69
CA ALA A 422 15.14 33.63 40.95
C ALA A 422 13.74 33.57 40.32
N GLU A 423 13.67 32.83 39.23
CA GLU A 423 12.49 32.72 38.39
C GLU A 423 11.43 31.80 38.97
N TYR A 424 11.75 31.12 40.08
CA TYR A 424 10.85 30.16 40.68
C TYR A 424 10.08 30.66 41.89
N LEU A 425 10.78 31.09 42.94
CA LEU A 425 10.10 31.17 44.22
C LEU A 425 9.40 32.48 44.46
N LEU A 426 8.14 32.33 44.85
CA LEU A 426 7.25 33.39 45.31
C LEU A 426 7.19 33.28 46.84
N GLU A 427 7.14 34.44 47.51
CA GLU A 427 7.09 34.48 48.98
C GLU A 427 5.82 35.11 49.51
N GLU A 428 5.67 36.42 49.35
CA GLU A 428 4.58 37.12 50.02
C GLU A 428 3.40 37.44 49.09
N PHE A 429 2.18 37.14 49.54
CA PHE A 429 0.94 37.55 48.85
C PHE A 429 0.74 39.06 48.98
N ARG A 430 0.78 39.77 47.86
CA ARG A 430 0.61 41.21 47.90
C ARG A 430 -0.64 41.74 47.19
N PRO A 431 -1.81 41.66 47.85
CA PRO A 431 -3.11 42.02 47.21
C PRO A 431 -3.13 43.43 46.63
N ASP A 432 -2.47 44.34 47.33
CA ASP A 432 -2.36 45.74 46.96
C ASP A 432 -1.72 45.89 45.58
N LEU A 433 -0.57 45.24 45.40
CA LEU A 433 0.13 45.26 44.11
C LEU A 433 -0.70 44.72 42.94
N ILE A 434 -1.42 43.62 43.18
CA ILE A 434 -2.27 43.02 42.17
C ILE A 434 -3.28 44.06 41.73
N GLU A 435 -3.85 44.73 42.73
CA GLU A 435 -4.88 45.72 42.49
C GLU A 435 -4.30 46.88 41.71
N MET A 436 -3.07 47.24 42.04
CA MET A 436 -2.37 48.30 41.32
C MET A 436 -2.22 47.97 39.81
N VAL A 437 -1.83 46.73 39.49
CA VAL A 437 -1.57 46.37 38.10
C VAL A 437 -2.91 46.29 37.35
N LEU A 438 -3.87 45.65 37.98
CA LEU A 438 -5.25 45.55 37.46
C LEU A 438 -5.89 46.91 37.13
N ASP A 439 -5.48 47.95 37.85
CA ASP A 439 -5.98 49.30 37.64
C ASP A 439 -5.48 49.91 36.32
N LYS A 440 -4.32 49.45 35.83
CA LYS A 440 -3.79 49.85 34.52
C LYS A 440 -4.47 49.15 33.33
N LEU A 441 -5.07 48.00 33.60
CA LEU A 441 -5.72 47.25 32.55
C LEU A 441 -7.10 47.84 32.23
N ARG A 442 -7.13 49.02 31.62
CA ARG A 442 -8.38 49.76 31.36
C ARG A 442 -8.45 50.34 29.93
N PRO A 443 -9.67 50.54 29.40
CA PRO A 443 -9.85 51.02 28.00
C PRO A 443 -9.04 52.28 27.67
N GLU A 444 -8.97 53.20 28.62
CA GLU A 444 -8.24 54.44 28.43
C GLU A 444 -6.72 54.23 28.24
N ASN A 445 -6.22 53.04 28.57
CA ASN A 445 -4.76 52.76 28.47
C ASN A 445 -4.46 51.74 27.33
N VAL A 446 -5.40 51.50 26.41
CA VAL A 446 -5.25 50.31 25.52
C VAL A 446 -4.60 50.59 24.17
N ARG A 447 -3.97 49.56 23.61
CA ARG A 447 -3.48 49.62 22.23
C ARG A 447 -3.92 48.34 21.52
N VAL A 448 -4.43 48.46 20.32
CA VAL A 448 -5.04 47.32 19.62
C VAL A 448 -4.39 47.16 18.24
N ALA A 449 -4.02 45.94 17.91
CA ALA A 449 -3.52 45.64 16.56
C ALA A 449 -4.24 44.44 15.96
N ILE A 450 -4.72 44.59 14.72
CA ILE A 450 -5.38 43.50 14.02
C ILE A 450 -4.47 43.13 12.82
N VAL A 451 -4.13 41.84 12.72
CA VAL A 451 -3.30 41.37 11.60
C VAL A 451 -4.20 40.53 10.70
N SER A 452 -4.30 40.91 9.42
CA SER A 452 -5.23 40.24 8.48
C SER A 452 -4.95 40.61 7.03
N LYS A 453 -5.07 39.63 6.13
CA LYS A 453 -4.88 39.90 4.70
C LYS A 453 -6.03 40.72 4.14
N SER A 454 -7.16 40.80 4.88
CA SER A 454 -8.30 41.61 4.46
C SER A 454 -8.00 43.11 4.43
N PHE A 455 -6.79 43.48 4.88
CA PHE A 455 -6.32 44.86 4.85
C PHE A 455 -5.38 45.10 3.66
N GLU A 456 -5.14 44.09 2.82
CA GLU A 456 -4.29 44.20 1.62
C GLU A 456 -4.82 45.31 0.73
N GLY A 457 -3.97 46.25 0.38
CA GLY A 457 -4.41 47.40 -0.44
C GLY A 457 -5.27 48.44 0.27
N LYS A 458 -5.44 48.32 1.59
CA LYS A 458 -6.25 49.31 2.32
C LYS A 458 -5.39 50.02 3.37
N THR A 459 -4.07 49.98 3.19
CA THR A 459 -3.13 50.60 4.12
C THR A 459 -2.29 51.72 3.46
N ASP A 460 -2.02 52.76 4.24
CA ASP A 460 -1.22 53.91 3.77
C ASP A 460 0.20 53.99 4.28
N ARG A 461 0.60 53.19 5.27
CA ARG A 461 1.99 53.31 5.78
C ARG A 461 2.85 52.08 5.51
N THR A 462 4.16 52.26 5.60
CA THR A 462 5.13 51.23 5.35
C THR A 462 6.27 51.34 6.39
N GLU A 463 6.62 50.23 7.04
CA GLU A 463 7.69 50.23 8.01
C GLU A 463 9.00 50.04 7.25
N GLU A 464 10.00 50.85 7.56
CA GLU A 464 11.18 50.91 6.73
C GLU A 464 12.07 49.69 6.77
N TRP A 465 12.14 49.00 7.91
CA TRP A 465 13.14 47.97 8.03
C TRP A 465 12.76 46.69 7.37
N TYR A 466 11.46 46.37 7.41
CA TYR A 466 10.95 45.09 6.89
C TYR A 466 10.00 45.26 5.70
N GLY A 467 9.51 46.47 5.48
CA GLY A 467 8.58 46.71 4.39
C GLY A 467 7.13 46.46 4.76
N THR A 468 6.85 46.29 6.06
CA THR A 468 5.51 45.90 6.54
C THR A 468 4.45 46.95 6.22
N GLN A 469 3.27 46.53 5.79
CA GLN A 469 2.25 47.49 5.38
C GLN A 469 1.16 47.63 6.46
N TYR A 470 0.82 48.86 6.82
CA TYR A 470 -0.11 49.05 7.94
C TYR A 470 -0.81 50.38 7.88
N LYS A 471 -1.87 50.46 8.70
CA LYS A 471 -2.70 51.63 8.82
C LYS A 471 -2.83 51.95 10.32
N GLN A 472 -2.93 53.23 10.68
CA GLN A 472 -3.21 53.60 12.06
C GLN A 472 -4.44 54.53 12.16
N GLU A 473 -5.27 54.33 13.18
CA GLU A 473 -6.47 55.14 13.42
C GLU A 473 -6.70 55.26 14.94
N ALA A 474 -7.39 56.32 15.35
CA ALA A 474 -7.77 56.48 16.75
C ALA A 474 -8.95 55.59 16.99
N ILE A 475 -9.02 54.96 18.16
CA ILE A 475 -10.26 54.26 18.54
C ILE A 475 -11.32 55.31 18.89
N PRO A 476 -12.54 55.20 18.33
CA PRO A 476 -13.59 56.18 18.65
C PRO A 476 -13.89 56.16 20.14
N ASP A 477 -14.16 57.35 20.71
CA ASP A 477 -14.46 57.54 22.13
C ASP A 477 -15.65 56.70 22.55
N GLU A 478 -16.59 56.56 21.63
CA GLU A 478 -17.81 55.84 21.88
C GLU A 478 -17.51 54.37 22.10
N VAL A 479 -16.43 53.89 21.47
CA VAL A 479 -16.00 52.48 21.64
C VAL A 479 -15.34 52.29 23.01
N ILE A 480 -14.42 53.20 23.32
CA ILE A 480 -13.72 53.23 24.62
C ILE A 480 -14.74 53.25 25.76
N LYS A 481 -15.75 54.10 25.62
CA LYS A 481 -16.83 54.29 26.59
C LYS A 481 -17.62 53.00 26.76
N LYS A 482 -17.98 52.36 25.65
CA LYS A 482 -18.62 51.02 25.68
C LYS A 482 -17.79 50.02 26.49
N TRP A 483 -16.48 49.99 26.25
CA TRP A 483 -15.58 49.09 26.96
C TRP A 483 -15.51 49.46 28.41
N GLN A 484 -15.38 50.74 28.72
CA GLN A 484 -15.46 51.23 30.11
C GLN A 484 -16.71 50.81 30.86
N ASN A 485 -17.83 50.69 30.17
CA ASN A 485 -19.12 50.44 30.83
C ASN A 485 -19.55 48.98 30.88
N ALA A 486 -18.59 48.09 30.71
CA ALA A 486 -18.88 46.65 30.54
C ALA A 486 -19.58 46.04 31.76
N ASP A 487 -20.77 45.48 31.52
CA ASP A 487 -21.53 44.71 32.51
C ASP A 487 -20.69 43.54 32.98
N LEU A 488 -21.11 42.93 34.08
CA LEU A 488 -20.50 41.68 34.46
C LEU A 488 -21.18 40.59 33.62
N ASN A 489 -20.38 39.62 33.15
CA ASN A 489 -20.83 38.49 32.30
C ASN A 489 -20.78 37.20 33.15
N GLY A 490 -21.90 36.49 33.24
CA GLY A 490 -22.04 35.30 34.09
C GLY A 490 -21.28 34.08 33.59
N LYS A 491 -20.91 34.08 32.32
CA LYS A 491 -20.07 33.03 31.75
C LYS A 491 -18.67 32.98 32.37
N PHE A 492 -18.20 34.06 32.97
CA PHE A 492 -16.85 34.11 33.56
C PHE A 492 -16.85 33.73 35.01
N LYS A 493 -15.91 32.85 35.37
CA LYS A 493 -15.71 32.39 36.75
C LYS A 493 -14.24 32.15 36.99
N LEU A 494 -13.81 32.35 38.24
CA LEU A 494 -12.48 31.97 38.65
C LEU A 494 -12.28 30.46 38.50
N PRO A 495 -11.04 30.03 38.25
CA PRO A 495 -10.82 28.58 38.25
C PRO A 495 -11.09 27.96 39.64
N THR A 496 -11.36 26.67 39.67
CA THR A 496 -11.41 25.90 40.92
C THR A 496 -10.04 25.25 41.23
N LYS A 497 -9.98 24.59 42.38
CA LYS A 497 -8.74 24.02 42.88
C LYS A 497 -8.16 23.05 41.82
N ASN A 498 -6.86 23.13 41.59
CA ASN A 498 -6.24 22.29 40.60
C ASN A 498 -5.99 20.94 41.25
N GLU A 499 -6.79 19.96 40.86
CA GLU A 499 -6.71 18.62 41.43
C GLU A 499 -5.59 17.80 40.81
N PHE A 500 -4.86 18.40 39.86
CA PHE A 500 -3.73 17.69 39.23
C PHE A 500 -2.40 17.97 39.94
N ILE A 501 -2.41 18.86 40.92
CA ILE A 501 -1.19 19.13 41.69
C ILE A 501 -0.62 17.82 42.25
N PRO A 502 0.65 17.50 41.94
CA PRO A 502 1.20 16.22 42.39
C PRO A 502 1.59 16.28 43.87
N THR A 503 1.47 15.14 44.56
CA THR A 503 1.85 15.02 45.98
C THR A 503 2.68 13.76 46.27
N ASN A 504 2.61 12.78 45.38
CA ASN A 504 3.43 11.58 45.54
C ASN A 504 4.75 11.64 44.76
N PHE A 505 5.84 11.89 45.47
CA PHE A 505 7.14 12.07 44.84
C PHE A 505 8.09 10.96 45.15
N GLU A 506 7.54 9.84 45.62
CA GLU A 506 8.35 8.68 45.92
C GLU A 506 9.14 8.16 44.70
N ILE A 507 10.45 8.04 44.86
CA ILE A 507 11.24 7.36 43.87
C ILE A 507 11.24 5.89 44.24
N LEU A 508 10.66 5.05 43.38
CA LEU A 508 10.55 3.62 43.63
C LEU A 508 11.94 2.99 43.60
N PRO A 509 12.20 2.02 44.52
CA PRO A 509 13.50 1.36 44.53
C PRO A 509 13.77 0.71 43.19
N LEU A 510 15.03 0.75 42.76
CA LEU A 510 15.45 0.07 41.55
C LEU A 510 15.24 -1.45 41.66
N GLU A 511 14.47 -2.03 40.74
CA GLU A 511 14.12 -3.47 40.79
C GLU A 511 15.35 -4.35 40.61
N LYS A 512 15.32 -5.57 41.16
CA LYS A 512 16.45 -6.49 41.03
C LYS A 512 16.78 -6.78 39.56
N GLU A 513 15.73 -6.90 38.74
CA GLU A 513 15.84 -7.22 37.33
C GLU A 513 15.69 -5.99 36.44
N ALA A 514 16.16 -4.84 36.93
CA ALA A 514 16.22 -3.62 36.13
C ALA A 514 17.29 -3.79 35.04
N THR A 515 17.08 -3.16 33.88
CA THR A 515 18.00 -3.27 32.72
C THR A 515 18.62 -1.91 32.35
N PRO A 516 19.84 -1.92 31.78
CA PRO A 516 20.43 -0.67 31.34
C PRO A 516 19.72 -0.02 30.14
N TYR A 517 19.12 -0.85 29.29
CA TYR A 517 18.41 -0.35 28.10
C TYR A 517 16.98 -0.84 28.17
N PRO A 518 16.06 -0.31 27.32
CA PRO A 518 14.68 -0.81 27.39
C PRO A 518 14.59 -2.28 26.99
N ALA A 519 13.74 -3.04 27.67
CA ALA A 519 13.55 -4.44 27.31
C ALA A 519 12.14 -4.71 26.81
N LEU A 520 12.00 -5.69 25.93
CA LEU A 520 10.69 -6.03 25.42
C LEU A 520 9.90 -6.84 26.46
N ILE A 521 8.94 -6.22 27.12
CA ILE A 521 8.28 -6.91 28.21
C ILE A 521 6.91 -7.44 27.84
N LYS A 522 6.51 -7.16 26.60
CA LYS A 522 5.27 -7.69 26.06
C LYS A 522 5.35 -7.65 24.55
N ASP A 523 4.93 -8.73 23.91
CA ASP A 523 4.95 -8.85 22.46
C ASP A 523 3.75 -9.65 22.04
N THR A 524 2.62 -8.98 21.78
CA THR A 524 1.36 -9.64 21.42
C THR A 524 0.86 -9.13 20.08
N ALA A 525 -0.23 -9.73 19.60
CA ALA A 525 -0.89 -9.24 18.39
C ALA A 525 -1.24 -7.76 18.54
N MET A 526 -1.69 -7.35 19.72
CA MET A 526 -2.08 -5.97 19.88
C MET A 526 -0.93 -5.01 20.20
N SER A 527 0.05 -5.44 21.00
CA SER A 527 1.10 -4.53 21.44
C SER A 527 2.50 -5.06 21.62
N LYS A 528 3.48 -4.21 21.30
CA LYS A 528 4.86 -4.42 21.59
C LYS A 528 5.20 -3.36 22.68
N LEU A 529 5.65 -3.79 23.87
CA LEU A 529 5.92 -2.86 24.99
C LEU A 529 7.40 -2.85 25.37
N TRP A 530 8.07 -1.71 25.19
CA TRP A 530 9.46 -1.53 25.64
C TRP A 530 9.47 -0.79 26.94
N PHE A 531 10.28 -1.29 27.90
CA PHE A 531 10.29 -0.73 29.27
C PHE A 531 11.69 -0.65 29.84
N LYS A 532 11.96 0.49 30.48
CA LYS A 532 13.15 0.70 31.30
C LYS A 532 12.78 1.54 32.52
N GLN A 533 13.17 1.06 33.70
CA GLN A 533 13.06 1.88 34.89
C GLN A 533 14.24 2.84 34.85
N ASP A 534 13.99 4.11 35.11
CA ASP A 534 15.05 5.13 35.20
C ASP A 534 16.15 4.69 36.18
N ASP A 535 17.39 4.62 35.72
CA ASP A 535 18.52 4.35 36.63
C ASP A 535 19.58 5.49 36.63
N LYS A 536 19.16 6.73 36.33
CA LYS A 536 20.08 7.86 36.14
C LYS A 536 19.68 9.17 36.79
N PHE A 537 18.40 9.53 36.74
CA PHE A 537 18.04 10.92 37.08
C PHE A 537 17.26 11.00 38.41
N PHE A 538 16.40 10.03 38.68
CA PHE A 538 15.85 9.78 39.99
C PHE A 538 14.94 10.93 40.41
N LEU A 539 14.21 11.46 39.44
CA LEU A 539 13.18 12.48 39.69
C LEU A 539 11.82 11.81 39.55
N PRO A 540 10.77 12.37 40.17
CA PRO A 540 9.54 11.56 40.20
C PRO A 540 8.71 11.76 38.92
N LYS A 541 9.32 11.38 37.81
CA LYS A 541 8.73 11.59 36.49
C LYS A 541 8.84 10.32 35.65
N ALA A 542 8.10 10.30 34.56
CA ALA A 542 8.11 9.21 33.60
C ALA A 542 7.59 9.73 32.22
N ASN A 543 8.06 9.11 31.15
CA ASN A 543 7.66 9.41 29.78
C ASN A 543 7.00 8.19 29.20
N LEU A 544 5.76 8.36 28.72
CA LEU A 544 5.01 7.24 28.22
C LEU A 544 4.64 7.53 26.76
N ASN A 545 5.30 6.85 25.82
CA ASN A 545 5.14 7.05 24.40
C ASN A 545 4.40 5.88 23.76
N PHE A 546 3.40 6.20 22.94
CA PHE A 546 2.59 5.20 22.24
C PHE A 546 2.51 5.54 20.73
N GLU A 547 2.83 4.56 19.87
CA GLU A 547 2.61 4.65 18.43
C GLU A 547 1.42 3.72 18.13
N PHE A 548 0.29 4.28 17.64
CA PHE A 548 -0.88 3.52 17.20
C PHE A 548 -0.80 3.34 15.68
N PHE A 549 -0.72 2.09 15.21
N PHE A 549 -0.71 2.10 15.20
CA PHE A 549 -0.62 1.80 13.79
CA PHE A 549 -0.60 1.82 13.76
C PHE A 549 -1.97 1.43 13.23
C PHE A 549 -1.96 1.43 13.22
N SER A 550 -2.38 2.09 12.15
CA SER A 550 -3.61 1.78 11.42
C SER A 550 -3.43 2.07 9.92
N PRO A 551 -3.78 1.12 9.03
CA PRO A 551 -3.71 1.37 7.58
C PRO A 551 -4.63 2.48 7.11
N PHE A 552 -5.65 2.82 7.92
CA PHE A 552 -6.63 3.83 7.53
C PHE A 552 -6.27 5.28 7.87
N ALA A 553 -5.06 5.50 8.38
CA ALA A 553 -4.63 6.85 8.72
C ALA A 553 -3.99 7.58 7.55
N TYR A 554 -3.50 6.83 6.56
CA TYR A 554 -2.78 7.43 5.43
C TYR A 554 -3.10 6.77 4.09
N VAL A 555 -4.18 6.01 4.04
CA VAL A 555 -4.58 5.25 2.84
C VAL A 555 -4.79 6.15 1.62
N ASP A 556 -5.36 7.34 1.84
CA ASP A 556 -5.47 8.35 0.80
C ASP A 556 -5.46 9.74 1.42
N PRO A 557 -5.38 10.80 0.59
CA PRO A 557 -5.36 12.15 1.15
C PRO A 557 -6.54 12.44 2.10
N LEU A 558 -7.76 12.09 1.69
CA LEU A 558 -8.94 12.31 2.54
C LEU A 558 -8.76 11.77 3.98
N HIS A 559 -8.30 10.54 4.10
CA HIS A 559 -8.16 9.83 5.36
C HIS A 559 -7.12 10.44 6.21
N SER A 560 -6.08 10.95 5.55
CA SER A 560 -5.02 11.64 6.25
C SER A 560 -5.53 12.95 6.82
N ASN A 561 -6.37 13.67 6.05
CA ASN A 561 -7.05 14.85 6.54
C ASN A 561 -7.90 14.55 7.78
N MET A 562 -8.68 13.48 7.69
CA MET A 562 -9.60 13.11 8.76
C MET A 562 -8.83 12.70 10.01
N ALA A 563 -7.67 12.07 9.82
CA ALA A 563 -6.77 11.71 10.93
C ALA A 563 -6.32 12.97 11.64
N TYR A 564 -5.81 13.93 10.87
CA TYR A 564 -5.40 15.19 11.41
C TYR A 564 -6.54 15.90 12.18
N LEU A 565 -7.70 16.05 11.55
CA LEU A 565 -8.82 16.79 12.15
C LEU A 565 -9.36 16.09 13.38
N TYR A 566 -9.40 14.76 13.30
CA TYR A 566 -9.82 13.94 14.43
C TYR A 566 -9.03 14.34 15.71
N LEU A 567 -7.71 14.28 15.60
CA LEU A 567 -6.83 14.53 16.73
C LEU A 567 -6.84 16.00 17.15
N GLU A 568 -6.89 16.93 16.19
CA GLU A 568 -7.05 18.34 16.51
C GLU A 568 -8.35 18.62 17.29
N LEU A 569 -9.42 17.93 16.94
CA LEU A 569 -10.71 18.14 17.63
C LEU A 569 -10.70 17.47 18.99
N LEU A 570 -9.98 16.36 19.06
CA LEU A 570 -9.84 15.65 20.32
C LEU A 570 -9.14 16.55 21.33
N LYS A 571 -7.98 17.08 20.92
CA LYS A 571 -7.22 18.01 21.73
C LYS A 571 -8.01 19.26 22.13
N ASP A 572 -8.81 19.79 21.21
CA ASP A 572 -9.61 21.00 21.46
C ASP A 572 -10.67 20.73 22.53
N SER A 573 -11.18 19.52 22.54
CA SER A 573 -12.22 19.06 23.44
C SER A 573 -11.71 18.77 24.85
N LEU A 574 -10.46 18.29 24.93
CA LEU A 574 -9.80 17.91 26.15
C LEU A 574 -9.10 19.10 26.80
N ASN A 575 -8.95 20.18 26.04
CA ASN A 575 -8.12 21.31 26.47
C ASN A 575 -8.43 21.85 27.88
N GLU A 576 -9.71 22.14 28.17
CA GLU A 576 -10.12 22.65 29.48
C GLU A 576 -9.63 21.75 30.61
N TYR A 577 -9.88 20.45 30.46
CA TYR A 577 -9.41 19.43 31.40
C TYR A 577 -7.87 19.34 31.43
N ALA A 578 -7.23 19.25 30.28
CA ALA A 578 -5.78 18.99 30.23
C ALA A 578 -4.96 20.23 30.66
N TYR A 579 -5.55 21.41 30.60
CA TYR A 579 -4.78 22.61 30.94
C TYR A 579 -4.25 22.63 32.40
N ALA A 580 -5.10 22.20 33.34
CA ALA A 580 -4.78 22.10 34.76
C ALA A 580 -3.60 21.14 34.96
N ALA A 581 -3.68 20.02 34.27
CA ALA A 581 -2.64 19.02 34.31
C ALA A 581 -1.29 19.59 33.78
N GLU A 582 -1.39 20.39 32.71
CA GLU A 582 -0.22 21.08 32.13
C GLU A 582 0.42 22.06 33.15
N LEU A 583 -0.43 22.85 33.80
CA LEU A 583 0.03 23.73 34.89
C LEU A 583 0.71 22.95 36.02
N ALA A 584 0.25 21.71 36.27
CA ALA A 584 0.84 20.83 37.28
C ALA A 584 2.00 19.97 36.79
N GLY A 585 2.60 20.34 35.65
CA GLY A 585 3.79 19.64 35.11
C GLY A 585 3.45 18.28 34.50
N LEU A 586 2.21 18.13 34.03
CA LEU A 586 1.88 16.88 33.34
C LEU A 586 1.37 17.27 31.96
N SER A 587 2.10 16.89 30.92
CA SER A 587 1.69 17.32 29.58
C SER A 587 1.58 16.17 28.57
N TYR A 588 0.85 16.40 27.49
CA TYR A 588 0.80 15.40 26.44
C TYR A 588 0.89 15.97 25.03
N ASP A 589 1.36 15.11 24.13
CA ASP A 589 1.41 15.40 22.74
C ASP A 589 0.60 14.31 22.02
N LEU A 590 -0.24 14.72 21.08
CA LEU A 590 -1.04 13.79 20.30
C LEU A 590 -1.08 14.25 18.83
N GLN A 591 -0.47 13.46 17.94
CA GLN A 591 -0.46 13.84 16.51
C GLN A 591 -0.60 12.67 15.56
N ASN A 592 -1.02 12.96 14.32
CA ASN A 592 -1.16 11.90 13.34
C ASN A 592 0.17 11.68 12.65
N THR A 593 0.38 10.50 12.09
CA THR A 593 1.64 10.13 11.43
C THR A 593 1.30 9.49 10.11
N ILE A 594 2.33 9.09 9.35
CA ILE A 594 2.08 8.45 8.07
C ILE A 594 1.65 6.99 8.24
N TYR A 595 1.67 6.53 9.49
CA TYR A 595 1.34 5.15 9.85
C TYR A 595 0.15 5.01 10.81
N GLY A 596 -0.36 6.13 11.32
CA GLY A 596 -1.39 6.08 12.38
C GLY A 596 -1.35 7.33 13.25
N MET A 597 -1.19 7.15 14.57
CA MET A 597 -1.24 8.23 15.59
C MET A 597 -0.09 8.08 16.59
N TYR A 598 0.39 9.20 17.13
CA TYR A 598 1.41 9.21 18.16
C TYR A 598 0.93 9.97 19.39
N LEU A 599 1.08 9.35 20.55
CA LEU A 599 0.68 9.93 21.84
C LEU A 599 1.87 9.85 22.77
N SER A 600 2.19 10.97 23.38
CA SER A 600 3.20 11.02 24.42
C SER A 600 2.69 11.75 25.67
N VAL A 601 2.88 11.11 26.82
CA VAL A 601 2.52 11.73 28.11
C VAL A 601 3.81 11.80 28.92
N LYS A 602 4.21 13.02 29.32
CA LYS A 602 5.43 13.30 30.08
C LYS A 602 5.18 14.12 31.36
N GLY A 603 6.03 13.90 32.36
CA GLY A 603 6.07 14.68 33.59
C GLY A 603 5.88 13.84 34.85
N TYR A 604 5.36 14.47 35.91
CA TYR A 604 5.21 13.80 37.21
C TYR A 604 4.33 12.58 37.09
N ASN A 605 4.86 11.45 37.54
CA ASN A 605 4.16 10.18 37.42
C ASN A 605 2.89 10.07 38.24
N ASP A 606 2.82 10.86 39.32
CA ASP A 606 1.77 10.73 40.31
C ASP A 606 0.38 10.58 39.67
N LYS A 607 -0.08 11.60 38.96
CA LYS A 607 -1.44 11.58 38.37
C LYS A 607 -1.43 11.15 36.89
N GLN A 608 -0.27 10.71 36.40
CA GLN A 608 -0.08 10.33 35.02
C GLN A 608 -1.12 9.30 34.50
N PRO A 609 -1.39 8.22 35.27
CA PRO A 609 -2.41 7.26 34.76
C PRO A 609 -3.81 7.85 34.61
N ILE A 610 -4.15 8.83 35.41
CA ILE A 610 -5.47 9.45 35.34
C ILE A 610 -5.63 10.22 34.04
N LEU A 611 -4.60 10.99 33.66
CA LEU A 611 -4.60 11.72 32.40
C LEU A 611 -4.63 10.75 31.22
N LEU A 612 -3.80 9.71 31.27
CA LEU A 612 -3.75 8.75 30.17
C LEU A 612 -5.11 8.14 29.93
N LYS A 613 -5.75 7.68 30.99
CA LYS A 613 -7.05 7.02 30.86
C LYS A 613 -8.10 7.95 30.28
N LYS A 614 -8.09 9.22 30.68
CA LYS A 614 -9.05 10.19 30.14
C LYS A 614 -8.83 10.41 28.64
N ILE A 615 -7.58 10.40 28.20
CA ILE A 615 -7.27 10.56 26.79
C ILE A 615 -7.75 9.35 25.99
N ILE A 616 -7.40 8.14 26.44
CA ILE A 616 -7.79 6.94 25.71
C ILE A 616 -9.31 6.81 25.63
N GLU A 617 -10.01 7.09 26.74
CA GLU A 617 -11.45 7.13 26.79
C GLU A 617 -12.06 8.11 25.80
N LYS A 618 -11.56 9.35 25.82
CA LYS A 618 -12.01 10.36 24.91
C LYS A 618 -11.75 9.99 23.46
N MET A 619 -10.57 9.40 23.16
CA MET A 619 -10.29 8.95 21.79
C MET A 619 -11.44 8.11 21.25
N ALA A 620 -12.02 7.31 22.14
CA ALA A 620 -12.96 6.24 21.80
C ALA A 620 -14.44 6.61 21.87
N THR A 621 -14.77 7.65 22.63
CA THR A 621 -16.17 7.99 22.93
C THR A 621 -16.42 9.45 22.57
N PHE A 622 -15.51 9.95 21.76
CA PHE A 622 -15.44 11.31 21.37
C PHE A 622 -16.68 11.75 20.61
N GLU A 623 -17.28 12.83 21.08
CA GLU A 623 -18.43 13.44 20.39
C GLU A 623 -18.10 14.85 19.88
N ILE A 624 -18.14 14.99 18.56
CA ILE A 624 -17.70 16.19 17.85
C ILE A 624 -18.68 17.36 17.96
N ASP A 625 -18.16 18.54 18.26
CA ASP A 625 -18.88 19.77 18.13
C ASP A 625 -18.80 20.27 16.67
N GLU A 626 -19.96 20.35 16.02
CA GLU A 626 -20.05 20.84 14.64
C GLU A 626 -19.38 22.20 14.41
N LYS A 627 -19.66 23.15 15.31
CA LYS A 627 -19.08 24.50 15.21
C LYS A 627 -17.56 24.45 15.26
N ARG A 628 -17.01 23.66 16.17
CA ARG A 628 -15.57 23.54 16.29
C ARG A 628 -15.00 22.83 15.04
N PHE A 629 -15.73 21.84 14.55
CA PHE A 629 -15.34 21.10 13.36
C PHE A 629 -15.10 22.05 12.19
N GLU A 630 -16.10 22.90 11.89
CA GLU A 630 -16.03 23.89 10.80
C GLU A 630 -14.86 24.86 11.01
N ILE A 631 -14.70 25.35 12.24
CA ILE A 631 -13.62 26.29 12.57
C ILE A 631 -12.21 25.67 12.42
N ILE A 632 -12.05 24.43 12.88
CA ILE A 632 -10.78 23.75 12.85
C ILE A 632 -10.42 23.38 11.41
N LYS A 633 -11.43 22.95 10.66
CA LYS A 633 -11.26 22.65 9.24
C LYS A 633 -10.75 23.86 8.44
N GLU A 634 -11.31 25.04 8.71
CA GLU A 634 -10.89 26.29 8.06
C GLU A 634 -9.46 26.65 8.46
N ALA A 635 -9.16 26.58 9.74
CA ALA A 635 -7.81 26.82 10.21
C ALA A 635 -6.80 25.85 9.54
N TYR A 636 -7.19 24.60 9.32
CA TYR A 636 -6.31 23.60 8.67
C TYR A 636 -6.07 23.89 7.17
N MET A 637 -7.12 24.31 6.47
CA MET A 637 -7.00 24.79 5.08
C MET A 637 -5.94 25.87 4.98
N ARG A 638 -6.04 26.90 5.83
CA ARG A 638 -5.09 28.01 5.78
C ARG A 638 -3.69 27.51 6.12
N SER A 639 -3.60 26.58 7.06
CA SER A 639 -2.31 26.01 7.44
C SER A 639 -1.64 25.33 6.25
N LEU A 640 -2.43 24.65 5.43
CA LEU A 640 -1.92 24.02 4.23
C LEU A 640 -1.46 25.05 3.20
N ASN A 641 -2.23 26.11 3.03
CA ASN A 641 -1.83 27.21 2.15
C ASN A 641 -0.56 27.91 2.59
N ASN A 642 -0.46 28.20 3.89
CA ASN A 642 0.68 28.93 4.46
C ASN A 642 2.05 28.27 4.26
N PHE A 643 2.07 27.06 3.72
CA PHE A 643 3.35 26.42 3.48
C PHE A 643 4.06 27.16 2.35
N ARG A 644 3.29 27.75 1.41
CA ARG A 644 3.81 28.63 0.34
C ARG A 644 4.76 29.74 0.88
N ALA A 645 4.44 30.24 2.08
CA ALA A 645 5.23 31.30 2.73
C ALA A 645 6.42 30.78 3.52
N GLU A 646 6.66 29.48 3.47
CA GLU A 646 7.77 28.88 4.21
C GLU A 646 9.06 29.15 3.43
N GLN A 647 10.20 28.94 4.08
CA GLN A 647 11.50 29.24 3.47
C GLN A 647 11.90 28.28 2.35
N PRO A 648 12.73 28.75 1.39
CA PRO A 648 13.06 27.93 0.23
C PRO A 648 13.76 26.61 0.55
N HIS A 649 14.67 26.61 1.51
CA HIS A 649 15.32 25.36 1.92
C HIS A 649 14.33 24.43 2.55
N GLN A 650 13.37 24.98 3.28
CA GLN A 650 12.24 24.20 3.85
C GLN A 650 11.50 23.49 2.74
N HIS A 651 11.21 24.21 1.65
CA HIS A 651 10.56 23.63 0.48
C HIS A 651 11.37 22.53 -0.15
N ALA A 652 12.68 22.76 -0.30
CA ALA A 652 13.58 21.79 -0.90
C ALA A 652 13.54 20.47 -0.16
N MET A 653 13.49 20.54 1.17
CA MET A 653 13.55 19.34 1.97
C MET A 653 12.25 18.58 1.87
N TYR A 654 11.15 19.35 1.76
CA TYR A 654 9.80 18.83 1.64
C TYR A 654 9.68 18.03 0.37
N TYR A 655 10.05 18.67 -0.74
CA TYR A 655 10.03 18.03 -2.06
C TYR A 655 10.83 16.74 -2.13
N LEU A 656 11.99 16.72 -1.47
CA LEU A 656 12.81 15.51 -1.46
C LEU A 656 12.17 14.36 -0.67
N ARG A 657 11.55 14.64 0.49
CA ARG A 657 10.76 13.60 1.18
C ARG A 657 9.64 13.03 0.28
N LEU A 658 8.94 13.91 -0.43
CA LEU A 658 7.90 13.47 -1.36
C LEU A 658 8.46 12.57 -2.45
N LEU A 659 9.67 12.88 -2.88
CA LEU A 659 10.30 12.22 -4.01
C LEU A 659 10.84 10.84 -3.65
N MET A 660 11.42 10.73 -2.46
CA MET A 660 12.17 9.55 -2.10
C MET A 660 11.38 8.48 -1.32
N THR A 661 10.18 8.83 -0.87
CA THR A 661 9.33 7.93 -0.06
C THR A 661 8.28 7.31 -0.96
N GLU A 662 8.02 6.02 -0.74
CA GLU A 662 7.11 5.23 -1.54
C GLU A 662 5.70 5.87 -1.73
N VAL A 663 5.04 6.26 -0.63
CA VAL A 663 3.73 6.93 -0.62
C VAL A 663 3.91 8.25 0.16
N ALA A 664 3.41 9.35 -0.39
CA ALA A 664 3.42 10.65 0.28
C ALA A 664 2.42 11.56 -0.41
N TRP A 665 1.41 12.05 0.32
CA TRP A 665 0.40 12.96 -0.23
C TRP A 665 0.88 14.39 -0.17
N THR A 666 0.64 15.15 -1.23
CA THR A 666 1.15 16.51 -1.28
C THR A 666 0.18 17.46 -0.56
N LYS A 667 0.64 18.68 -0.27
CA LYS A 667 -0.20 19.67 0.40
C LYS A 667 -1.38 20.02 -0.50
N ASP A 668 -1.11 20.07 -1.80
CA ASP A 668 -2.10 20.27 -2.83
C ASP A 668 -3.13 19.15 -2.86
N GLU A 669 -2.68 17.90 -2.78
CA GLU A 669 -3.65 16.79 -2.70
C GLU A 669 -4.48 16.87 -1.41
N LEU A 670 -3.80 17.20 -0.31
CA LEU A 670 -4.46 17.26 0.98
C LEU A 670 -5.54 18.32 0.92
N LYS A 671 -5.21 19.51 0.43
CA LYS A 671 -6.21 20.59 0.41
C LYS A 671 -7.34 20.33 -0.58
N GLU A 672 -6.99 19.69 -1.69
CA GLU A 672 -8.00 19.27 -2.64
C GLU A 672 -9.03 18.30 -2.02
N ALA A 673 -8.57 17.37 -1.19
CA ALA A 673 -9.45 16.40 -0.55
C ALA A 673 -10.24 17.02 0.61
N LEU A 674 -9.77 18.15 1.13
CA LEU A 674 -10.28 18.70 2.38
C LEU A 674 -11.76 19.08 2.29
N ASP A 675 -12.18 19.54 1.12
CA ASP A 675 -13.57 19.92 0.93
C ASP A 675 -14.49 18.72 1.02
N ASP A 676 -13.98 17.53 0.74
CA ASP A 676 -14.80 16.34 0.91
C ASP A 676 -14.91 15.83 2.38
N VAL A 677 -14.25 16.47 3.33
CA VAL A 677 -14.40 16.03 4.71
C VAL A 677 -15.67 16.64 5.27
N THR A 678 -16.72 15.83 5.40
CA THR A 678 -17.94 16.33 6.01
C THR A 678 -18.00 15.80 7.43
N LEU A 679 -18.90 16.33 8.26
CA LEU A 679 -19.06 15.83 9.60
C LEU A 679 -19.50 14.34 9.62
N PRO A 680 -20.56 13.95 8.88
CA PRO A 680 -20.89 12.51 8.84
C PRO A 680 -19.71 11.60 8.38
N ARG A 681 -18.88 12.07 7.48
CA ARG A 681 -17.75 11.26 7.02
C ARG A 681 -16.68 11.11 8.11
N LEU A 682 -16.46 12.17 8.87
CA LEU A 682 -15.56 12.09 10.01
C LEU A 682 -16.11 11.18 11.12
N LYS A 683 -17.39 11.35 11.47
CA LYS A 683 -18.02 10.46 12.46
C LYS A 683 -17.89 8.99 12.05
N ALA A 684 -18.06 8.68 10.77
CA ALA A 684 -17.84 7.29 10.31
C ALA A 684 -16.36 6.88 10.40
N PHE A 685 -15.46 7.80 10.06
CA PHE A 685 -14.00 7.51 10.04
C PHE A 685 -13.42 7.04 11.38
N ILE A 686 -13.86 7.65 12.49
CA ILE A 686 -13.20 7.38 13.77
C ILE A 686 -13.32 5.90 14.24
N PRO A 687 -14.54 5.35 14.28
CA PRO A 687 -14.66 3.92 14.58
C PRO A 687 -13.87 3.05 13.60
N GLN A 688 -13.85 3.41 12.31
CA GLN A 688 -13.04 2.66 11.31
C GLN A 688 -11.57 2.69 11.67
N LEU A 689 -11.04 3.88 11.94
CA LEU A 689 -9.64 4.01 12.35
C LEU A 689 -9.32 3.15 13.61
N LEU A 690 -10.21 3.18 14.60
CA LEU A 690 -9.93 2.51 15.87
C LEU A 690 -10.37 1.06 15.91
N SER A 691 -11.05 0.59 14.85
CA SER A 691 -11.50 -0.81 14.75
C SER A 691 -10.35 -1.83 14.83
N ARG A 692 -9.20 -1.50 14.23
CA ARG A 692 -8.03 -2.44 14.25
C ARG A 692 -6.75 -1.68 14.44
N LEU A 693 -5.98 -2.06 15.46
CA LEU A 693 -4.79 -1.31 15.82
C LEU A 693 -3.63 -2.21 16.19
N HIS A 694 -2.43 -1.69 16.05
CA HIS A 694 -1.28 -2.25 16.75
C HIS A 694 -0.69 -1.11 17.51
N ILE A 695 -0.23 -1.36 18.73
CA ILE A 695 0.36 -0.31 19.55
C ILE A 695 1.81 -0.67 19.85
N GLU A 696 2.75 0.25 19.61
CA GLU A 696 4.10 0.04 20.07
C GLU A 696 4.42 1.15 21.08
N ALA A 697 4.83 0.77 22.28
CA ALA A 697 5.03 1.73 23.35
C ALA A 697 6.40 1.65 23.99
N LEU A 698 6.84 2.80 24.51
CA LEU A 698 8.03 2.96 25.34
C LEU A 698 7.61 3.64 26.65
N LEU A 699 7.80 2.94 27.76
CA LEU A 699 7.49 3.50 29.06
C LEU A 699 8.79 3.59 29.84
N HIS A 700 9.21 4.82 30.14
CA HIS A 700 10.53 5.06 30.69
C HIS A 700 10.47 6.07 31.80
N GLY A 701 10.96 5.69 32.97
CA GLY A 701 11.02 6.60 34.11
C GLY A 701 10.86 5.97 35.50
N ASN A 702 10.20 6.72 36.37
CA ASN A 702 9.94 6.30 37.75
C ASN A 702 8.72 5.37 37.85
N ILE A 703 8.93 4.14 37.40
CA ILE A 703 7.87 3.12 37.30
C ILE A 703 8.52 1.74 37.31
N THR A 704 7.75 0.77 37.81
CA THR A 704 8.14 -0.65 37.82
C THR A 704 7.60 -1.41 36.59
N LYS A 705 8.22 -2.56 36.35
CA LYS A 705 7.82 -3.51 35.31
C LYS A 705 6.32 -3.79 35.38
N GLN A 706 5.81 -4.09 36.58
CA GLN A 706 4.40 -4.36 36.79
C GLN A 706 3.53 -3.13 36.48
N ALA A 707 3.94 -1.95 36.95
CA ALA A 707 3.19 -0.73 36.67
C ALA A 707 3.11 -0.51 35.16
N ALA A 708 4.25 -0.66 34.47
CA ALA A 708 4.31 -0.59 33.04
C ALA A 708 3.31 -1.49 32.36
N LEU A 709 3.29 -2.76 32.76
CA LEU A 709 2.36 -3.70 32.17
C LEU A 709 0.90 -3.30 32.43
N GLY A 710 0.64 -2.74 33.61
CA GLY A 710 -0.71 -2.30 34.00
C GLY A 710 -1.17 -1.07 33.25
N ILE A 711 -0.23 -0.18 32.91
CA ILE A 711 -0.54 0.95 32.05
C ILE A 711 -0.91 0.50 30.62
N MET A 712 -0.09 -0.38 30.04
CA MET A 712 -0.36 -0.86 28.71
C MET A 712 -1.71 -1.57 28.64
N GLN A 713 -2.04 -2.30 29.71
CA GLN A 713 -3.23 -3.14 29.75
C GLN A 713 -4.44 -2.24 29.79
N MET A 714 -4.35 -1.16 30.56
CA MET A 714 -5.41 -0.16 30.68
C MET A 714 -5.68 0.53 29.32
N VAL A 715 -4.61 0.84 28.59
CA VAL A 715 -4.77 1.47 27.27
C VAL A 715 -5.50 0.49 26.34
N GLU A 716 -5.03 -0.75 26.32
CA GLU A 716 -5.67 -1.80 25.50
C GLU A 716 -7.12 -2.01 25.86
N ASP A 717 -7.38 -2.18 27.16
CA ASP A 717 -8.71 -2.53 27.63
C ASP A 717 -9.69 -1.39 27.34
N THR A 718 -9.21 -0.15 27.45
CA THR A 718 -10.08 1.01 27.24
C THR A 718 -10.55 1.13 25.77
N LEU A 719 -9.64 0.86 24.85
CA LEU A 719 -9.96 0.85 23.42
C LEU A 719 -10.86 -0.32 23.07
N ILE A 720 -10.53 -1.50 23.62
CA ILE A 720 -11.27 -2.73 23.36
C ILE A 720 -12.71 -2.51 23.82
N GLU A 721 -12.89 -1.86 24.98
CA GLU A 721 -14.21 -1.68 25.53
C GLU A 721 -15.05 -0.69 24.75
N HIS A 722 -14.49 0.48 24.48
CA HIS A 722 -15.23 1.56 23.85
C HIS A 722 -15.19 1.60 22.33
N ALA A 723 -14.13 1.07 21.72
CA ALA A 723 -14.02 1.15 20.26
C ALA A 723 -14.06 -0.23 19.60
N HIS A 724 -14.14 -1.28 20.43
CA HIS A 724 -14.15 -2.69 19.98
C HIS A 724 -12.92 -2.99 19.16
N THR A 725 -11.80 -2.41 19.56
CA THR A 725 -10.50 -2.65 18.87
C THR A 725 -10.10 -4.12 18.84
N LYS A 726 -9.61 -4.57 17.69
CA LYS A 726 -9.04 -5.90 17.53
C LYS A 726 -7.63 -5.72 16.92
N PRO A 727 -6.76 -6.73 16.98
CA PRO A 727 -5.43 -6.47 16.45
C PRO A 727 -5.32 -6.50 14.91
N LEU A 728 -4.30 -5.87 14.37
CA LEU A 728 -4.03 -5.95 12.95
C LEU A 728 -3.28 -7.23 12.68
N LEU A 729 -3.27 -7.66 11.43
CA LEU A 729 -2.46 -8.82 11.00
C LEU A 729 -1.02 -8.38 10.86
N PRO A 730 -0.07 -9.28 11.17
CA PRO A 730 1.34 -8.91 10.98
C PRO A 730 1.64 -8.42 9.55
N SER A 731 1.07 -9.09 8.55
CA SER A 731 1.20 -8.70 7.15
C SER A 731 0.65 -7.26 6.86
N GLN A 732 -0.25 -6.74 7.71
CA GLN A 732 -0.72 -5.37 7.59
C GLN A 732 0.25 -4.29 8.13
N LEU A 733 1.30 -4.68 8.83
CA LEU A 733 2.21 -3.70 9.42
C LEU A 733 3.34 -3.36 8.44
N VAL A 734 2.99 -2.55 7.46
CA VAL A 734 3.86 -2.25 6.35
C VAL A 734 4.49 -0.89 6.57
N ARG A 735 5.79 -0.77 6.36
CA ARG A 735 6.50 0.51 6.44
C ARG A 735 6.84 0.93 5.02
N TYR A 736 7.02 2.22 4.80
CA TYR A 736 7.29 2.70 3.45
C TYR A 736 8.77 2.60 3.14
N ARG A 737 9.06 2.33 1.87
CA ARG A 737 10.43 2.08 1.42
C ARG A 737 10.99 3.35 0.80
N GLU A 738 12.32 3.47 0.75
CA GLU A 738 12.96 4.54 0.00
C GLU A 738 13.23 4.13 -1.45
N VAL A 739 13.16 5.10 -2.34
CA VAL A 739 13.40 4.88 -3.75
C VAL A 739 14.88 4.57 -4.01
N GLN A 740 15.14 3.45 -4.68
CA GLN A 740 16.48 3.07 -5.03
C GLN A 740 16.96 3.69 -6.35
N LEU A 741 17.83 4.69 -6.24
CA LEU A 741 18.39 5.37 -7.40
C LEU A 741 19.42 4.48 -8.17
N PRO A 742 19.51 4.63 -9.52
CA PRO A 742 20.44 3.81 -10.28
C PRO A 742 21.86 4.33 -10.23
N ASP A 743 22.81 3.42 -10.35
CA ASP A 743 24.25 3.76 -10.43
C ASP A 743 24.51 4.82 -11.48
N ARG A 744 25.23 5.86 -11.08
CA ARG A 744 25.65 6.98 -11.98
C ARG A 744 24.50 7.88 -12.42
N GLY A 745 23.37 7.79 -11.73
CA GLY A 745 22.23 8.65 -12.07
C GLY A 745 22.29 10.02 -11.38
N TRP A 746 21.79 11.03 -12.08
CA TRP A 746 21.57 12.32 -11.47
C TRP A 746 20.24 12.81 -11.92
N PHE A 747 19.38 13.13 -10.96
CA PHE A 747 18.02 13.63 -11.21
C PHE A 747 17.84 14.96 -10.52
N VAL A 748 17.11 15.84 -11.16
CA VAL A 748 16.85 17.14 -10.59
C VAL A 748 15.35 17.39 -10.59
N TYR A 749 14.83 17.85 -9.46
CA TYR A 749 13.45 18.38 -9.43
C TYR A 749 13.48 19.89 -9.14
N GLN A 750 12.77 20.65 -9.95
CA GLN A 750 12.78 22.09 -9.78
C GLN A 750 11.38 22.71 -9.51
N GLN A 751 11.33 23.64 -8.55
CA GLN A 751 10.11 24.37 -8.24
C GLN A 751 10.48 25.82 -7.91
N ARG A 752 9.47 26.70 -7.76
CA ARG A 752 9.71 28.09 -7.35
C ARG A 752 9.09 28.41 -5.99
N ASN A 753 9.82 29.13 -5.13
CA ASN A 753 9.22 29.77 -3.97
C ASN A 753 8.63 31.13 -4.38
N GLU A 754 7.32 31.28 -4.24
CA GLU A 754 6.62 32.49 -4.67
C GLU A 754 6.67 33.64 -3.68
N VAL A 755 7.31 33.42 -2.53
CA VAL A 755 7.30 34.39 -1.44
C VAL A 755 8.70 35.00 -1.22
N HIS A 756 9.72 34.15 -1.07
CA HIS A 756 11.07 34.61 -0.76
C HIS A 756 11.94 34.77 -1.97
N ASN A 757 12.73 35.83 -1.99
CA ASN A 757 13.70 36.02 -3.05
C ASN A 757 15.05 35.52 -2.61
N ASN A 758 15.04 34.25 -2.21
CA ASN A 758 16.25 33.47 -2.03
C ASN A 758 16.05 32.10 -2.67
N SER A 759 17.14 31.47 -3.07
CA SER A 759 17.08 30.09 -3.54
C SER A 759 17.16 29.12 -2.37
N GLY A 760 16.69 27.91 -2.61
CA GLY A 760 16.88 26.77 -1.71
C GLY A 760 17.27 25.52 -2.50
N ILE A 761 18.11 24.70 -1.90
CA ILE A 761 18.59 23.50 -2.58
C ILE A 761 18.90 22.39 -1.56
N GLU A 762 18.58 21.16 -1.94
CA GLU A 762 19.07 20.01 -1.20
C GLU A 762 19.69 19.05 -2.19
N ILE A 763 20.91 18.64 -1.90
CA ILE A 763 21.58 17.65 -2.74
C ILE A 763 21.75 16.44 -1.88
N TYR A 764 21.37 15.29 -2.44
CA TYR A 764 21.39 14.04 -1.71
C TYR A 764 22.17 13.05 -2.55
N TYR A 765 23.28 12.58 -1.97
CA TYR A 765 24.07 11.49 -2.50
C TYR A 765 23.68 10.21 -1.76
N GLN A 766 22.81 9.41 -2.36
CA GLN A 766 22.35 8.19 -1.72
C GLN A 766 23.49 7.16 -1.67
N THR A 767 23.75 6.63 -0.49
CA THR A 767 24.73 5.58 -0.36
C THR A 767 24.09 4.18 -0.36
N ASP A 768 23.82 3.61 0.80
CA ASP A 768 23.29 2.27 0.86
C ASP A 768 22.37 2.10 2.08
N MET A 769 21.89 0.89 2.31
CA MET A 769 21.13 0.52 3.49
C MET A 769 22.00 0.76 4.75
N GLN A 770 21.38 1.16 5.86
CA GLN A 770 22.09 1.35 7.14
C GLN A 770 22.66 0.02 7.64
N SER A 771 23.90 0.07 8.12
CA SER A 771 24.60 -1.06 8.72
C SER A 771 25.75 -0.46 9.49
N THR A 772 26.26 -1.18 10.48
CA THR A 772 27.36 -0.64 11.30
C THR A 772 28.46 0.02 10.45
N SER A 773 28.96 -0.68 9.44
CA SER A 773 30.05 -0.17 8.59
C SER A 773 29.62 1.05 7.78
N GLU A 774 28.56 0.91 6.99
CA GLU A 774 28.07 2.01 6.16
C GLU A 774 27.77 3.27 6.98
N ASN A 775 27.16 3.09 8.14
CA ASN A 775 26.92 4.19 9.07
C ASN A 775 28.20 4.96 9.43
N MET A 776 29.26 4.23 9.76
CA MET A 776 30.48 4.86 10.24
C MET A 776 31.36 5.40 9.11
N PHE A 777 31.44 4.71 7.96
CA PHE A 777 32.01 5.32 6.75
C PHE A 777 31.41 6.71 6.52
N LEU A 778 30.08 6.77 6.42
CA LEU A 778 29.38 8.03 6.14
C LEU A 778 29.54 9.06 7.25
N GLU A 779 29.49 8.63 8.50
CA GLU A 779 29.56 9.59 9.62
C GLU A 779 30.94 10.20 9.80
N LEU A 780 31.98 9.39 9.61
CA LEU A 780 33.34 9.90 9.66
C LEU A 780 33.58 10.87 8.50
N PHE A 781 33.18 10.47 7.28
CA PHE A 781 33.28 11.40 6.16
C PHE A 781 32.58 12.71 6.46
N ALA A 782 31.37 12.63 7.04
CA ALA A 782 30.64 13.85 7.39
C ALA A 782 31.39 14.66 8.44
N GLN A 783 31.95 13.95 9.42
CA GLN A 783 32.81 14.55 10.48
C GLN A 783 33.96 15.35 9.87
N ILE A 784 34.75 14.69 9.02
CA ILE A 784 35.86 15.35 8.27
C ILE A 784 35.46 16.64 7.50
N ILE A 785 34.44 16.54 6.64
CA ILE A 785 34.05 17.68 5.79
C ILE A 785 33.23 18.75 6.51
N SER A 786 32.79 18.44 7.74
CA SER A 786 31.86 19.29 8.46
C SER A 786 32.32 20.74 8.62
N GLU A 787 33.41 20.96 9.37
CA GLU A 787 33.99 22.32 9.54
C GLU A 787 34.42 23.00 8.20
N PRO A 788 35.24 22.31 7.37
CA PRO A 788 35.60 22.83 6.05
C PRO A 788 34.42 23.32 5.21
N ALA A 789 33.34 22.53 5.16
CA ALA A 789 32.14 22.93 4.40
C ALA A 789 31.62 24.30 4.82
N PHE A 790 31.54 24.53 6.12
CA PHE A 790 31.07 25.81 6.66
C PHE A 790 32.09 26.91 6.32
N ASN A 791 33.36 26.62 6.59
CA ASN A 791 34.45 27.56 6.36
C ASN A 791 34.57 27.97 4.89
N THR A 792 34.52 27.00 3.97
CA THR A 792 34.60 27.28 2.54
C THR A 792 33.32 27.89 1.97
N LEU A 793 32.23 27.13 2.06
CA LEU A 793 31.00 27.50 1.37
C LEU A 793 30.27 28.68 2.02
N ARG A 794 30.28 28.74 3.34
CA ARG A 794 29.67 29.88 3.99
C ARG A 794 30.66 31.01 4.22
N THR A 795 31.74 30.72 4.95
CA THR A 795 32.66 31.76 5.40
C THR A 795 33.46 32.39 4.26
N LYS A 796 34.22 31.59 3.52
CA LYS A 796 35.02 32.11 2.40
C LYS A 796 34.13 32.62 1.25
N GLU A 797 33.40 31.72 0.60
CA GLU A 797 32.64 32.03 -0.62
C GLU A 797 31.35 32.80 -0.34
N GLN A 798 30.94 32.91 0.92
CA GLN A 798 29.73 33.68 1.33
C GLN A 798 28.44 33.25 0.60
N LEU A 799 28.31 31.96 0.32
CA LEU A 799 27.18 31.49 -0.49
C LEU A 799 25.79 31.84 0.07
N GLY A 800 25.63 31.78 1.40
CA GLY A 800 24.39 32.21 2.02
C GLY A 800 24.35 31.90 3.50
N TYR A 801 23.25 32.27 4.15
CA TYR A 801 23.12 32.13 5.61
C TYR A 801 23.09 30.69 6.05
N ILE A 802 22.26 29.90 5.36
CA ILE A 802 22.15 28.47 5.62
C ILE A 802 23.11 27.69 4.74
N VAL A 803 24.08 27.04 5.35
CA VAL A 803 24.88 26.04 4.70
C VAL A 803 24.96 24.85 5.63
N PHE A 804 24.51 23.71 5.14
CA PHE A 804 24.49 22.53 5.97
C PHE A 804 24.96 21.33 5.18
N SER A 805 25.74 20.49 5.83
CA SER A 805 26.07 19.20 5.31
C SER A 805 25.96 18.19 6.44
N GLY A 806 25.68 16.94 6.09
CA GLY A 806 25.57 15.90 7.11
C GLY A 806 24.91 14.63 6.56
N PRO A 807 24.88 13.57 7.38
CA PRO A 807 24.21 12.34 6.93
C PRO A 807 22.71 12.57 6.85
N ARG A 808 22.04 11.88 5.92
CA ARG A 808 20.58 11.89 5.84
C ARG A 808 20.11 10.45 6.04
N ARG A 809 19.17 10.24 6.96
CA ARG A 809 18.64 8.89 7.25
C ARG A 809 17.12 8.87 7.08
N ALA A 810 16.62 7.90 6.31
CA ALA A 810 15.18 7.69 6.12
C ALA A 810 14.88 6.25 5.66
N ASN A 811 13.91 5.63 6.31
CA ASN A 811 13.32 4.36 5.85
C ASN A 811 14.37 3.28 5.70
N GLY A 812 15.34 3.30 6.63
CA GLY A 812 16.46 2.33 6.68
C GLY A 812 17.62 2.63 5.73
N ILE A 813 17.45 3.68 4.93
CA ILE A 813 18.43 4.06 3.93
C ILE A 813 19.16 5.36 4.37
N GLN A 814 20.35 5.60 3.81
CA GLN A 814 21.16 6.77 4.15
C GLN A 814 22.00 7.28 2.97
N GLY A 815 22.58 8.46 3.17
CA GLY A 815 23.42 9.08 2.19
C GLY A 815 23.97 10.36 2.77
N LEU A 816 24.64 11.15 1.93
CA LEU A 816 25.18 12.45 2.33
C LEU A 816 24.35 13.57 1.75
N ARG A 817 24.12 14.61 2.55
CA ARG A 817 23.39 15.74 2.01
C ARG A 817 24.01 17.11 2.29
N PHE A 818 23.64 18.03 1.41
CA PHE A 818 23.96 19.43 1.51
C PHE A 818 22.66 20.18 1.36
N ILE A 819 22.49 21.18 2.22
CA ILE A 819 21.36 22.07 2.14
C ILE A 819 21.89 23.49 2.18
N ILE A 820 21.42 24.33 1.26
CA ILE A 820 21.88 25.70 1.18
C ILE A 820 20.72 26.63 0.81
N GLN A 821 20.71 27.80 1.45
CA GLN A 821 19.81 28.88 1.12
C GLN A 821 20.69 30.06 0.69
N SER A 822 20.49 30.52 -0.54
CA SER A 822 21.37 31.53 -1.15
C SER A 822 20.62 32.48 -2.06
N GLU A 823 21.27 33.61 -2.35
CA GLU A 823 20.82 34.56 -3.37
C GLU A 823 21.17 34.07 -4.76
N LYS A 824 22.15 33.17 -4.81
CA LYS A 824 22.69 32.65 -6.06
C LYS A 824 21.85 31.48 -6.61
N PRO A 825 21.87 31.29 -7.95
CA PRO A 825 21.05 30.24 -8.56
C PRO A 825 21.51 28.81 -8.24
N PRO A 826 20.54 27.87 -8.15
CA PRO A 826 20.78 26.49 -7.74
C PRO A 826 21.92 25.80 -8.48
N HIS A 827 21.90 25.85 -9.81
CA HIS A 827 22.98 25.24 -10.58
C HIS A 827 24.35 25.79 -10.24
N TYR A 828 24.41 27.07 -9.83
CA TYR A 828 25.68 27.63 -9.35
C TYR A 828 26.12 26.96 -8.05
N LEU A 829 25.23 26.94 -7.06
CA LEU A 829 25.48 26.21 -5.82
C LEU A 829 25.92 24.78 -6.06
N GLU A 830 25.38 24.17 -7.11
CA GLU A 830 25.76 22.81 -7.51
C GLU A 830 27.25 22.68 -7.80
N SER A 831 27.77 23.60 -8.61
CA SER A 831 29.17 23.53 -9.04
C SER A 831 30.10 23.78 -7.86
N ARG A 832 29.69 24.66 -6.95
CA ARG A 832 30.51 24.98 -5.79
C ARG A 832 30.61 23.82 -4.82
N VAL A 833 29.54 23.03 -4.69
CA VAL A 833 29.53 21.89 -3.78
C VAL A 833 30.45 20.83 -4.36
N GLU A 834 30.33 20.59 -5.66
CA GLU A 834 31.19 19.62 -6.33
C GLU A 834 32.67 20.01 -6.27
N ALA A 835 32.93 21.31 -6.44
CA ALA A 835 34.27 21.89 -6.30
C ALA A 835 34.80 21.62 -4.91
N PHE A 836 33.97 21.90 -3.91
CA PHE A 836 34.33 21.62 -2.52
C PHE A 836 34.67 20.16 -2.31
N LEU A 837 33.90 19.27 -2.96
CA LEU A 837 34.08 17.82 -2.82
C LEU A 837 35.44 17.33 -3.32
N ILE A 838 35.96 17.98 -4.36
CA ILE A 838 37.32 17.67 -4.81
C ILE A 838 38.37 18.16 -3.81
N THR A 839 38.23 19.42 -3.36
CA THR A 839 39.07 19.98 -2.31
C THR A 839 39.24 19.01 -1.14
N MET A 840 38.16 18.35 -0.74
CA MET A 840 38.23 17.43 0.40
C MET A 840 38.91 16.12 0.02
N GLU A 841 38.79 15.75 -1.25
CA GLU A 841 39.44 14.56 -1.80
C GLU A 841 40.96 14.68 -1.62
N LYS A 842 41.52 15.79 -2.12
CA LYS A 842 42.93 16.14 -1.90
C LYS A 842 43.24 16.18 -0.40
N SER A 843 42.43 16.96 0.33
CA SER A 843 42.63 17.22 1.74
C SER A 843 42.75 15.98 2.63
N ILE A 844 42.04 14.91 2.26
CA ILE A 844 42.10 13.68 3.05
C ILE A 844 43.40 12.93 2.74
N GLU A 845 43.84 13.00 1.49
CA GLU A 845 45.13 12.42 1.10
C GLU A 845 46.29 13.05 1.88
N ASP A 846 46.24 14.38 2.05
CA ASP A 846 47.30 15.13 2.72
C ASP A 846 47.33 14.94 4.23
N MET A 847 46.28 15.41 4.90
CA MET A 847 46.03 15.21 6.34
C MET A 847 46.89 14.14 7.02
N THR A 848 47.45 14.49 8.18
CA THR A 848 48.31 13.57 8.93
C THR A 848 47.51 12.52 9.71
N GLU A 849 48.06 11.33 9.87
CA GLU A 849 47.45 10.28 10.68
C GLU A 849 46.97 10.81 12.03
N GLU A 850 47.75 11.73 12.61
CA GLU A 850 47.38 12.39 13.85
C GLU A 850 46.08 13.20 13.71
N ALA A 851 45.98 13.99 12.64
CA ALA A 851 44.80 14.83 12.39
C ALA A 851 43.56 13.98 12.08
N PHE A 852 43.76 12.88 11.35
CA PHE A 852 42.73 11.88 11.08
C PHE A 852 42.14 11.30 12.37
N GLN A 853 43.02 10.82 13.25
CA GLN A 853 42.61 10.24 14.52
C GLN A 853 41.89 11.26 15.41
N LYS A 854 42.21 12.53 15.23
CA LYS A 854 41.51 13.60 15.93
C LYS A 854 40.04 13.65 15.48
N HIS A 855 39.81 13.37 14.19
CA HIS A 855 38.44 13.30 13.64
C HIS A 855 37.66 12.13 14.22
N ILE A 856 38.30 10.97 14.34
CA ILE A 856 37.70 9.79 14.94
C ILE A 856 37.31 10.09 16.40
N GLN A 857 38.24 10.66 17.16
CA GLN A 857 38.02 11.02 18.55
C GLN A 857 36.89 12.01 18.70
N ALA A 858 36.85 13.01 17.83
CA ALA A 858 35.78 14.02 17.87
C ALA A 858 34.44 13.36 17.61
N LEU A 859 34.38 12.44 16.66
CA LEU A 859 33.12 11.75 16.36
C LEU A 859 32.67 10.89 17.52
N ALA A 860 33.61 10.12 18.07
CA ALA A 860 33.35 9.23 19.21
C ALA A 860 32.73 10.00 20.37
N ILE A 861 33.37 11.12 20.71
CA ILE A 861 32.98 11.88 21.88
C ILE A 861 31.56 12.36 21.69
N ARG A 862 31.27 12.83 20.48
CA ARG A 862 29.98 13.39 20.16
C ARG A 862 28.95 12.28 20.25
N ARG A 863 29.27 11.11 19.70
CA ARG A 863 28.34 9.99 19.72
C ARG A 863 28.04 9.46 21.13
N LEU A 864 28.99 9.62 22.05
CA LEU A 864 28.84 9.07 23.40
C LEU A 864 28.34 10.13 24.38
N ASP A 865 27.93 11.28 23.84
CA ASP A 865 27.41 12.35 24.65
C ASP A 865 26.22 11.83 25.45
N LYS A 866 26.27 11.99 26.76
CA LYS A 866 25.34 11.36 27.69
C LYS A 866 24.14 12.28 27.93
N PRO A 867 22.90 11.78 27.80
CA PRO A 867 21.72 12.60 28.05
C PRO A 867 21.75 13.16 29.48
N LYS A 868 21.40 14.43 29.63
CA LYS A 868 21.41 15.10 30.92
C LYS A 868 20.02 15.11 31.58
N LYS A 869 18.98 14.73 30.83
CA LYS A 869 17.62 14.60 31.37
C LYS A 869 16.90 13.35 30.80
N LEU A 870 15.84 12.91 31.51
CA LEU A 870 15.06 11.72 31.14
C LEU A 870 14.60 11.76 29.67
N SER A 871 13.95 12.86 29.29
CA SER A 871 13.41 13.00 27.95
C SER A 871 14.44 12.86 26.88
N ALA A 872 15.66 13.31 27.14
CA ALA A 872 16.69 13.25 26.13
C ALA A 872 17.13 11.82 25.98
N GLU A 873 16.99 11.03 27.07
CA GLU A 873 17.31 9.60 27.03
C GLU A 873 16.20 8.81 26.36
N SER A 874 14.94 9.13 26.73
CA SER A 874 13.79 8.51 26.09
C SER A 874 13.85 8.71 24.56
N ALA A 875 14.20 9.92 24.12
CA ALA A 875 14.18 10.28 22.68
C ALA A 875 15.14 9.41 21.89
N LYS A 876 16.30 9.14 22.48
CA LYS A 876 17.25 8.24 21.88
C LYS A 876 16.64 6.85 21.74
N TYR A 877 15.95 6.38 22.78
CA TYR A 877 15.34 5.05 22.70
C TYR A 877 14.21 5.04 21.69
N TRP A 878 13.41 6.09 21.70
CA TRP A 878 12.25 6.17 20.85
C TRP A 878 12.67 6.14 19.39
N GLY A 879 13.79 6.80 19.08
CA GLY A 879 14.41 6.77 17.74
C GLY A 879 14.57 5.38 17.21
N GLU A 880 15.14 4.52 18.05
CA GLU A 880 15.42 3.11 17.71
C GLU A 880 14.12 2.32 17.51
N ILE A 881 13.10 2.69 18.27
CA ILE A 881 11.81 2.00 18.21
C ILE A 881 11.08 2.39 16.94
N ILE A 882 10.98 3.68 16.65
CA ILE A 882 10.26 4.11 15.45
C ILE A 882 10.98 3.78 14.15
N SER A 883 12.29 3.59 14.19
CA SER A 883 12.99 3.14 12.99
C SER A 883 12.89 1.63 12.89
N GLN A 884 12.34 1.01 13.93
CA GLN A 884 12.26 -0.44 14.08
C GLN A 884 13.61 -1.15 13.96
N GLN A 885 14.67 -0.51 14.43
CA GLN A 885 16.01 -1.17 14.44
C GLN A 885 16.35 -1.68 15.85
N TYR A 886 15.79 -1.03 16.88
CA TYR A 886 15.90 -1.50 18.27
C TYR A 886 17.35 -1.67 18.78
N ASN A 887 18.28 -0.86 18.27
CA ASN A 887 19.70 -1.01 18.58
C ASN A 887 20.11 -0.02 19.72
N PHE A 888 19.77 -0.40 20.95
CA PHE A 888 19.97 0.45 22.14
C PHE A 888 21.40 0.62 22.58
N ASP A 889 22.25 -0.39 22.33
CA ASP A 889 23.68 -0.33 22.58
C ASP A 889 24.47 0.22 21.39
N ARG A 890 23.76 0.77 20.41
CA ARG A 890 24.35 1.21 19.14
C ARG A 890 25.63 2.04 19.27
N ASP A 891 25.56 3.09 20.07
CA ASP A 891 26.67 4.03 20.27
C ASP A 891 28.00 3.32 20.58
N ASN A 892 28.04 2.53 21.66
CA ASN A 892 29.23 1.74 22.02
C ASN A 892 29.76 0.92 20.89
N THR A 893 28.87 0.21 20.21
CA THR A 893 29.26 -0.70 19.14
C THR A 893 29.82 0.05 17.94
N GLU A 894 29.11 1.08 17.51
CA GLU A 894 29.56 1.86 16.36
C GLU A 894 30.88 2.64 16.60
N VAL A 895 31.09 3.13 17.82
CA VAL A 895 32.34 3.80 18.19
C VAL A 895 33.53 2.83 18.10
N ALA A 896 33.38 1.68 18.76
CA ALA A 896 34.34 0.59 18.71
C ALA A 896 34.74 0.27 17.28
N TYR A 897 33.77 0.27 16.39
CA TYR A 897 34.04 -0.04 15.00
C TYR A 897 34.74 1.16 14.35
N LEU A 898 34.20 2.34 14.61
CA LEU A 898 34.75 3.57 14.06
C LEU A 898 36.25 3.64 14.33
N LYS A 899 36.65 3.26 15.54
CA LYS A 899 38.06 3.34 15.96
C LYS A 899 39.02 2.46 15.13
N THR A 900 38.48 1.45 14.46
CA THR A 900 39.28 0.56 13.62
C THR A 900 39.40 1.05 12.16
N LEU A 901 38.74 2.14 11.82
CA LEU A 901 38.77 2.64 10.43
C LEU A 901 40.07 3.36 10.06
N THR A 902 40.51 3.16 8.83
CA THR A 902 41.71 3.81 8.31
C THR A 902 41.37 4.89 7.30
N LYS A 903 42.35 5.77 7.07
CA LYS A 903 42.21 6.85 6.12
C LYS A 903 41.92 6.29 4.73
N GLU A 904 42.52 5.15 4.41
CA GLU A 904 42.28 4.46 3.14
C GLU A 904 40.82 4.08 2.98
N ASP A 905 40.28 3.45 4.02
CA ASP A 905 38.88 3.04 4.05
C ASP A 905 37.97 4.17 3.57
N ILE A 906 38.22 5.38 4.08
CA ILE A 906 37.41 6.56 3.76
C ILE A 906 37.59 7.02 2.30
N ILE A 907 38.82 6.99 1.84
CA ILE A 907 39.17 7.24 0.44
C ILE A 907 38.45 6.27 -0.50
N LYS A 908 38.57 4.97 -0.21
CA LYS A 908 37.88 3.93 -0.99
C LYS A 908 36.38 4.21 -1.11
N PHE A 909 35.75 4.41 0.05
CA PHE A 909 34.33 4.75 0.22
C PHE A 909 33.92 5.94 -0.65
N TYR A 910 34.60 7.08 -0.47
CA TYR A 910 34.40 8.28 -1.28
C TYR A 910 34.46 8.02 -2.78
N LYS A 911 35.45 7.21 -3.15
CA LYS A 911 35.73 6.91 -4.55
C LYS A 911 34.64 6.03 -5.15
N GLU A 912 34.10 5.13 -4.34
CA GLU A 912 33.08 4.21 -4.87
C GLU A 912 31.66 4.81 -4.94
N MET A 913 31.37 5.72 -4.00
CA MET A 913 30.00 6.19 -3.74
C MET A 913 29.76 7.67 -4.02
N LEU A 914 30.78 8.51 -3.78
CA LEU A 914 30.57 9.95 -3.67
C LEU A 914 31.21 10.81 -4.78
N ALA A 915 32.41 10.41 -5.21
CA ALA A 915 33.17 11.16 -6.23
C ALA A 915 32.37 11.30 -7.52
N VAL A 916 32.54 12.45 -8.20
CA VAL A 916 31.79 12.77 -9.42
C VAL A 916 31.81 11.63 -10.45
N ASP A 917 32.89 10.86 -10.47
CA ASP A 917 33.01 9.73 -11.39
C ASP A 917 32.88 8.36 -10.68
N ALA A 918 32.40 8.36 -9.43
CA ALA A 918 32.20 7.11 -8.69
C ALA A 918 31.24 6.17 -9.42
N PRO A 919 31.55 4.85 -9.46
CA PRO A 919 30.69 3.94 -10.23
C PRO A 919 29.28 3.77 -9.62
N ARG A 920 29.17 3.98 -8.31
CA ARG A 920 27.90 3.88 -7.60
C ARG A 920 27.40 5.24 -7.07
N ARG A 921 27.59 6.29 -7.86
CA ARG A 921 27.05 7.60 -7.49
C ARG A 921 25.53 7.57 -7.67
N HIS A 922 24.81 7.98 -6.63
CA HIS A 922 23.35 8.11 -6.74
C HIS A 922 22.99 9.50 -6.31
N LYS A 923 22.78 10.40 -7.27
CA LYS A 923 22.61 11.81 -6.91
C LYS A 923 21.19 12.27 -7.24
N VAL A 924 20.58 12.96 -6.28
CA VAL A 924 19.29 13.59 -6.52
C VAL A 924 19.33 14.99 -5.90
N SER A 925 18.99 15.97 -6.73
CA SER A 925 18.96 17.34 -6.28
C SER A 925 17.56 17.94 -6.34
N VAL A 926 17.17 18.68 -5.32
CA VAL A 926 15.96 19.50 -5.45
C VAL A 926 16.35 20.98 -5.48
N HIS A 927 15.91 21.66 -6.54
CA HIS A 927 16.16 23.09 -6.76
C HIS A 927 14.92 23.92 -6.50
N VAL A 928 14.98 24.84 -5.53
CA VAL A 928 13.85 25.76 -5.35
C VAL A 928 14.26 27.18 -5.65
N LEU A 929 13.68 27.74 -6.72
CA LEU A 929 14.04 29.06 -7.25
C LEU A 929 13.44 30.22 -6.47
N ALA A 930 14.21 31.31 -6.41
CA ALA A 930 13.80 32.54 -5.72
C ALA A 930 12.62 33.19 -6.45
N ARG A 931 11.84 33.95 -5.69
CA ARG A 931 10.57 34.56 -6.16
C ARG A 931 10.70 35.23 -7.53
N GLU A 932 11.82 35.92 -7.75
CA GLU A 932 12.05 36.67 -9.00
C GLU A 932 12.76 35.85 -10.08
N MET A 933 13.57 34.88 -9.63
CA MET A 933 14.51 34.09 -10.45
C MET A 933 13.96 33.43 -11.72
N ASP A 934 14.84 33.32 -12.72
CA ASP A 934 14.52 32.87 -14.08
C ASP A 934 14.54 31.33 -14.25
N SER A 935 13.51 30.79 -14.91
CA SER A 935 13.34 29.34 -15.05
C SER A 935 14.05 28.79 -16.27
N LEU A 950 39.10 31.15 -6.98
CA LEU A 950 38.18 30.10 -6.52
C LEU A 950 38.57 28.74 -7.09
N SER A 951 38.50 27.71 -6.26
CA SER A 951 38.71 26.31 -6.69
C SER A 951 37.85 25.96 -7.92
N GLN A 952 38.43 25.18 -8.83
CA GLN A 952 37.79 24.83 -10.09
C GLN A 952 36.74 23.72 -9.94
N ALA A 953 35.51 24.01 -10.36
CA ALA A 953 34.42 23.04 -10.35
C ALA A 953 34.57 22.02 -11.48
N PRO A 954 34.34 20.72 -11.18
CA PRO A 954 34.48 19.70 -12.24
C PRO A 954 33.33 19.78 -13.26
N ALA A 955 33.46 19.03 -14.37
CA ALA A 955 32.44 18.99 -15.40
C ALA A 955 31.31 18.07 -14.92
N LEU A 956 30.07 18.56 -15.06
CA LEU A 956 28.89 17.84 -14.56
C LEU A 956 28.02 17.30 -15.68
N PRO A 957 27.55 16.03 -15.56
CA PRO A 957 26.65 15.48 -16.59
C PRO A 957 25.32 16.19 -16.68
N GLN A 958 24.57 15.95 -17.75
CA GLN A 958 23.21 16.47 -17.90
C GLN A 958 22.31 15.72 -16.91
N PRO A 959 21.57 16.47 -16.05
CA PRO A 959 20.70 15.76 -15.12
C PRO A 959 19.43 15.33 -15.81
N GLU A 960 18.84 14.24 -15.35
CA GLU A 960 17.48 13.94 -15.78
C GLU A 960 16.50 14.76 -14.93
N VAL A 961 15.66 15.54 -15.59
CA VAL A 961 14.78 16.42 -14.86
C VAL A 961 13.45 15.70 -14.60
N ILE A 962 13.01 15.72 -13.35
CA ILE A 962 11.76 15.06 -12.96
C ILE A 962 10.58 15.98 -13.23
N GLN A 963 9.61 15.54 -14.04
CA GLN A 963 8.40 16.34 -14.30
C GLN A 963 7.25 15.85 -13.46
N ASN A 964 7.20 14.54 -13.28
CA ASN A 964 6.11 13.86 -12.61
C ASN A 964 6.68 12.89 -11.57
N MET A 965 6.42 13.19 -10.29
CA MET A 965 6.89 12.37 -9.16
C MET A 965 6.41 10.92 -9.18
N THR A 966 5.17 10.70 -9.61
CA THR A 966 4.64 9.35 -9.73
C THR A 966 5.40 8.49 -10.75
N GLU A 967 5.57 9.03 -11.97
CA GLU A 967 6.31 8.37 -13.02
C GLU A 967 7.75 8.02 -12.62
N PHE A 968 8.45 8.99 -12.05
CA PHE A 968 9.79 8.80 -11.49
C PHE A 968 9.81 7.57 -10.57
N LYS A 969 8.85 7.49 -9.65
CA LYS A 969 8.79 6.41 -8.69
C LYS A 969 8.47 5.07 -9.31
N ARG A 970 7.47 5.06 -10.20
CA ARG A 970 7.10 3.83 -10.92
C ARG A 970 8.27 3.23 -11.71
N GLY A 971 9.10 4.09 -12.29
CA GLY A 971 10.26 3.65 -13.06
C GLY A 971 11.46 3.16 -12.26
N LEU A 972 11.36 3.09 -10.92
CA LEU A 972 12.53 2.71 -10.11
C LEU A 972 12.21 1.59 -9.13
N PRO A 973 13.26 0.80 -8.73
CA PRO A 973 13.05 -0.21 -7.70
C PRO A 973 12.93 0.43 -6.31
N LEU A 974 12.48 -0.35 -5.33
CA LEU A 974 12.35 0.14 -3.95
C LEU A 974 13.27 -0.68 -3.11
N PHE A 975 13.99 -0.03 -2.21
CA PHE A 975 14.91 -0.73 -1.30
C PHE A 975 14.19 -1.74 -0.39
N PRO A 976 14.94 -2.72 0.18
CA PRO A 976 14.38 -3.53 1.26
C PRO A 976 14.14 -2.64 2.49
N LEU A 977 13.53 -3.18 3.54
CA LEU A 977 13.55 -2.54 4.88
C LEU A 977 14.58 -3.22 5.78
N VAL A 978 15.27 -2.42 6.60
CA VAL A 978 16.35 -2.91 7.47
C VAL A 978 15.82 -3.96 8.47
N LYS A 979 16.54 -5.07 8.58
CA LYS A 979 16.25 -6.11 9.55
C LYS A 979 16.41 -5.59 10.99
N PRO A 980 15.40 -5.81 11.85
CA PRO A 980 15.50 -5.27 13.21
C PRO A 980 16.54 -6.02 14.08
N HIS A 981 17.27 -5.28 14.91
CA HIS A 981 18.17 -5.88 15.92
C HIS A 981 17.34 -6.56 17.01
N ILE A 982 17.53 -7.87 17.21
CA ILE A 982 16.65 -8.64 18.12
C ILE A 982 17.34 -9.12 19.41
N ASN B 13 -19.96 -42.48 -60.42
CA ASN B 13 -18.58 -42.69 -60.94
C ASN B 13 -17.71 -43.63 -60.06
N ASN B 14 -17.15 -43.11 -58.96
CA ASN B 14 -16.22 -43.86 -58.10
C ASN B 14 -16.89 -45.08 -57.46
N PRO B 15 -16.21 -46.24 -57.49
CA PRO B 15 -16.83 -47.44 -56.88
C PRO B 15 -16.64 -47.51 -55.37
N ALA B 16 -15.60 -46.85 -54.84
CA ALA B 16 -15.29 -46.86 -53.40
C ALA B 16 -16.29 -46.04 -52.54
N ILE B 17 -17.17 -45.29 -53.21
CA ILE B 17 -18.13 -44.42 -52.57
C ILE B 17 -19.53 -44.96 -52.77
N LYS B 18 -20.14 -45.41 -51.67
CA LYS B 18 -21.54 -45.85 -51.68
C LYS B 18 -22.51 -44.75 -52.17
N ARG B 19 -22.37 -43.54 -51.64
CA ARG B 19 -23.30 -42.44 -51.95
C ARG B 19 -22.74 -41.11 -51.43
N ILE B 20 -23.11 -40.02 -52.11
CA ILE B 20 -22.68 -38.66 -51.78
C ILE B 20 -23.93 -37.93 -51.32
N GLY B 21 -23.80 -37.21 -50.20
CA GLY B 21 -24.91 -36.46 -49.63
C GLY B 21 -25.37 -35.34 -50.54
N ASN B 22 -26.59 -34.87 -50.33
CA ASN B 22 -27.04 -33.63 -50.94
C ASN B 22 -26.36 -32.45 -50.23
N HIS B 23 -26.97 -31.26 -50.34
CA HIS B 23 -26.41 -30.04 -49.76
C HIS B 23 -26.39 -30.12 -48.25
N ILE B 24 -25.20 -29.91 -47.69
CA ILE B 24 -24.99 -29.86 -46.25
C ILE B 24 -25.45 -28.49 -45.76
N THR B 25 -26.63 -28.44 -45.13
CA THR B 25 -27.19 -27.18 -44.62
C THR B 25 -26.21 -26.49 -43.66
N LYS B 26 -25.98 -25.20 -43.91
CA LYS B 26 -24.99 -24.40 -43.18
C LYS B 26 -25.52 -23.00 -42.97
N SER B 27 -24.83 -22.21 -42.16
CA SER B 27 -25.20 -20.80 -41.98
C SER B 27 -24.79 -19.96 -43.19
N PRO B 28 -25.65 -19.00 -43.59
CA PRO B 28 -25.25 -18.13 -44.71
C PRO B 28 -23.96 -17.39 -44.40
N GLU B 29 -23.65 -17.20 -43.12
CA GLU B 29 -22.40 -16.55 -42.71
C GLU B 29 -21.14 -17.46 -42.84
N ASP B 30 -21.34 -18.74 -43.15
CA ASP B 30 -20.25 -19.72 -43.06
C ASP B 30 -19.64 -19.88 -44.45
N LYS B 31 -18.38 -19.46 -44.58
CA LYS B 31 -17.64 -19.44 -45.83
C LYS B 31 -16.95 -20.78 -46.10
N ARG B 32 -16.91 -21.63 -45.09
CA ARG B 32 -16.37 -22.97 -45.25
C ARG B 32 -17.29 -23.78 -46.18
N GLU B 33 -16.70 -24.70 -46.93
CA GLU B 33 -17.46 -25.54 -47.83
C GLU B 33 -17.52 -26.97 -47.34
N TYR B 34 -18.70 -27.58 -47.47
CA TYR B 34 -18.94 -28.91 -46.90
C TYR B 34 -19.42 -29.95 -47.90
N ARG B 35 -18.91 -31.17 -47.73
CA ARG B 35 -19.39 -32.32 -48.49
C ARG B 35 -19.52 -33.55 -47.60
N GLY B 36 -20.69 -34.18 -47.65
CA GLY B 36 -20.90 -35.43 -46.95
C GLY B 36 -20.93 -36.63 -47.88
N LEU B 37 -20.46 -37.77 -47.39
CA LEU B 37 -20.50 -39.00 -48.16
C LEU B 37 -20.37 -40.23 -47.29
N GLU B 38 -20.68 -41.37 -47.89
CA GLU B 38 -20.53 -42.66 -47.23
C GLU B 38 -19.65 -43.53 -48.12
N LEU B 39 -18.54 -44.01 -47.57
CA LEU B 39 -17.66 -44.96 -48.28
C LEU B 39 -18.33 -46.35 -48.38
N ALA B 40 -17.88 -47.15 -49.35
CA ALA B 40 -18.43 -48.48 -49.62
C ALA B 40 -18.32 -49.43 -48.43
N ASN B 41 -17.23 -49.29 -47.64
CA ASN B 41 -17.07 -50.06 -46.41
C ASN B 41 -17.93 -49.61 -45.20
N GLY B 42 -18.88 -48.68 -45.43
CA GLY B 42 -19.80 -48.22 -44.37
C GLY B 42 -19.44 -46.93 -43.64
N ILE B 43 -18.16 -46.52 -43.71
CA ILE B 43 -17.68 -45.26 -43.08
C ILE B 43 -18.44 -44.03 -43.58
N LYS B 44 -19.07 -43.30 -42.64
CA LYS B 44 -19.72 -42.01 -42.97
C LYS B 44 -18.69 -40.88 -42.78
N VAL B 45 -18.74 -39.89 -43.68
CA VAL B 45 -17.67 -38.87 -43.81
C VAL B 45 -18.24 -37.46 -43.99
N LEU B 46 -17.62 -36.49 -43.33
CA LEU B 46 -17.81 -35.08 -43.69
C LEU B 46 -16.48 -34.45 -43.97
N LEU B 47 -16.41 -33.81 -45.14
CA LEU B 47 -15.24 -33.05 -45.57
C LEU B 47 -15.49 -31.57 -45.43
N ILE B 48 -14.51 -30.86 -44.87
CA ILE B 48 -14.63 -29.42 -44.65
C ILE B 48 -13.48 -28.67 -45.31
N SER B 49 -13.80 -27.93 -46.38
CA SER B 49 -12.79 -27.11 -47.07
C SER B 49 -12.78 -25.69 -46.53
N ASP B 50 -11.61 -25.28 -46.02
CA ASP B 50 -11.40 -23.93 -45.47
C ASP B 50 -10.04 -23.37 -45.90
N PRO B 51 -9.98 -22.73 -47.09
CA PRO B 51 -8.72 -22.11 -47.61
C PRO B 51 -8.07 -21.12 -46.62
N THR B 52 -8.90 -20.60 -45.71
CA THR B 52 -8.52 -19.64 -44.65
C THR B 52 -7.73 -20.26 -43.45
N THR B 53 -7.94 -21.57 -43.23
CA THR B 53 -7.48 -22.24 -42.00
C THR B 53 -5.96 -22.24 -41.74
N ASP B 54 -5.57 -22.00 -40.49
CA ASP B 54 -4.17 -22.05 -40.07
C ASP B 54 -3.80 -23.47 -39.70
N LYS B 55 -4.76 -24.17 -39.12
CA LYS B 55 -4.60 -25.58 -38.82
C LYS B 55 -5.68 -26.45 -39.42
N SER B 56 -5.25 -27.59 -39.95
CA SER B 56 -6.14 -28.58 -40.50
C SER B 56 -6.31 -29.67 -39.47
N SER B 57 -7.37 -30.45 -39.62
CA SER B 57 -7.71 -31.43 -38.61
C SER B 57 -8.45 -32.63 -39.18
N ALA B 58 -8.41 -33.72 -38.42
CA ALA B 58 -9.20 -34.90 -38.72
C ALA B 58 -9.59 -35.63 -37.44
N ALA B 59 -10.70 -36.34 -37.50
CA ALA B 59 -11.19 -37.11 -36.36
C ALA B 59 -11.82 -38.39 -36.87
N LEU B 60 -11.66 -39.46 -36.09
CA LEU B 60 -12.38 -40.72 -36.30
C LEU B 60 -13.12 -41.15 -35.03
N ASP B 61 -14.42 -41.37 -35.17
CA ASP B 61 -15.26 -41.83 -34.06
C ASP B 61 -15.78 -43.25 -34.36
N VAL B 62 -15.37 -44.21 -33.52
CA VAL B 62 -15.87 -45.61 -33.54
C VAL B 62 -17.05 -45.73 -32.57
N HIS B 63 -18.20 -46.19 -33.06
CA HIS B 63 -19.42 -46.21 -32.24
C HIS B 63 -19.42 -47.39 -31.29
N ILE B 64 -18.33 -47.49 -30.51
CA ILE B 64 -18.11 -48.54 -29.52
C ILE B 64 -17.35 -47.93 -28.35
N GLY B 65 -17.81 -48.24 -27.13
CA GLY B 65 -17.20 -47.74 -25.92
C GLY B 65 -17.34 -48.69 -24.74
N SER B 66 -17.15 -48.13 -23.55
CA SER B 66 -17.01 -48.90 -22.34
C SER B 66 -18.23 -49.78 -21.98
N LEU B 67 -19.43 -49.40 -22.42
CA LEU B 67 -20.61 -50.24 -22.21
C LEU B 67 -20.46 -51.62 -22.86
N SER B 68 -19.51 -51.73 -23.81
CA SER B 68 -19.22 -52.98 -24.50
C SER B 68 -18.03 -53.72 -23.87
N ASP B 69 -17.45 -53.15 -22.82
CA ASP B 69 -16.36 -53.80 -22.10
C ASP B 69 -16.72 -55.22 -21.68
N PRO B 70 -15.75 -56.16 -21.82
CA PRO B 70 -15.96 -57.53 -21.37
C PRO B 70 -15.92 -57.61 -19.84
N PRO B 71 -16.71 -58.52 -19.24
CA PRO B 71 -16.73 -58.67 -17.77
C PRO B 71 -15.34 -58.93 -17.14
N ASN B 72 -14.44 -59.55 -17.89
CA ASN B 72 -13.12 -59.92 -17.37
C ASN B 72 -12.12 -58.78 -17.30
N ILE B 73 -12.34 -57.73 -18.10
CA ILE B 73 -11.49 -56.53 -18.03
C ILE B 73 -12.34 -55.26 -18.12
N ALA B 74 -12.66 -54.70 -16.95
CA ALA B 74 -13.33 -53.41 -16.89
C ALA B 74 -12.30 -52.35 -17.31
N GLY B 75 -12.71 -51.48 -18.24
CA GLY B 75 -11.83 -50.45 -18.77
C GLY B 75 -11.14 -50.78 -20.09
N LEU B 76 -11.47 -51.91 -20.70
CA LEU B 76 -10.76 -52.38 -21.91
C LEU B 76 -10.89 -51.48 -23.15
N SER B 77 -12.08 -50.90 -23.37
CA SER B 77 -12.28 -49.96 -24.47
C SER B 77 -11.31 -48.78 -24.36
N HIS B 78 -11.23 -48.24 -23.15
CA HIS B 78 -10.33 -47.17 -22.81
C HIS B 78 -8.88 -47.57 -22.95
N PHE B 79 -8.54 -48.77 -22.49
CA PHE B 79 -7.16 -49.24 -22.57
C PHE B 79 -6.72 -49.34 -24.01
N LEU B 80 -7.62 -49.86 -24.84
CA LEU B 80 -7.37 -50.01 -26.26
C LEU B 80 -7.10 -48.66 -26.94
N GLN B 81 -7.83 -47.63 -26.51
CA GLN B 81 -7.68 -46.25 -26.98
C GLN B 81 -6.21 -45.85 -26.88
N HIS B 82 -5.58 -46.22 -25.77
CA HIS B 82 -4.15 -45.99 -25.56
C HIS B 82 -3.27 -46.85 -26.43
N MET B 83 -3.57 -48.15 -26.50
CA MET B 83 -2.72 -49.10 -27.21
C MET B 83 -2.79 -49.04 -28.74
N LEU B 84 -3.87 -48.45 -29.29
CA LEU B 84 -4.09 -48.46 -30.75
C LEU B 84 -3.12 -47.56 -31.52
N PHE B 85 -2.79 -46.41 -30.93
CA PHE B 85 -1.91 -45.45 -31.58
C PHE B 85 -0.45 -45.65 -31.16
N LEU B 86 -0.03 -46.91 -31.04
CA LEU B 86 1.35 -47.21 -30.66
C LEU B 86 2.00 -48.07 -31.73
N GLY B 87 2.37 -47.43 -32.83
CA GLY B 87 3.04 -48.12 -33.92
C GLY B 87 2.09 -48.84 -34.86
N THR B 88 2.42 -48.76 -36.15
CA THR B 88 1.65 -49.32 -37.25
C THR B 88 2.66 -50.00 -38.20
N LYS B 89 2.22 -50.93 -39.02
CA LYS B 89 3.21 -51.66 -39.82
C LYS B 89 3.90 -50.74 -40.85
N LYS B 90 3.17 -49.76 -41.38
CA LYS B 90 3.77 -48.73 -42.25
C LYS B 90 4.76 -47.83 -41.51
N TYR B 91 4.44 -47.49 -40.25
CA TYR B 91 5.32 -46.64 -39.43
C TYR B 91 5.67 -47.32 -38.09
N PRO B 92 6.59 -48.31 -38.13
CA PRO B 92 6.92 -49.14 -36.96
C PRO B 92 7.23 -48.38 -35.65
N LYS B 93 7.96 -47.26 -35.73
CA LYS B 93 8.35 -46.47 -34.56
C LYS B 93 7.15 -46.02 -33.71
N GLU B 94 7.20 -46.38 -32.43
CA GLU B 94 6.12 -46.15 -31.46
C GLU B 94 5.66 -44.68 -31.32
N ASN B 95 6.59 -43.74 -31.31
CA ASN B 95 6.27 -42.32 -31.09
C ASN B 95 6.21 -41.49 -32.37
N GLU B 96 6.14 -42.16 -33.52
CA GLU B 96 6.17 -41.51 -34.85
C GLU B 96 5.10 -40.44 -35.04
N TYR B 97 3.84 -40.84 -34.83
CA TYR B 97 2.65 -39.97 -34.92
C TYR B 97 2.74 -38.70 -34.05
N SER B 98 3.03 -38.87 -32.75
CA SER B 98 3.25 -37.74 -31.85
C SER B 98 4.40 -36.83 -32.32
N GLN B 99 5.48 -37.43 -32.78
CA GLN B 99 6.67 -36.69 -33.25
C GLN B 99 6.42 -35.92 -34.54
N PHE B 100 5.81 -36.57 -35.53
CA PHE B 100 5.35 -35.87 -36.74
C PHE B 100 4.45 -34.68 -36.42
N LEU B 101 3.48 -34.86 -35.52
CA LEU B 101 2.61 -33.76 -35.12
C LEU B 101 3.38 -32.67 -34.41
N SER B 102 4.24 -33.08 -33.48
CA SER B 102 5.12 -32.16 -32.75
C SER B 102 5.97 -31.25 -33.67
N GLU B 103 6.50 -31.84 -34.75
CA GLU B 103 7.39 -31.15 -35.68
C GLU B 103 6.62 -30.23 -36.60
N HIS B 104 5.30 -30.45 -36.73
CA HIS B 104 4.51 -29.67 -37.68
C HIS B 104 3.38 -28.94 -37.02
N ALA B 105 3.69 -28.39 -35.85
CA ALA B 105 2.79 -27.52 -35.10
C ALA B 105 1.40 -28.13 -34.86
N GLY B 106 1.38 -29.44 -34.60
CA GLY B 106 0.12 -30.16 -34.40
C GLY B 106 -0.13 -30.64 -32.97
N SER B 107 -1.25 -31.32 -32.78
CA SER B 107 -1.58 -31.93 -31.48
C SER B 107 -2.59 -33.04 -31.71
N SER B 108 -2.69 -33.94 -30.75
CA SER B 108 -3.65 -35.04 -30.82
C SER B 108 -4.26 -35.33 -29.46
N ASN B 109 -5.39 -36.03 -29.48
CA ASN B 109 -6.03 -36.48 -28.28
C ASN B 109 -7.09 -37.51 -28.62
N ALA B 110 -7.65 -38.14 -27.59
CA ALA B 110 -8.68 -39.13 -27.78
C ALA B 110 -9.55 -39.21 -26.52
N PHE B 111 -10.72 -39.82 -26.67
CA PHE B 111 -11.56 -40.06 -25.51
C PHE B 111 -12.41 -41.29 -25.74
N THR B 112 -12.74 -41.96 -24.64
CA THR B 112 -13.61 -43.13 -24.68
C THR B 112 -14.83 -42.83 -23.83
N SER B 113 -16.02 -42.97 -24.42
CA SER B 113 -17.25 -42.80 -23.66
C SER B 113 -17.94 -44.16 -23.59
N GLY B 114 -19.25 -44.17 -23.32
CA GLY B 114 -19.96 -45.43 -23.13
C GLY B 114 -20.18 -46.12 -24.45
N GLU B 115 -20.35 -45.31 -25.50
CA GLU B 115 -20.69 -45.85 -26.81
C GLU B 115 -19.77 -45.38 -27.96
N HIS B 116 -18.73 -44.62 -27.63
CA HIS B 116 -17.86 -44.02 -28.62
C HIS B 116 -16.43 -44.03 -28.19
N THR B 117 -15.53 -44.25 -29.15
CA THR B 117 -14.11 -43.95 -28.99
C THR B 117 -13.72 -43.02 -30.14
N ASN B 118 -13.34 -41.79 -29.76
CA ASN B 118 -13.12 -40.65 -30.67
C ASN B 118 -11.62 -40.28 -30.67
N TYR B 119 -10.99 -40.41 -31.85
CA TYR B 119 -9.56 -40.10 -32.02
C TYR B 119 -9.46 -38.86 -32.90
N TYR B 120 -8.62 -37.89 -32.52
CA TYR B 120 -8.48 -36.64 -33.28
C TYR B 120 -7.10 -35.97 -33.23
N PHE B 121 -6.82 -35.14 -34.22
CA PHE B 121 -5.57 -34.39 -34.26
C PHE B 121 -5.78 -33.08 -35.00
N ASP B 122 -4.92 -32.11 -34.71
CA ASP B 122 -4.75 -30.96 -35.62
C ASP B 122 -3.29 -30.86 -36.09
N VAL B 123 -3.07 -30.19 -37.23
CA VAL B 123 -1.72 -29.99 -37.76
C VAL B 123 -1.66 -28.70 -38.61
N SER B 124 -0.46 -28.17 -38.82
CA SER B 124 -0.26 -27.07 -39.77
C SER B 124 -0.87 -27.44 -41.13
N HIS B 125 -1.58 -26.50 -41.75
CA HIS B 125 -2.31 -26.74 -43.00
C HIS B 125 -1.51 -27.35 -44.12
N GLU B 126 -0.19 -27.15 -44.12
CA GLU B 126 0.67 -27.71 -45.17
C GLU B 126 0.86 -29.21 -45.05
N HIS B 127 0.58 -29.76 -43.87
CA HIS B 127 0.95 -31.13 -43.58
C HIS B 127 -0.20 -32.06 -43.26
N LEU B 128 -1.36 -31.79 -43.86
CA LEU B 128 -2.55 -32.58 -43.59
C LEU B 128 -2.36 -34.01 -44.04
N GLU B 129 -1.79 -34.19 -45.24
CA GLU B 129 -1.65 -35.52 -45.83
C GLU B 129 -0.73 -36.44 -45.03
N GLY B 130 0.44 -35.92 -44.63
CA GLY B 130 1.44 -36.67 -43.87
C GLY B 130 0.91 -37.07 -42.51
N ALA B 131 0.13 -36.16 -41.90
CA ALA B 131 -0.56 -36.44 -40.64
C ALA B 131 -1.67 -37.49 -40.81
N LEU B 132 -2.55 -37.28 -41.78
CA LEU B 132 -3.67 -38.18 -42.02
C LEU B 132 -3.25 -39.60 -42.41
N ASP B 133 -2.18 -39.71 -43.20
CA ASP B 133 -1.64 -41.01 -43.62
C ASP B 133 -1.27 -41.80 -42.38
N ARG B 134 -0.49 -41.19 -41.49
CA ARG B 134 -0.12 -41.80 -40.22
C ARG B 134 -1.35 -42.16 -39.37
N PHE B 135 -2.37 -41.30 -39.41
CA PHE B 135 -3.63 -41.52 -38.66
C PHE B 135 -4.38 -42.74 -39.20
N ALA B 136 -4.56 -42.78 -40.52
CA ALA B 136 -5.30 -43.83 -41.21
C ALA B 136 -4.74 -45.24 -41.01
N GLN B 137 -3.41 -45.34 -40.90
CA GLN B 137 -2.73 -46.61 -40.71
C GLN B 137 -3.18 -47.33 -39.43
N PHE B 138 -3.57 -46.56 -38.42
CA PHE B 138 -4.00 -47.14 -37.13
C PHE B 138 -5.29 -47.93 -37.28
N PHE B 139 -6.00 -47.68 -38.37
CA PHE B 139 -7.24 -48.37 -38.66
C PHE B 139 -7.06 -49.32 -39.86
N LEU B 140 -5.79 -49.60 -40.17
CA LEU B 140 -5.43 -50.54 -41.23
C LEU B 140 -4.50 -51.66 -40.74
N SER B 141 -3.41 -51.30 -40.06
CA SER B 141 -2.40 -52.25 -39.60
C SER B 141 -1.74 -51.90 -38.25
N PRO B 142 -2.55 -51.72 -37.19
CA PRO B 142 -1.97 -51.35 -35.89
C PRO B 142 -1.13 -52.47 -35.24
N LEU B 143 -0.09 -52.09 -34.49
CA LEU B 143 0.87 -53.07 -33.95
C LEU B 143 0.78 -53.30 -32.44
N PHE B 144 0.30 -52.29 -31.70
CA PHE B 144 0.11 -52.40 -30.25
C PHE B 144 1.39 -52.81 -29.49
N ASP B 145 2.47 -52.04 -29.63
CA ASP B 145 3.77 -52.39 -29.02
C ASP B 145 3.72 -52.90 -27.57
N GLU B 146 4.11 -54.17 -27.35
CA GLU B 146 4.13 -54.80 -26.00
C GLU B 146 5.00 -54.02 -25.03
N SER B 147 6.01 -53.36 -25.56
CA SER B 147 6.93 -52.56 -24.77
C SER B 147 6.19 -51.45 -24.03
N ALA B 148 5.04 -51.02 -24.57
CA ALA B 148 4.26 -49.91 -24.00
C ALA B 148 3.08 -50.31 -23.09
N LYS B 149 2.75 -51.61 -23.03
CA LYS B 149 1.70 -52.14 -22.14
C LYS B 149 1.82 -51.58 -20.72
N ASP B 150 2.97 -51.75 -20.09
CA ASP B 150 3.18 -51.30 -18.70
C ASP B 150 3.03 -49.79 -18.51
N ARG B 151 3.56 -49.03 -19.47
CA ARG B 151 3.47 -47.57 -19.43
C ARG B 151 2.02 -47.08 -19.59
N GLU B 152 1.27 -47.73 -20.48
CA GLU B 152 -0.13 -47.38 -20.74
C GLU B 152 -1.07 -47.72 -19.58
N VAL B 153 -0.85 -48.88 -18.96
CA VAL B 153 -1.55 -49.30 -17.73
C VAL B 153 -1.33 -48.23 -16.64
N ASN B 154 -0.09 -47.75 -16.47
CA ASN B 154 0.18 -46.71 -15.48
C ASN B 154 -0.46 -45.38 -15.80
N ALA B 155 -0.60 -45.13 -17.11
CA ALA B 155 -1.31 -43.96 -17.61
C ALA B 155 -2.79 -44.03 -17.24
N VAL B 156 -3.45 -45.15 -17.56
CA VAL B 156 -4.84 -45.40 -17.17
C VAL B 156 -5.04 -45.30 -15.63
N ASP B 157 -4.09 -45.84 -14.87
CA ASP B 157 -4.17 -45.84 -13.41
C ASP B 157 -4.04 -44.44 -12.82
N SER B 158 -3.20 -43.63 -13.44
CA SER B 158 -3.01 -42.23 -13.04
C SER B 158 -4.27 -41.42 -13.25
N GLU B 159 -4.94 -41.64 -14.39
CA GLU B 159 -6.19 -40.97 -14.74
C GLU B 159 -7.25 -41.29 -13.70
N HIS B 160 -7.48 -42.59 -13.46
CA HIS B 160 -8.44 -43.01 -12.46
C HIS B 160 -8.11 -42.46 -11.10
N GLU B 161 -6.86 -42.61 -10.67
CA GLU B 161 -6.43 -42.13 -9.34
C GLU B 161 -6.72 -40.63 -9.15
N LYS B 162 -6.72 -39.90 -10.27
CA LYS B 162 -7.03 -38.46 -10.29
C LYS B 162 -8.53 -38.26 -10.08
N ASN B 163 -9.32 -39.08 -10.79
CA ASN B 163 -10.77 -39.05 -10.68
C ASN B 163 -11.25 -39.39 -9.26
N VAL B 164 -10.52 -40.28 -8.60
CA VAL B 164 -10.87 -40.74 -7.25
C VAL B 164 -11.18 -39.60 -6.29
N MET B 165 -10.41 -38.52 -6.39
CA MET B 165 -10.54 -37.45 -5.41
C MET B 165 -11.45 -36.31 -5.90
N ASN B 166 -12.22 -36.61 -6.95
CA ASN B 166 -13.11 -35.66 -7.60
C ASN B 166 -14.58 -36.05 -7.36
N ASP B 167 -15.29 -35.21 -6.61
CA ASP B 167 -16.71 -35.41 -6.31
C ASP B 167 -17.66 -35.71 -7.48
N ALA B 168 -17.43 -35.12 -8.64
CA ALA B 168 -18.31 -35.38 -9.77
C ALA B 168 -18.13 -36.79 -10.34
N TRP B 169 -16.91 -37.32 -10.27
CA TRP B 169 -16.65 -38.66 -10.81
C TRP B 169 -17.14 -39.74 -9.88
N ARG B 170 -17.02 -39.45 -8.59
CA ARG B 170 -17.59 -40.27 -7.52
C ARG B 170 -19.09 -40.46 -7.75
N LEU B 171 -19.81 -39.34 -7.81
CA LEU B 171 -21.26 -39.33 -8.02
C LEU B 171 -21.69 -40.07 -9.28
N PHE B 172 -20.92 -39.87 -10.35
CA PHE B 172 -21.19 -40.46 -11.64
C PHE B 172 -21.16 -41.98 -11.57
N GLN B 173 -20.18 -42.51 -10.84
CA GLN B 173 -20.05 -43.97 -10.71
C GLN B 173 -21.00 -44.53 -9.66
N LEU B 174 -21.16 -43.84 -8.55
CA LEU B 174 -22.15 -44.23 -7.53
C LEU B 174 -23.56 -44.34 -8.14
N GLU B 175 -23.93 -43.39 -9.00
CA GLU B 175 -25.21 -43.44 -9.71
C GLU B 175 -25.31 -44.72 -10.52
N LYS B 176 -24.25 -45.05 -11.24
CA LYS B 176 -24.17 -46.30 -12.00
C LYS B 176 -24.28 -47.58 -11.14
N ALA B 177 -23.68 -47.56 -9.94
CA ALA B 177 -23.71 -48.67 -9.00
C ALA B 177 -25.04 -48.81 -8.20
N THR B 178 -25.97 -47.85 -8.34
CA THR B 178 -27.24 -47.97 -7.64
C THR B 178 -28.39 -48.20 -8.63
N GLY B 179 -28.03 -48.51 -9.87
CA GLY B 179 -29.01 -48.96 -10.85
C GLY B 179 -28.97 -50.46 -10.85
N ASN B 180 -29.53 -51.08 -11.89
CA ASN B 180 -29.49 -52.51 -12.04
C ASN B 180 -28.05 -52.97 -12.32
N PRO B 181 -27.46 -53.78 -11.41
CA PRO B 181 -26.05 -54.18 -11.58
C PRO B 181 -25.81 -55.09 -12.79
N LYS B 182 -26.90 -55.60 -13.35
CA LYS B 182 -26.82 -56.49 -14.50
C LYS B 182 -26.78 -55.71 -15.81
N HIS B 183 -27.15 -54.42 -15.75
CA HIS B 183 -27.17 -53.56 -16.93
C HIS B 183 -25.79 -53.05 -17.24
N PRO B 184 -25.38 -53.02 -18.52
CA PRO B 184 -24.04 -52.47 -18.86
C PRO B 184 -23.74 -51.08 -18.26
N PHE B 185 -24.77 -50.26 -18.06
CA PHE B 185 -24.66 -48.95 -17.38
C PHE B 185 -23.89 -48.98 -16.06
N SER B 186 -23.95 -50.11 -15.35
CA SER B 186 -23.20 -50.27 -14.09
C SER B 186 -21.68 -50.46 -14.28
N LYS B 187 -21.24 -50.76 -15.50
CA LYS B 187 -19.77 -50.96 -15.75
C LYS B 187 -18.88 -49.80 -15.29
N PHE B 188 -17.74 -50.16 -14.71
CA PHE B 188 -16.63 -49.21 -14.50
C PHE B 188 -15.87 -49.11 -15.84
N GLY B 189 -15.73 -47.88 -16.34
CA GLY B 189 -15.31 -47.66 -17.73
C GLY B 189 -13.86 -47.24 -17.90
N THR B 190 -13.32 -46.60 -16.89
CA THR B 190 -11.95 -46.14 -16.93
C THR B 190 -10.93 -47.28 -16.94
N GLY B 191 -11.02 -48.18 -15.95
CA GLY B 191 -9.96 -49.15 -15.71
C GLY B 191 -9.00 -48.57 -14.70
N ASN B 192 -8.15 -49.43 -14.13
CA ASN B 192 -7.02 -49.03 -13.30
C ASN B 192 -5.98 -50.17 -13.27
N LYS B 193 -4.95 -50.02 -12.43
CA LYS B 193 -3.91 -51.05 -12.29
C LYS B 193 -4.57 -52.40 -11.97
N TYR B 194 -5.44 -52.39 -10.95
CA TYR B 194 -6.21 -53.57 -10.58
C TYR B 194 -6.88 -54.28 -11.76
N THR B 195 -7.67 -53.56 -12.56
CA THR B 195 -8.42 -54.25 -13.63
C THR B 195 -7.57 -54.60 -14.85
N LEU B 196 -6.42 -53.93 -14.97
CA LEU B 196 -5.56 -54.17 -16.14
C LEU B 196 -4.31 -55.02 -15.83
N GLU B 197 -3.92 -55.07 -14.57
CA GLU B 197 -2.76 -55.84 -14.14
C GLU B 197 -3.09 -56.79 -12.98
N THR B 198 -3.28 -56.21 -11.79
CA THR B 198 -3.49 -56.97 -10.56
C THR B 198 -4.47 -58.15 -10.74
N ARG B 199 -5.66 -57.92 -11.30
CA ARG B 199 -6.64 -59.01 -11.51
C ARG B 199 -6.27 -60.00 -12.63
N PRO B 200 -6.04 -59.53 -13.88
CA PRO B 200 -5.84 -60.57 -14.92
C PRO B 200 -4.59 -61.45 -14.72
N ASN B 201 -3.65 -61.01 -13.89
CA ASN B 201 -2.53 -61.87 -13.50
C ASN B 201 -2.98 -63.02 -12.59
N GLN B 202 -3.52 -62.68 -11.42
CA GLN B 202 -4.09 -63.66 -10.48
C GLN B 202 -5.02 -64.69 -11.13
N GLU B 203 -5.63 -64.35 -12.26
CA GLU B 203 -6.61 -65.22 -12.93
C GLU B 203 -6.04 -65.86 -14.19
N GLY B 204 -4.75 -65.65 -14.43
CA GLY B 204 -4.05 -66.14 -15.63
C GLY B 204 -4.61 -65.65 -16.96
N ILE B 205 -5.02 -64.38 -17.00
CA ILE B 205 -5.59 -63.82 -18.24
C ILE B 205 -4.54 -63.04 -19.03
N ASP B 206 -4.44 -63.34 -20.32
CA ASP B 206 -3.55 -62.58 -21.18
C ASP B 206 -4.25 -61.30 -21.67
N VAL B 207 -3.85 -60.16 -21.07
CA VAL B 207 -4.43 -58.86 -21.36
C VAL B 207 -4.39 -58.53 -22.86
N ARG B 208 -3.19 -58.58 -23.44
CA ARG B 208 -2.98 -58.24 -24.84
C ARG B 208 -3.82 -59.15 -25.74
N GLN B 209 -3.89 -60.43 -25.39
CA GLN B 209 -4.68 -61.39 -26.17
C GLN B 209 -6.17 -61.07 -26.13
N GLU B 210 -6.64 -60.61 -24.97
CA GLU B 210 -8.04 -60.15 -24.82
C GLU B 210 -8.26 -58.84 -25.59
N LEU B 211 -7.29 -57.93 -25.48
CA LEU B 211 -7.30 -56.67 -26.22
C LEU B 211 -7.48 -56.85 -27.73
N LEU B 212 -6.73 -57.78 -28.30
CA LEU B 212 -6.82 -58.06 -29.73
C LEU B 212 -8.16 -58.70 -30.11
N LYS B 213 -8.76 -59.46 -29.18
CA LYS B 213 -10.04 -60.12 -29.42
C LYS B 213 -11.16 -59.06 -29.55
N PHE B 214 -11.06 -58.04 -28.70
CA PHE B 214 -12.03 -56.94 -28.62
C PHE B 214 -11.94 -56.10 -29.90
N HIS B 215 -10.72 -55.72 -30.24
CA HIS B 215 -10.43 -54.94 -31.44
C HIS B 215 -10.96 -55.63 -32.65
N SER B 216 -10.63 -56.91 -32.77
CA SER B 216 -10.99 -57.74 -33.91
C SER B 216 -12.51 -57.81 -34.08
N ALA B 217 -13.22 -57.94 -32.96
CA ALA B 217 -14.65 -58.14 -32.99
C ALA B 217 -15.40 -56.82 -33.17
N TYR B 218 -14.88 -55.74 -32.60
CA TYR B 218 -15.60 -54.45 -32.58
C TYR B 218 -15.19 -53.35 -33.57
N TYR B 219 -13.90 -53.25 -33.92
CA TYR B 219 -13.42 -52.16 -34.81
C TYR B 219 -13.69 -52.47 -36.26
N SER B 220 -14.87 -52.05 -36.72
CA SER B 220 -15.37 -52.31 -38.07
C SER B 220 -15.77 -50.99 -38.70
N SER B 221 -15.36 -50.82 -39.95
CA SER B 221 -15.64 -49.61 -40.72
C SER B 221 -17.14 -49.23 -40.74
N ASN B 222 -18.02 -50.21 -40.63
CA ASN B 222 -19.46 -49.95 -40.68
C ASN B 222 -19.95 -49.16 -39.45
N LEU B 223 -19.12 -49.12 -38.42
CA LEU B 223 -19.40 -48.37 -37.19
C LEU B 223 -18.49 -47.15 -37.03
N MET B 224 -17.80 -46.78 -38.11
CA MET B 224 -16.84 -45.66 -38.04
C MET B 224 -17.29 -44.40 -38.79
N ALA B 225 -16.82 -43.25 -38.31
CA ALA B 225 -17.16 -41.97 -38.90
C ALA B 225 -15.95 -41.06 -38.87
N VAL B 226 -15.66 -40.46 -40.02
CA VAL B 226 -14.44 -39.69 -40.24
C VAL B 226 -14.80 -38.26 -40.66
N VAL B 227 -14.10 -37.29 -40.08
CA VAL B 227 -14.23 -35.88 -40.50
C VAL B 227 -12.86 -35.29 -40.78
N VAL B 228 -12.71 -34.70 -41.97
CA VAL B 228 -11.46 -34.05 -42.38
C VAL B 228 -11.66 -32.59 -42.79
N LEU B 229 -10.90 -31.71 -42.14
CA LEU B 229 -10.91 -30.30 -42.43
C LEU B 229 -9.55 -29.85 -42.96
N GLY B 230 -9.54 -29.22 -44.14
CA GLY B 230 -8.29 -28.67 -44.68
C GLY B 230 -8.48 -27.48 -45.61
N ARG B 231 -7.36 -26.89 -46.01
CA ARG B 231 -7.38 -25.82 -47.03
C ARG B 231 -7.70 -26.40 -48.40
N GLU B 232 -7.36 -27.67 -48.64
CA GLU B 232 -7.66 -28.35 -49.90
C GLU B 232 -9.15 -28.22 -50.30
N SER B 233 -9.43 -28.32 -51.60
CA SER B 233 -10.81 -28.29 -52.12
C SER B 233 -11.57 -29.55 -51.71
N LEU B 234 -12.89 -29.48 -51.81
CA LEU B 234 -13.73 -30.65 -51.60
C LEU B 234 -13.30 -31.92 -52.39
N ASP B 235 -13.04 -31.75 -53.69
CA ASP B 235 -12.60 -32.87 -54.55
C ASP B 235 -11.24 -33.47 -54.11
N ASP B 236 -10.33 -32.61 -53.65
CA ASP B 236 -9.03 -33.12 -53.20
C ASP B 236 -9.19 -33.88 -51.89
N LEU B 237 -10.09 -33.39 -51.03
CA LEU B 237 -10.37 -34.03 -49.74
C LEU B 237 -11.09 -35.36 -50.00
N THR B 238 -12.04 -35.34 -50.92
CA THR B 238 -12.73 -36.56 -51.34
C THR B 238 -11.72 -37.68 -51.67
N ASN B 239 -10.81 -37.39 -52.61
CA ASN B 239 -9.79 -38.35 -53.08
C ASN B 239 -8.89 -38.87 -51.98
N LEU B 240 -8.36 -37.95 -51.19
CA LEU B 240 -7.50 -38.26 -50.07
C LEU B 240 -8.17 -39.23 -49.09
N VAL B 241 -9.44 -38.97 -48.75
CA VAL B 241 -10.17 -39.78 -47.77
C VAL B 241 -10.53 -41.15 -48.35
N VAL B 242 -10.96 -41.15 -49.62
CA VAL B 242 -11.11 -42.41 -50.36
C VAL B 242 -9.79 -43.19 -50.35
N LYS B 243 -8.70 -42.53 -50.74
CA LYS B 243 -7.38 -43.18 -50.75
C LYS B 243 -7.04 -43.84 -49.42
N LEU B 244 -7.26 -43.13 -48.30
CA LEU B 244 -6.71 -43.59 -47.02
C LEU B 244 -7.65 -44.44 -46.14
N PHE B 245 -8.94 -44.45 -46.47
CA PHE B 245 -9.94 -45.10 -45.58
C PHE B 245 -10.87 -46.10 -46.26
N SER B 246 -10.79 -46.23 -47.58
CA SER B 246 -11.61 -47.24 -48.25
C SER B 246 -11.14 -48.68 -47.97
N GLU B 247 -9.91 -48.84 -47.48
CA GLU B 247 -9.35 -50.14 -47.12
C GLU B 247 -9.66 -50.65 -45.72
N VAL B 248 -10.15 -49.79 -44.82
CA VAL B 248 -10.51 -50.24 -43.46
C VAL B 248 -11.56 -51.35 -43.50
N GLU B 249 -11.29 -52.43 -42.76
CA GLU B 249 -12.09 -53.63 -42.80
C GLU B 249 -13.50 -53.46 -42.26
N ASN B 250 -14.46 -54.04 -42.99
CA ASN B 250 -15.89 -54.04 -42.67
C ASN B 250 -16.31 -55.41 -42.16
N LYS B 251 -16.65 -55.51 -40.88
CA LYS B 251 -17.04 -56.79 -40.32
C LYS B 251 -18.53 -56.79 -39.95
N ASN B 252 -19.29 -55.85 -40.52
CA ASN B 252 -20.75 -55.70 -40.29
C ASN B 252 -21.25 -55.91 -38.87
N VAL B 253 -20.52 -55.35 -37.92
CA VAL B 253 -20.86 -55.43 -36.51
C VAL B 253 -22.18 -54.69 -36.25
N PRO B 254 -23.18 -55.39 -35.64
CA PRO B 254 -24.45 -54.73 -35.29
C PRO B 254 -24.20 -53.70 -34.19
N LEU B 255 -24.95 -52.59 -34.24
CA LEU B 255 -24.77 -51.51 -33.28
C LEU B 255 -25.44 -51.86 -31.96
N PRO B 256 -24.66 -51.91 -30.85
CA PRO B 256 -25.20 -52.16 -29.52
C PRO B 256 -26.36 -51.22 -29.14
N GLU B 257 -27.37 -51.77 -28.51
CA GLU B 257 -28.56 -51.01 -28.08
C GLU B 257 -28.93 -51.41 -26.67
N PHE B 258 -29.54 -50.49 -25.93
CA PHE B 258 -29.86 -50.73 -24.53
C PHE B 258 -31.29 -50.30 -24.21
N PRO B 259 -32.31 -50.99 -24.80
CA PRO B 259 -33.70 -50.55 -24.65
C PRO B 259 -34.27 -50.70 -23.22
N GLU B 260 -33.67 -51.56 -22.41
CA GLU B 260 -34.09 -51.66 -21.03
C GLU B 260 -33.34 -50.64 -20.17
N HIS B 261 -34.12 -49.86 -19.41
CA HIS B 261 -33.60 -48.80 -18.58
C HIS B 261 -32.87 -49.40 -17.40
N PRO B 262 -31.68 -48.85 -17.06
CA PRO B 262 -30.94 -49.40 -15.93
C PRO B 262 -31.62 -49.13 -14.59
N PHE B 263 -32.58 -48.21 -14.58
CA PHE B 263 -33.36 -47.96 -13.37
C PHE B 263 -34.72 -48.66 -13.53
N GLN B 264 -34.91 -49.76 -12.82
CA GLN B 264 -36.17 -50.54 -12.82
C GLN B 264 -36.94 -50.27 -11.53
N GLU B 265 -38.05 -50.98 -11.29
CA GLU B 265 -38.98 -50.66 -10.20
C GLU B 265 -38.31 -50.55 -8.83
N GLU B 266 -37.48 -51.54 -8.51
CA GLU B 266 -36.78 -51.60 -7.23
C GLU B 266 -35.67 -50.54 -7.10
N HIS B 267 -35.45 -49.74 -8.14
CA HIS B 267 -34.45 -48.68 -8.10
C HIS B 267 -35.11 -47.33 -8.04
N LEU B 268 -36.44 -47.35 -8.02
CA LEU B 268 -37.22 -46.12 -7.96
C LEU B 268 -37.73 -45.89 -6.55
N LYS B 269 -38.17 -44.67 -6.25
CA LYS B 269 -38.59 -44.31 -4.90
C LYS B 269 -37.50 -44.61 -3.86
N GLN B 270 -36.25 -44.41 -4.27
CA GLN B 270 -35.07 -44.63 -3.45
C GLN B 270 -34.42 -43.31 -3.05
N LEU B 271 -33.83 -43.31 -1.86
CA LEU B 271 -33.18 -42.14 -1.32
C LEU B 271 -31.73 -42.47 -0.98
N TYR B 272 -30.82 -41.65 -1.49
CA TYR B 272 -29.40 -41.86 -1.21
C TYR B 272 -28.86 -40.69 -0.41
N LYS B 273 -28.06 -41.02 0.62
CA LYS B 273 -27.36 -40.01 1.43
C LYS B 273 -25.86 -40.25 1.29
N ILE B 274 -25.13 -39.23 0.78
CA ILE B 274 -23.75 -39.42 0.25
C ILE B 274 -22.77 -38.45 0.92
N VAL B 275 -21.57 -38.94 1.24
CA VAL B 275 -20.52 -38.13 1.88
C VAL B 275 -19.60 -37.59 0.80
N PRO B 276 -19.50 -36.24 0.69
CA PRO B 276 -18.61 -35.65 -0.31
C PRO B 276 -17.21 -35.36 0.27
N ILE B 277 -16.25 -35.16 -0.62
CA ILE B 277 -14.91 -34.66 -0.27
C ILE B 277 -14.91 -33.18 0.14
N LYS B 278 -15.46 -32.31 -0.72
CA LYS B 278 -15.61 -30.90 -0.40
C LYS B 278 -16.79 -30.71 0.54
N ASP B 279 -16.80 -29.60 1.29
CA ASP B 279 -17.96 -29.28 2.11
C ASP B 279 -19.06 -28.66 1.23
N ILE B 280 -19.70 -29.51 0.44
CA ILE B 280 -20.79 -29.07 -0.46
C ILE B 280 -22.11 -29.68 -0.03
N ARG B 281 -23.21 -28.96 -0.23
CA ARG B 281 -24.54 -29.49 0.05
C ARG B 281 -25.38 -29.43 -1.20
N ASN B 282 -25.67 -30.60 -1.76
CA ASN B 282 -26.40 -30.69 -3.04
C ASN B 282 -27.53 -31.70 -3.02
N LEU B 283 -28.60 -31.40 -3.76
CA LEU B 283 -29.71 -32.33 -3.93
C LEU B 283 -29.87 -32.65 -5.40
N TYR B 284 -29.97 -33.95 -5.69
CA TYR B 284 -30.14 -34.44 -7.05
C TYR B 284 -31.41 -35.26 -7.14
N VAL B 285 -32.33 -34.77 -7.96
CA VAL B 285 -33.56 -35.45 -8.26
C VAL B 285 -33.53 -35.95 -9.73
N THR B 286 -33.75 -37.25 -9.92
CA THR B 286 -33.60 -37.91 -11.23
C THR B 286 -34.80 -38.76 -11.56
N PHE B 287 -35.21 -38.74 -12.83
CA PHE B 287 -36.31 -39.54 -13.33
C PHE B 287 -35.80 -40.32 -14.53
N PRO B 288 -36.09 -41.63 -14.62
CA PRO B 288 -35.82 -42.40 -15.83
C PRO B 288 -36.76 -41.97 -16.95
N ILE B 289 -36.23 -41.87 -18.17
CA ILE B 289 -37.06 -41.52 -19.31
C ILE B 289 -36.64 -42.33 -20.53
N PRO B 290 -37.55 -42.52 -21.49
CA PRO B 290 -37.12 -43.21 -22.71
C PRO B 290 -36.11 -42.34 -23.49
N ASP B 291 -35.33 -42.97 -24.39
CA ASP B 291 -34.41 -42.25 -25.27
C ASP B 291 -35.17 -41.30 -26.20
N LEU B 292 -34.87 -40.00 -26.11
CA LEU B 292 -35.62 -38.98 -26.86
C LEU B 292 -34.85 -38.50 -28.08
N GLN B 293 -33.68 -39.09 -28.32
CA GLN B 293 -32.81 -38.66 -29.41
C GLN B 293 -33.58 -38.53 -30.75
N LYS B 294 -34.38 -39.53 -31.07
CA LYS B 294 -35.14 -39.55 -32.30
C LYS B 294 -36.17 -38.41 -32.42
N TYR B 295 -36.57 -37.77 -31.31
CA TYR B 295 -37.45 -36.61 -31.38
C TYR B 295 -36.76 -35.24 -31.59
N TYR B 296 -35.55 -35.25 -32.15
CA TYR B 296 -34.71 -34.08 -32.15
C TYR B 296 -35.28 -32.88 -32.88
N LYS B 297 -36.09 -33.12 -33.92
CA LYS B 297 -36.70 -32.01 -34.66
C LYS B 297 -37.73 -31.22 -33.79
N SER B 298 -38.20 -31.81 -32.72
CA SER B 298 -39.10 -31.06 -31.82
C SER B 298 -38.51 -30.87 -30.41
N ASN B 299 -37.51 -31.71 -30.09
CA ASN B 299 -36.79 -31.74 -28.81
C ASN B 299 -37.62 -31.46 -27.53
N PRO B 300 -38.48 -32.41 -27.11
CA PRO B 300 -39.38 -32.12 -26.00
C PRO B 300 -38.71 -31.99 -24.63
N GLY B 301 -37.54 -32.62 -24.48
CA GLY B 301 -36.74 -32.53 -23.26
C GLY B 301 -36.16 -31.15 -23.09
N HIS B 302 -35.83 -30.51 -24.21
CA HIS B 302 -35.28 -29.18 -24.20
C HIS B 302 -36.34 -28.24 -23.75
N TYR B 303 -37.55 -28.37 -24.31
CA TYR B 303 -38.69 -27.54 -23.95
C TYR B 303 -38.92 -27.56 -22.44
N LEU B 304 -38.98 -28.77 -21.90
CA LEU B 304 -39.22 -28.94 -20.51
C LEU B 304 -38.03 -28.52 -19.67
N GLY B 305 -36.81 -28.65 -20.21
CA GLY B 305 -35.63 -28.24 -19.44
C GLY B 305 -35.56 -26.74 -19.37
N HIS B 306 -35.98 -26.08 -20.45
CA HIS B 306 -36.01 -24.63 -20.52
C HIS B 306 -36.97 -24.07 -19.48
N LEU B 307 -38.10 -24.73 -19.28
CA LEU B 307 -39.09 -24.27 -18.31
C LEU B 307 -38.75 -24.66 -16.87
N ILE B 308 -38.51 -25.93 -16.63
CA ILE B 308 -38.15 -26.41 -15.29
C ILE B 308 -36.85 -25.75 -14.77
N GLY B 309 -35.91 -25.53 -15.69
CA GLY B 309 -34.64 -24.88 -15.36
C GLY B 309 -34.67 -23.36 -15.46
N HIS B 310 -35.84 -22.77 -15.66
CA HIS B 310 -35.90 -21.30 -15.84
C HIS B 310 -35.49 -20.56 -14.59
N GLU B 311 -34.90 -19.38 -14.74
CA GLU B 311 -34.49 -18.56 -13.58
C GLU B 311 -35.19 -17.17 -13.49
N GLY B 312 -36.02 -16.86 -14.48
CA GLY B 312 -36.77 -15.60 -14.55
C GLY B 312 -37.86 -15.54 -13.49
N PRO B 313 -38.68 -14.46 -13.49
CA PRO B 313 -39.75 -14.40 -12.46
C PRO B 313 -40.74 -15.57 -12.59
N GLY B 314 -41.29 -16.00 -11.44
CA GLY B 314 -42.24 -17.11 -11.39
C GLY B 314 -41.64 -18.48 -11.53
N SER B 315 -40.30 -18.56 -11.57
CA SER B 315 -39.63 -19.83 -11.77
C SER B 315 -39.61 -20.71 -10.53
N LEU B 316 -39.33 -22.00 -10.75
CA LEU B 316 -39.09 -22.89 -9.65
C LEU B 316 -37.91 -22.40 -8.75
N LEU B 317 -36.81 -22.00 -9.37
CA LEU B 317 -35.65 -21.47 -8.64
C LEU B 317 -35.99 -20.23 -7.80
N SER B 318 -36.76 -19.28 -8.35
CA SER B 318 -37.09 -18.07 -7.61
C SER B 318 -37.78 -18.34 -6.27
N GLU B 319 -38.73 -19.25 -6.28
CA GLU B 319 -39.41 -19.63 -5.08
C GLU B 319 -38.51 -20.43 -4.13
N LEU B 320 -37.64 -21.28 -4.66
CA LEU B 320 -36.77 -22.04 -3.75
C LEU B 320 -35.74 -21.14 -3.08
N LYS B 321 -35.44 -20.04 -3.77
CA LYS B 321 -34.54 -19.03 -3.23
C LYS B 321 -35.22 -18.16 -2.19
N SER B 322 -36.40 -17.60 -2.52
CA SER B 322 -37.19 -16.80 -1.55
C SER B 322 -37.37 -17.55 -0.26
N LYS B 323 -37.61 -18.85 -0.35
CA LYS B 323 -37.79 -19.68 0.84
C LYS B 323 -36.46 -19.89 1.56
N GLY B 324 -35.33 -19.54 0.94
CA GLY B 324 -34.02 -19.72 1.57
C GLY B 324 -33.48 -21.13 1.56
N TRP B 325 -33.88 -21.94 0.58
CA TRP B 325 -33.46 -23.32 0.61
C TRP B 325 -32.35 -23.64 -0.35
N VAL B 326 -32.31 -22.95 -1.50
CA VAL B 326 -31.30 -23.23 -2.52
C VAL B 326 -30.77 -21.91 -3.08
N ASN B 327 -29.64 -21.97 -3.78
CA ASN B 327 -29.08 -20.81 -4.48
C ASN B 327 -29.09 -20.99 -5.98
N THR B 328 -28.83 -22.22 -6.44
CA THR B 328 -28.73 -22.48 -7.86
C THR B 328 -29.53 -23.74 -8.22
N LEU B 329 -29.86 -23.86 -9.50
CA LEU B 329 -30.65 -24.99 -9.97
C LEU B 329 -30.24 -25.32 -11.38
N VAL B 330 -30.21 -26.62 -11.67
CA VAL B 330 -30.03 -27.10 -13.02
C VAL B 330 -31.15 -28.09 -13.30
N GLY B 331 -31.77 -27.97 -14.46
CA GLY B 331 -32.79 -28.94 -14.85
C GLY B 331 -32.82 -29.25 -16.33
N GLY B 332 -33.24 -30.47 -16.65
CA GLY B 332 -33.34 -30.90 -18.07
C GLY B 332 -32.95 -32.33 -18.36
N GLN B 333 -32.90 -32.67 -19.65
CA GLN B 333 -32.60 -34.02 -20.08
C GLN B 333 -31.08 -34.29 -20.01
N LYS B 334 -30.73 -35.53 -19.78
CA LYS B 334 -29.34 -35.91 -19.63
C LYS B 334 -29.28 -37.20 -20.39
N GLU B 335 -28.23 -37.30 -21.20
CA GLU B 335 -27.97 -38.47 -22.01
C GLU B 335 -27.65 -39.71 -21.16
N GLY B 336 -27.99 -40.88 -21.70
CA GLY B 336 -27.66 -42.16 -21.08
C GLY B 336 -26.91 -42.95 -22.14
N ALA B 337 -27.63 -43.82 -22.86
CA ALA B 337 -27.11 -44.52 -24.04
C ALA B 337 -28.27 -44.75 -24.98
N ARG B 338 -28.02 -45.34 -26.16
CA ARG B 338 -29.12 -45.72 -27.03
C ARG B 338 -30.15 -46.61 -26.30
N GLY B 339 -31.34 -46.05 -26.05
CA GLY B 339 -32.44 -46.79 -25.45
C GLY B 339 -32.95 -46.22 -24.13
N PHE B 340 -32.14 -45.41 -23.47
CA PHE B 340 -32.54 -44.83 -22.18
C PHE B 340 -31.92 -43.43 -21.96
N MET B 341 -32.66 -42.58 -21.25
CA MET B 341 -32.18 -41.24 -20.83
C MET B 341 -32.64 -40.90 -19.41
N PHE B 342 -32.32 -39.69 -18.92
CA PHE B 342 -32.69 -39.21 -17.60
C PHE B 342 -33.21 -37.81 -17.70
N PHE B 343 -34.09 -37.46 -16.76
CA PHE B 343 -34.47 -36.08 -16.54
C PHE B 343 -34.08 -35.74 -15.12
N ILE B 344 -33.35 -34.64 -14.95
CA ILE B 344 -32.75 -34.29 -13.67
C ILE B 344 -33.19 -32.93 -13.22
N ILE B 345 -33.25 -32.73 -11.91
CA ILE B 345 -33.47 -31.40 -11.33
C ILE B 345 -32.53 -31.32 -10.15
N ASN B 346 -31.48 -30.52 -10.29
CA ASN B 346 -30.39 -30.49 -9.30
C ASN B 346 -30.29 -29.12 -8.64
N VAL B 347 -30.13 -29.11 -7.32
CA VAL B 347 -29.99 -27.85 -6.63
C VAL B 347 -28.85 -27.95 -5.62
N ASP B 348 -28.28 -26.80 -5.28
CA ASP B 348 -27.42 -26.76 -4.11
C ASP B 348 -28.33 -26.50 -2.89
N LEU B 349 -27.80 -26.67 -1.69
CA LEU B 349 -28.60 -26.46 -0.50
C LEU B 349 -27.95 -25.45 0.46
N THR B 350 -28.77 -24.52 0.95
CA THR B 350 -28.41 -23.72 2.12
C THR B 350 -28.44 -24.67 3.34
N GLU B 351 -28.18 -24.12 4.54
CA GLU B 351 -28.26 -24.87 5.79
C GLU B 351 -29.68 -25.31 6.09
N GLU B 352 -30.62 -24.40 5.84
CA GLU B 352 -32.06 -24.65 5.97
C GLU B 352 -32.54 -25.65 4.93
N GLY B 353 -32.06 -25.49 3.69
CA GLY B 353 -32.43 -26.38 2.60
C GLY B 353 -32.18 -27.81 2.98
N LEU B 354 -31.01 -28.06 3.58
CA LEU B 354 -30.62 -29.39 4.06
C LEU B 354 -31.65 -30.02 5.05
N LEU B 355 -32.40 -29.19 5.76
CA LEU B 355 -33.45 -29.66 6.68
C LEU B 355 -34.84 -29.68 6.04
N HIS B 356 -34.98 -29.25 4.78
CA HIS B 356 -36.29 -29.17 4.15
C HIS B 356 -36.34 -29.80 2.79
N VAL B 357 -35.56 -30.87 2.63
CA VAL B 357 -35.45 -31.59 1.37
C VAL B 357 -36.81 -32.02 0.84
N GLU B 358 -37.66 -32.48 1.76
CA GLU B 358 -39.01 -32.93 1.43
C GLU B 358 -39.84 -31.82 0.85
N ASP B 359 -39.67 -30.62 1.40
CA ASP B 359 -40.42 -29.44 0.99
C ASP B 359 -39.98 -28.95 -0.37
N ILE B 360 -38.66 -29.02 -0.58
CA ILE B 360 -38.03 -28.67 -1.85
C ILE B 360 -38.63 -29.53 -2.93
N ILE B 361 -38.79 -30.82 -2.64
CA ILE B 361 -39.19 -31.77 -3.67
C ILE B 361 -40.68 -31.57 -3.97
N LEU B 362 -41.47 -31.38 -2.91
CA LEU B 362 -42.88 -30.97 -3.03
C LEU B 362 -43.02 -29.81 -4.00
N HIS B 363 -42.26 -28.74 -3.78
CA HIS B 363 -42.26 -27.57 -4.67
C HIS B 363 -41.90 -27.88 -6.11
N MET B 364 -40.92 -28.77 -6.31
CA MET B 364 -40.56 -29.26 -7.64
C MET B 364 -41.78 -29.89 -8.31
N PHE B 365 -42.40 -30.82 -7.62
CA PHE B 365 -43.64 -31.41 -8.15
C PHE B 365 -44.81 -30.42 -8.32
N GLN B 366 -44.85 -29.33 -7.53
CA GLN B 366 -45.89 -28.31 -7.73
C GLN B 366 -45.67 -27.61 -9.06
N TYR B 367 -44.42 -27.29 -9.36
CA TYR B 367 -44.06 -26.65 -10.63
C TYR B 367 -44.36 -27.59 -11.81
N ILE B 368 -44.03 -28.86 -11.63
CA ILE B 368 -44.31 -29.88 -12.65
C ILE B 368 -45.82 -29.98 -12.93
N GLN B 369 -46.61 -30.01 -11.84
CA GLN B 369 -48.07 -30.11 -11.92
C GLN B 369 -48.67 -28.89 -12.63
N LYS B 370 -48.16 -27.71 -12.33
CA LYS B 370 -48.58 -26.50 -13.01
C LYS B 370 -48.36 -26.55 -14.51
N LEU B 371 -47.24 -27.15 -14.97
CA LEU B 371 -47.02 -27.31 -16.40
C LEU B 371 -48.03 -28.28 -17.04
N ARG B 372 -48.45 -29.30 -16.28
CA ARG B 372 -49.51 -30.19 -16.74
C ARG B 372 -50.79 -29.45 -16.93
N ALA B 373 -51.22 -28.74 -15.89
CA ALA B 373 -52.47 -27.98 -15.89
C ALA B 373 -52.49 -26.91 -17.00
N GLU B 374 -51.34 -26.33 -17.32
CA GLU B 374 -51.28 -25.24 -18.28
C GLU B 374 -51.15 -25.80 -19.69
N GLY B 375 -50.50 -26.96 -19.81
CA GLY B 375 -50.26 -27.62 -21.10
C GLY B 375 -49.26 -26.86 -21.97
N PRO B 376 -48.73 -27.54 -23.01
CA PRO B 376 -47.64 -26.99 -23.82
C PRO B 376 -48.01 -25.65 -24.43
N GLN B 377 -47.00 -24.81 -24.62
CA GLN B 377 -47.23 -23.45 -25.12
C GLN B 377 -46.45 -23.29 -26.39
N GLU B 378 -47.16 -22.96 -27.48
CA GLU B 378 -46.51 -22.83 -28.78
C GLU B 378 -45.53 -21.66 -28.77
N TRP B 379 -45.90 -20.60 -28.06
CA TRP B 379 -45.11 -19.38 -28.09
C TRP B 379 -43.79 -19.58 -27.42
N VAL B 380 -43.75 -20.44 -26.41
CA VAL B 380 -42.47 -20.82 -25.74
C VAL B 380 -41.59 -21.54 -26.75
N PHE B 381 -42.18 -22.50 -27.47
CA PHE B 381 -41.44 -23.28 -28.47
C PHE B 381 -40.91 -22.36 -29.55
N GLN B 382 -41.74 -21.42 -29.97
CA GLN B 382 -41.38 -20.49 -31.05
C GLN B 382 -40.17 -19.64 -30.68
N GLU B 383 -40.15 -19.19 -29.43
CA GLU B 383 -39.00 -18.42 -28.90
C GLU B 383 -37.70 -19.25 -28.94
N LEU B 384 -37.77 -20.51 -28.48
CA LEU B 384 -36.63 -21.43 -28.54
C LEU B 384 -36.14 -21.64 -29.97
N LYS B 385 -37.10 -21.75 -30.88
CA LYS B 385 -36.82 -21.99 -32.28
C LYS B 385 -36.15 -20.75 -32.85
N ASP B 386 -36.72 -19.59 -32.54
CA ASP B 386 -36.16 -18.33 -33.01
C ASP B 386 -34.71 -18.12 -32.49
N LEU B 387 -34.53 -18.33 -31.18
CA LEU B 387 -33.21 -18.16 -30.56
C LEU B 387 -32.12 -19.06 -31.15
N ASN B 388 -32.44 -20.36 -31.35
CA ASN B 388 -31.55 -21.33 -31.98
C ASN B 388 -31.22 -20.98 -33.42
N ALA B 389 -32.21 -20.41 -34.12
CA ALA B 389 -32.00 -19.96 -35.48
C ALA B 389 -31.01 -18.78 -35.48
N VAL B 390 -31.23 -17.84 -34.57
CA VAL B 390 -30.30 -16.73 -34.43
C VAL B 390 -28.88 -17.26 -34.09
N ALA B 391 -28.82 -18.21 -33.15
CA ALA B 391 -27.55 -18.73 -32.65
C ALA B 391 -26.74 -19.45 -33.74
N PHE B 392 -27.44 -20.26 -34.53
CA PHE B 392 -26.84 -21.01 -35.61
C PHE B 392 -26.29 -20.06 -36.67
N ARG B 393 -27.13 -19.09 -37.06
CA ARG B 393 -26.76 -18.11 -38.06
C ARG B 393 -25.48 -17.35 -37.69
N PHE B 394 -25.43 -16.80 -36.47
CA PHE B 394 -24.34 -15.90 -36.12
C PHE B 394 -23.23 -16.55 -35.25
N LYS B 395 -23.20 -17.89 -35.23
CA LYS B 395 -22.23 -18.72 -34.48
C LYS B 395 -20.77 -18.36 -34.76
N ASP B 396 -19.95 -18.24 -33.72
CA ASP B 396 -18.51 -18.00 -33.91
C ASP B 396 -17.84 -19.17 -34.62
N LYS B 397 -16.87 -18.90 -35.49
CA LYS B 397 -16.06 -19.97 -36.12
C LYS B 397 -15.41 -20.90 -35.06
N GLU B 398 -15.59 -22.21 -35.22
CA GLU B 398 -15.04 -23.20 -34.28
C GLU B 398 -13.56 -23.49 -34.51
N ARG B 399 -12.82 -23.78 -33.43
CA ARG B 399 -11.49 -24.38 -33.52
C ARG B 399 -11.57 -25.67 -34.36
N PRO B 400 -10.66 -25.82 -35.34
CA PRO B 400 -10.72 -27.02 -36.21
C PRO B 400 -10.72 -28.36 -35.49
N ARG B 401 -9.86 -28.52 -34.47
CA ARG B 401 -9.75 -29.78 -33.73
C ARG B 401 -11.03 -30.17 -33.01
N GLY B 402 -11.65 -29.22 -32.29
CA GLY B 402 -12.90 -29.51 -31.59
C GLY B 402 -14.03 -29.76 -32.57
N TYR B 403 -13.96 -29.09 -33.72
CA TYR B 403 -15.04 -29.10 -34.70
C TYR B 403 -15.10 -30.50 -35.35
N THR B 404 -13.95 -31.07 -35.70
CA THR B 404 -13.96 -32.38 -36.36
C THR B 404 -14.35 -33.50 -35.37
N SER B 405 -13.78 -33.46 -34.17
CA SER B 405 -14.13 -34.43 -33.13
C SER B 405 -15.63 -34.45 -32.86
N LYS B 406 -16.21 -33.28 -32.69
CA LYS B 406 -17.64 -33.17 -32.48
C LYS B 406 -18.49 -33.75 -33.62
N ILE B 407 -18.17 -33.37 -34.86
CA ILE B 407 -18.96 -33.79 -36.03
C ILE B 407 -18.85 -35.30 -36.22
N ALA B 408 -17.67 -35.87 -35.97
CA ALA B 408 -17.44 -37.31 -36.14
C ALA B 408 -18.46 -38.07 -35.25
N GLY B 409 -18.66 -37.57 -34.03
CA GLY B 409 -19.70 -38.07 -33.11
C GLY B 409 -21.10 -37.95 -33.67
N ILE B 410 -21.45 -36.74 -34.06
CA ILE B 410 -22.77 -36.38 -34.61
C ILE B 410 -23.15 -37.11 -35.92
N LEU B 411 -22.15 -37.49 -36.69
CA LEU B 411 -22.38 -38.25 -37.91
C LEU B 411 -23.14 -39.58 -37.68
N HIS B 412 -22.99 -40.17 -36.49
CA HIS B 412 -23.66 -41.46 -36.19
C HIS B 412 -25.15 -41.31 -35.89
N TYR B 413 -25.61 -40.08 -35.61
CA TYR B 413 -27.01 -39.88 -35.17
C TYR B 413 -27.90 -39.17 -36.19
N TYR B 414 -27.28 -38.52 -37.17
CA TYR B 414 -28.04 -37.64 -38.06
C TYR B 414 -27.69 -37.87 -39.52
N PRO B 415 -28.66 -37.62 -40.44
CA PRO B 415 -28.39 -37.70 -41.89
C PRO B 415 -27.26 -36.75 -42.26
N LEU B 416 -26.49 -37.08 -43.31
CA LEU B 416 -25.35 -36.25 -43.74
C LEU B 416 -25.72 -34.76 -43.85
N GLU B 417 -26.85 -34.47 -44.47
CA GLU B 417 -27.29 -33.10 -44.73
C GLU B 417 -27.63 -32.31 -43.45
N GLU B 418 -27.81 -32.98 -42.33
CA GLU B 418 -28.17 -32.28 -41.10
C GLU B 418 -27.10 -32.21 -40.00
N VAL B 419 -25.87 -32.65 -40.27
CA VAL B 419 -24.90 -32.77 -39.19
C VAL B 419 -24.53 -31.42 -38.60
N LEU B 420 -24.66 -30.36 -39.38
CA LEU B 420 -24.33 -29.02 -38.88
C LEU B 420 -25.50 -28.39 -38.13
N THR B 421 -26.71 -28.62 -38.63
CA THR B 421 -27.91 -28.00 -38.05
C THR B 421 -28.49 -28.81 -36.88
N ALA B 422 -28.12 -30.09 -36.83
CA ALA B 422 -28.43 -31.06 -35.76
C ALA B 422 -28.90 -30.50 -34.41
N GLU B 423 -27.96 -29.94 -33.68
CA GLU B 423 -28.17 -29.56 -32.29
C GLU B 423 -28.76 -28.18 -32.20
N TYR B 424 -29.03 -27.57 -33.35
CA TYR B 424 -29.46 -26.21 -33.35
C TYR B 424 -30.89 -26.08 -33.72
N LEU B 425 -31.27 -26.57 -34.89
CA LEU B 425 -32.58 -26.23 -35.45
C LEU B 425 -33.74 -27.09 -34.94
N LEU B 426 -34.84 -26.41 -34.60
CA LEU B 426 -36.09 -27.01 -34.22
C LEU B 426 -37.06 -26.78 -35.36
N GLU B 427 -37.90 -27.75 -35.66
CA GLU B 427 -38.85 -27.61 -36.76
C GLU B 427 -40.31 -27.59 -36.30
N GLU B 428 -40.83 -28.73 -35.82
CA GLU B 428 -42.27 -28.86 -35.56
C GLU B 428 -42.60 -28.83 -34.06
N PHE B 429 -43.67 -28.14 -33.70
CA PHE B 429 -44.17 -28.14 -32.33
C PHE B 429 -44.89 -29.46 -32.08
N ARG B 430 -44.41 -30.23 -31.14
CA ARG B 430 -45.06 -31.49 -30.85
C ARG B 430 -45.55 -31.56 -29.43
N PRO B 431 -46.71 -30.94 -29.14
CA PRO B 431 -47.19 -30.93 -27.75
C PRO B 431 -47.41 -32.34 -27.18
N ASP B 432 -47.77 -33.28 -28.04
CA ASP B 432 -48.00 -34.66 -27.58
C ASP B 432 -46.72 -35.25 -26.97
N LEU B 433 -45.58 -35.00 -27.63
CA LEU B 433 -44.28 -35.45 -27.15
C LEU B 433 -43.92 -34.79 -25.81
N ILE B 434 -44.24 -33.52 -25.66
CA ILE B 434 -43.96 -32.81 -24.41
C ILE B 434 -44.75 -33.50 -23.30
N GLU B 435 -46.01 -33.80 -23.61
CA GLU B 435 -46.90 -34.38 -22.64
C GLU B 435 -46.45 -35.77 -22.22
N MET B 436 -45.99 -36.51 -23.20
CA MET B 436 -45.46 -37.84 -22.97
C MET B 436 -44.27 -37.82 -22.00
N VAL B 437 -43.36 -36.86 -22.17
CA VAL B 437 -42.18 -36.79 -21.28
C VAL B 437 -42.61 -36.34 -19.88
N LEU B 438 -43.48 -35.36 -19.84
CA LEU B 438 -43.96 -34.79 -18.58
C LEU B 438 -44.66 -35.85 -17.72
N ASP B 439 -45.24 -36.84 -18.38
CA ASP B 439 -45.90 -37.93 -17.68
C ASP B 439 -44.95 -38.79 -16.87
N LYS B 440 -43.68 -38.88 -17.29
CA LYS B 440 -42.65 -39.63 -16.55
C LYS B 440 -42.14 -38.87 -15.33
N LEU B 441 -42.36 -37.56 -15.28
CA LEU B 441 -41.87 -36.75 -14.15
C LEU B 441 -42.87 -36.76 -12.97
N ARG B 442 -42.89 -37.89 -12.27
CA ARG B 442 -43.86 -38.16 -11.21
C ARG B 442 -43.20 -38.78 -9.98
N PRO B 443 -43.79 -38.55 -8.77
CA PRO B 443 -43.22 -39.08 -7.51
C PRO B 443 -42.94 -40.57 -7.52
N GLU B 444 -43.76 -41.37 -8.22
CA GLU B 444 -43.54 -42.80 -8.25
C GLU B 444 -42.31 -43.20 -9.10
N ASN B 445 -41.78 -42.30 -9.93
CA ASN B 445 -40.62 -42.65 -10.76
C ASN B 445 -39.31 -41.98 -10.30
N VAL B 446 -39.29 -41.48 -9.07
CA VAL B 446 -38.23 -40.59 -8.65
C VAL B 446 -37.06 -41.30 -7.95
N ARG B 447 -35.88 -40.70 -8.09
CA ARG B 447 -34.68 -41.08 -7.37
C ARG B 447 -34.14 -39.82 -6.75
N VAL B 448 -33.74 -39.91 -5.50
CA VAL B 448 -33.30 -38.75 -4.78
C VAL B 448 -31.97 -39.02 -4.12
N ALA B 449 -31.04 -38.06 -4.28
CA ALA B 449 -29.71 -38.17 -3.65
C ALA B 449 -29.36 -36.88 -2.92
N ILE B 450 -28.97 -37.02 -1.66
CA ILE B 450 -28.51 -35.89 -0.89
C ILE B 450 -27.00 -36.02 -0.64
N VAL B 451 -26.26 -34.95 -0.92
CA VAL B 451 -24.80 -34.93 -0.72
C VAL B 451 -24.49 -33.96 0.41
N SER B 452 -23.85 -34.45 1.48
CA SER B 452 -23.51 -33.62 2.65
C SER B 452 -22.52 -34.28 3.61
N LYS B 453 -21.67 -33.48 4.24
CA LYS B 453 -20.73 -34.02 5.22
C LYS B 453 -21.43 -34.43 6.50
N SER B 454 -22.64 -33.91 6.72
CA SER B 454 -23.44 -34.25 7.89
C SER B 454 -23.82 -35.74 7.91
N PHE B 455 -23.47 -36.46 6.83
CA PHE B 455 -23.71 -37.88 6.75
C PHE B 455 -22.46 -38.64 7.13
N GLU B 456 -21.38 -37.91 7.45
CA GLU B 456 -20.07 -38.51 7.80
C GLU B 456 -20.16 -39.45 9.02
N GLY B 457 -19.87 -40.73 8.82
CA GLY B 457 -19.95 -41.75 9.89
C GLY B 457 -21.38 -42.18 10.27
N LYS B 458 -22.37 -41.84 9.45
CA LYS B 458 -23.74 -42.31 9.63
C LYS B 458 -24.18 -43.10 8.39
N THR B 459 -23.20 -43.62 7.67
CA THR B 459 -23.43 -44.34 6.41
C THR B 459 -22.98 -45.80 6.57
N ASP B 460 -23.55 -46.70 5.78
CA ASP B 460 -23.27 -48.14 5.91
C ASP B 460 -22.80 -48.85 4.66
N ARG B 461 -22.73 -48.13 3.53
CA ARG B 461 -22.25 -48.76 2.30
C ARG B 461 -21.04 -48.04 1.69
N THR B 462 -20.37 -48.71 0.77
CA THR B 462 -19.12 -48.23 0.19
C THR B 462 -19.09 -48.60 -1.28
N GLU B 463 -19.02 -47.60 -2.15
CA GLU B 463 -18.92 -47.88 -3.57
C GLU B 463 -17.43 -48.22 -3.81
N GLU B 464 -17.15 -49.46 -4.15
CA GLU B 464 -15.77 -49.97 -4.10
C GLU B 464 -14.84 -49.44 -5.20
N TRP B 465 -15.39 -48.92 -6.29
CA TRP B 465 -14.54 -48.42 -7.37
C TRP B 465 -13.87 -47.13 -7.01
N TYR B 466 -14.52 -46.27 -6.21
CA TYR B 466 -13.98 -44.98 -5.79
C TYR B 466 -13.75 -44.86 -4.29
N GLY B 467 -14.39 -45.72 -3.50
CA GLY B 467 -14.33 -45.60 -2.04
C GLY B 467 -15.46 -44.76 -1.44
N THR B 468 -16.40 -44.29 -2.27
CA THR B 468 -17.47 -43.39 -1.81
C THR B 468 -18.35 -43.98 -0.69
N GLN B 469 -18.65 -43.19 0.33
CA GLN B 469 -19.47 -43.68 1.43
C GLN B 469 -20.87 -43.14 1.35
N TYR B 470 -21.85 -44.04 1.45
CA TYR B 470 -23.26 -43.69 1.32
C TYR B 470 -24.19 -44.65 2.08
N LYS B 471 -25.46 -44.25 2.15
CA LYS B 471 -26.53 -45.02 2.75
C LYS B 471 -27.72 -44.97 1.77
N GLN B 472 -28.48 -46.06 1.69
CA GLN B 472 -29.67 -46.15 0.86
C GLN B 472 -30.89 -46.49 1.71
N GLU B 473 -32.01 -45.81 1.44
CA GLU B 473 -33.30 -46.04 2.11
C GLU B 473 -34.42 -45.87 1.10
N ALA B 474 -35.50 -46.61 1.27
CA ALA B 474 -36.68 -46.46 0.44
C ALA B 474 -37.46 -45.23 0.90
N ILE B 475 -38.06 -44.51 -0.01
CA ILE B 475 -38.81 -43.32 0.38
C ILE B 475 -40.19 -43.79 0.88
N PRO B 476 -40.61 -43.37 2.09
CA PRO B 476 -41.94 -43.81 2.61
C PRO B 476 -43.10 -43.47 1.65
N ASP B 477 -44.06 -44.41 1.53
CA ASP B 477 -45.29 -44.24 0.69
C ASP B 477 -46.07 -42.97 1.02
N GLU B 478 -46.07 -42.65 2.30
CA GLU B 478 -46.64 -41.42 2.82
C GLU B 478 -45.98 -40.15 2.21
N VAL B 479 -44.67 -40.22 1.98
CA VAL B 479 -43.94 -39.10 1.41
C VAL B 479 -44.28 -39.01 -0.08
N ILE B 480 -44.31 -40.16 -0.75
CA ILE B 480 -44.63 -40.26 -2.17
C ILE B 480 -46.02 -39.69 -2.44
N LYS B 481 -46.96 -40.09 -1.58
CA LYS B 481 -48.34 -39.62 -1.65
C LYS B 481 -48.44 -38.13 -1.43
N LYS B 482 -47.67 -37.61 -0.49
CA LYS B 482 -47.66 -36.17 -0.25
C LYS B 482 -47.21 -35.44 -1.51
N TRP B 483 -46.15 -35.97 -2.14
CA TRP B 483 -45.66 -35.40 -3.40
C TRP B 483 -46.68 -35.50 -4.48
N GLN B 484 -47.33 -36.65 -4.60
CA GLN B 484 -48.41 -36.84 -5.59
C GLN B 484 -49.58 -35.91 -5.33
N ASN B 485 -49.89 -35.67 -4.06
CA ASN B 485 -51.07 -34.85 -3.71
C ASN B 485 -50.78 -33.37 -3.53
N ALA B 486 -49.70 -32.90 -4.14
CA ALA B 486 -49.33 -31.52 -3.97
C ALA B 486 -50.41 -30.57 -4.50
N ASP B 487 -50.89 -29.68 -3.62
CA ASP B 487 -51.76 -28.57 -4.01
C ASP B 487 -51.10 -27.68 -5.07
N LEU B 488 -51.90 -26.88 -5.77
CA LEU B 488 -51.34 -25.94 -6.75
C LEU B 488 -50.76 -24.74 -5.99
N ASN B 489 -49.58 -24.27 -6.40
CA ASN B 489 -48.84 -23.17 -5.75
C ASN B 489 -48.74 -22.01 -6.73
N GLY B 490 -49.35 -20.88 -6.37
CA GLY B 490 -49.47 -19.74 -7.28
C GLY B 490 -48.17 -19.00 -7.55
N LYS B 491 -47.16 -19.22 -6.71
CA LYS B 491 -45.85 -18.58 -6.88
C LYS B 491 -45.19 -18.99 -8.21
N PHE B 492 -45.58 -20.17 -8.71
CA PHE B 492 -45.14 -20.65 -10.02
C PHE B 492 -45.99 -20.19 -11.19
N LYS B 493 -45.39 -19.42 -12.10
CA LYS B 493 -46.04 -18.97 -13.32
C LYS B 493 -45.08 -19.26 -14.46
N LEU B 494 -45.61 -19.36 -15.67
CA LEU B 494 -44.80 -19.46 -16.86
C LEU B 494 -44.07 -18.15 -17.05
N PRO B 495 -42.89 -18.18 -17.71
CA PRO B 495 -42.28 -16.90 -18.02
C PRO B 495 -43.16 -16.06 -18.96
N THR B 496 -42.89 -14.77 -19.01
CA THR B 496 -43.49 -13.89 -20.01
C THR B 496 -42.56 -13.74 -21.21
N LYS B 497 -43.04 -13.03 -22.22
CA LYS B 497 -42.32 -12.82 -23.47
C LYS B 497 -40.88 -12.34 -23.19
N ASN B 498 -39.89 -12.98 -23.82
CA ASN B 498 -38.51 -12.55 -23.63
C ASN B 498 -38.19 -11.33 -24.52
N GLU B 499 -38.17 -10.16 -23.89
CA GLU B 499 -37.94 -8.90 -24.57
C GLU B 499 -36.46 -8.69 -24.95
N PHE B 500 -35.59 -9.63 -24.55
CA PHE B 500 -34.19 -9.44 -24.88
C PHE B 500 -33.84 -10.07 -26.22
N ILE B 501 -34.78 -10.82 -26.78
CA ILE B 501 -34.52 -11.47 -28.05
C ILE B 501 -34.11 -10.41 -29.07
N PRO B 502 -32.88 -10.53 -29.62
CA PRO B 502 -32.36 -9.52 -30.57
C PRO B 502 -33.08 -9.58 -31.92
N THR B 503 -33.18 -8.43 -32.60
CA THR B 503 -33.86 -8.34 -33.91
C THR B 503 -33.05 -7.51 -34.88
N ASN B 504 -32.26 -6.56 -34.35
CA ASN B 504 -31.39 -5.75 -35.20
C ASN B 504 -30.00 -6.39 -35.37
N PHE B 505 -29.75 -6.95 -36.53
CA PHE B 505 -28.51 -7.66 -36.81
C PHE B 505 -27.62 -6.91 -37.79
N GLU B 506 -27.97 -5.64 -38.01
CA GLU B 506 -27.24 -4.79 -38.94
C GLU B 506 -25.77 -4.66 -38.53
N ILE B 507 -24.88 -4.98 -39.48
CA ILE B 507 -23.46 -4.74 -39.36
C ILE B 507 -23.17 -3.33 -39.88
N LEU B 508 -22.75 -2.44 -38.98
CA LEU B 508 -22.50 -1.06 -39.33
C LEU B 508 -21.31 -0.95 -40.28
N PRO B 509 -21.42 -0.05 -41.26
CA PRO B 509 -20.30 0.10 -42.18
C PRO B 509 -19.04 0.47 -41.40
N LEU B 510 -17.92 -0.06 -41.84
CA LEU B 510 -16.64 0.24 -41.28
C LEU B 510 -16.36 1.73 -41.52
N GLU B 511 -16.18 2.50 -40.44
CA GLU B 511 -16.02 3.96 -40.51
C GLU B 511 -14.75 4.36 -41.27
N LYS B 512 -14.74 5.56 -41.84
CA LYS B 512 -13.56 6.07 -42.53
C LYS B 512 -12.31 6.12 -41.65
N GLU B 513 -12.50 6.50 -40.39
CA GLU B 513 -11.40 6.60 -39.44
C GLU B 513 -11.29 5.37 -38.50
N ALA B 514 -11.70 4.20 -39.00
CA ALA B 514 -11.55 2.94 -38.26
C ALA B 514 -10.04 2.58 -38.17
N THR B 515 -9.65 1.93 -37.08
CA THR B 515 -8.24 1.64 -36.79
C THR B 515 -7.98 0.13 -36.75
N PRO B 516 -6.75 -0.34 -37.13
CA PRO B 516 -6.44 -1.78 -37.01
C PRO B 516 -6.36 -2.32 -35.57
N TYR B 517 -5.91 -1.48 -34.64
CA TYR B 517 -5.85 -1.84 -33.22
C TYR B 517 -6.74 -0.90 -32.44
N PRO B 518 -7.00 -1.19 -31.14
CA PRO B 518 -7.83 -0.22 -30.38
C PRO B 518 -7.13 1.13 -30.22
N ALA B 519 -7.92 2.21 -30.31
CA ALA B 519 -7.34 3.55 -30.14
C ALA B 519 -7.92 4.23 -28.89
N LEU B 520 -7.11 5.06 -28.26
CA LEU B 520 -7.54 5.79 -27.08
C LEU B 520 -8.44 6.94 -27.53
N ILE B 521 -9.74 6.82 -27.29
CA ILE B 521 -10.69 7.81 -27.79
C ILE B 521 -11.21 8.70 -26.67
N LYS B 522 -10.87 8.36 -25.44
CA LYS B 522 -11.17 9.24 -24.33
C LYS B 522 -10.12 9.05 -23.25
N ASP B 523 -9.56 10.16 -22.75
CA ASP B 523 -8.52 10.15 -21.70
C ASP B 523 -8.81 11.28 -20.71
N THR B 524 -9.57 10.97 -19.67
CA THR B 524 -9.98 11.96 -18.67
C THR B 524 -9.56 11.46 -17.31
N ALA B 525 -9.73 12.29 -16.28
CA ALA B 525 -9.45 11.88 -14.91
C ALA B 525 -10.33 10.67 -14.54
N MET B 526 -11.59 10.67 -14.96
CA MET B 526 -12.44 9.55 -14.63
C MET B 526 -12.26 8.27 -15.45
N SER B 527 -11.96 8.39 -16.73
CA SER B 527 -11.88 7.19 -17.58
C SER B 527 -10.91 7.21 -18.76
N LYS B 528 -10.35 6.04 -19.06
CA LYS B 528 -9.53 5.81 -20.24
C LYS B 528 -10.36 4.84 -21.08
N LEU B 529 -10.68 5.23 -22.32
CA LEU B 529 -11.55 4.41 -23.18
C LEU B 529 -10.82 3.96 -24.43
N TRP B 530 -10.65 2.66 -24.58
CA TRP B 530 -10.04 2.08 -25.77
C TRP B 530 -11.15 1.55 -26.64
N PHE B 531 -11.06 1.77 -27.96
CA PHE B 531 -12.11 1.39 -28.90
C PHE B 531 -11.52 0.89 -30.23
N LYS B 532 -12.11 -0.17 -30.76
CA LYS B 532 -11.89 -0.64 -32.11
C LYS B 532 -13.20 -1.23 -32.64
N GLN B 533 -13.63 -0.71 -33.78
CA GLN B 533 -14.73 -1.29 -34.53
C GLN B 533 -14.19 -2.56 -35.19
N ASP B 534 -14.92 -3.66 -35.06
CA ASP B 534 -14.56 -4.94 -35.65
C ASP B 534 -14.33 -4.83 -37.18
N ASP B 535 -13.19 -5.30 -37.66
CA ASP B 535 -12.89 -5.25 -39.07
C ASP B 535 -12.54 -6.64 -39.61
N LYS B 536 -12.94 -7.71 -38.90
CA LYS B 536 -12.56 -9.07 -39.28
C LYS B 536 -13.70 -10.06 -39.37
N PHE B 537 -14.60 -10.06 -38.38
CA PHE B 537 -15.58 -11.15 -38.24
C PHE B 537 -16.96 -10.81 -38.76
N PHE B 538 -17.37 -9.57 -38.55
CA PHE B 538 -18.59 -9.03 -39.15
C PHE B 538 -19.86 -9.75 -38.70
N LEU B 539 -19.91 -10.07 -37.43
CA LEU B 539 -21.08 -10.65 -36.78
C LEU B 539 -21.71 -9.58 -35.92
N PRO B 540 -23.02 -9.67 -35.62
CA PRO B 540 -23.60 -8.53 -34.92
C PRO B 540 -23.41 -8.64 -33.40
N LYS B 541 -22.15 -8.60 -32.99
CA LYS B 541 -21.83 -8.70 -31.57
C LYS B 541 -20.77 -7.70 -31.19
N ALA B 542 -20.61 -7.51 -29.88
CA ALA B 542 -19.66 -6.55 -29.32
C ALA B 542 -19.27 -6.99 -27.91
N ASN B 543 -18.02 -6.69 -27.54
CA ASN B 543 -17.48 -6.98 -26.22
C ASN B 543 -17.17 -5.68 -25.50
N LEU B 544 -17.83 -5.45 -24.36
CA LEU B 544 -17.64 -4.23 -23.61
C LEU B 544 -16.98 -4.57 -22.26
N ASN B 545 -15.69 -4.26 -22.10
CA ASN B 545 -14.90 -4.56 -20.87
C ASN B 545 -14.59 -3.31 -20.03
N PHE B 546 -14.88 -3.36 -18.73
CA PHE B 546 -14.68 -2.24 -17.82
C PHE B 546 -13.88 -2.67 -16.60
N GLU B 547 -12.72 -2.07 -16.37
CA GLU B 547 -11.97 -2.22 -15.11
C GLU B 547 -12.23 -0.99 -14.24
N PHE B 548 -12.86 -1.20 -13.08
CA PHE B 548 -13.11 -0.11 -12.12
C PHE B 548 -12.01 -0.18 -11.05
N PHE B 549 -11.26 0.92 -10.87
CA PHE B 549 -10.15 0.98 -9.91
C PHE B 549 -10.57 1.71 -8.68
N SER B 550 -10.33 1.09 -7.52
CA SER B 550 -10.49 1.74 -6.24
C SER B 550 -9.50 1.19 -5.20
N PRO B 551 -8.80 2.07 -4.49
CA PRO B 551 -7.95 1.61 -3.38
C PRO B 551 -8.71 0.91 -2.25
N PHE B 552 -10.04 1.04 -2.21
CA PHE B 552 -10.80 0.41 -1.12
C PHE B 552 -11.29 -1.00 -1.35
N ALA B 553 -10.98 -1.57 -2.51
CA ALA B 553 -11.40 -2.93 -2.81
C ALA B 553 -10.48 -4.01 -2.25
N TYR B 554 -9.28 -3.63 -1.85
CA TYR B 554 -8.27 -4.58 -1.42
C TYR B 554 -7.37 -4.04 -0.31
N VAL B 555 -7.79 -2.93 0.31
CA VAL B 555 -6.95 -2.26 1.34
C VAL B 555 -6.61 -3.20 2.53
N ASP B 556 -7.55 -4.07 2.90
CA ASP B 556 -7.35 -5.04 3.95
C ASP B 556 -8.27 -6.24 3.70
N PRO B 557 -8.10 -7.35 4.45
CA PRO B 557 -8.93 -8.52 4.19
C PRO B 557 -10.43 -8.22 4.31
N LEU B 558 -10.84 -7.48 5.33
CA LEU B 558 -12.27 -7.14 5.50
C LEU B 558 -12.87 -6.52 4.23
N HIS B 559 -12.19 -5.53 3.68
CA HIS B 559 -12.70 -4.80 2.51
C HIS B 559 -12.75 -5.63 1.28
N SER B 560 -11.77 -6.51 1.15
CA SER B 560 -11.76 -7.49 0.08
C SER B 560 -12.91 -8.48 0.17
N ASN B 561 -13.22 -8.95 1.37
CA ASN B 561 -14.44 -9.72 1.58
C ASN B 561 -15.65 -8.92 1.17
N MET B 562 -15.69 -7.64 1.54
CA MET B 562 -16.90 -6.84 1.30
C MET B 562 -17.05 -6.58 -0.19
N ALA B 563 -15.92 -6.43 -0.86
CA ALA B 563 -15.93 -6.29 -2.33
C ALA B 563 -16.56 -7.54 -2.96
N TYR B 564 -16.13 -8.71 -2.50
CA TYR B 564 -16.62 -9.98 -3.03
C TYR B 564 -18.13 -10.11 -2.78
N LEU B 565 -18.56 -9.92 -1.53
CA LEU B 565 -19.99 -10.05 -1.15
C LEU B 565 -20.90 -9.08 -1.82
N TYR B 566 -20.43 -7.84 -1.97
CA TYR B 566 -21.15 -6.84 -2.68
C TYR B 566 -21.55 -7.36 -4.08
N LEU B 567 -20.56 -7.79 -4.83
CA LEU B 567 -20.75 -8.21 -6.19
C LEU B 567 -21.56 -9.51 -6.29
N GLU B 568 -21.40 -10.45 -5.35
CA GLU B 568 -22.21 -11.67 -5.33
C GLU B 568 -23.68 -11.32 -5.09
N LEU B 569 -23.93 -10.30 -4.28
CA LEU B 569 -25.33 -9.98 -3.93
C LEU B 569 -25.96 -9.22 -5.06
N LEU B 570 -25.14 -8.41 -5.71
CA LEU B 570 -25.56 -7.69 -6.87
C LEU B 570 -25.99 -8.69 -7.96
N LYS B 571 -25.14 -9.67 -8.26
CA LYS B 571 -25.45 -10.71 -9.26
C LYS B 571 -26.69 -11.52 -8.88
N ASP B 572 -26.77 -11.88 -7.61
CA ASP B 572 -27.93 -12.59 -7.11
C ASP B 572 -29.23 -11.78 -7.30
N SER B 573 -29.09 -10.47 -7.21
CA SER B 573 -30.23 -9.55 -7.25
C SER B 573 -30.67 -9.29 -8.68
N LEU B 574 -29.69 -9.31 -9.58
CA LEU B 574 -29.92 -9.06 -10.99
C LEU B 574 -30.30 -10.34 -11.74
N ASN B 575 -30.03 -11.51 -11.14
CA ASN B 575 -30.23 -12.82 -11.77
C ASN B 575 -31.55 -13.05 -12.54
N GLU B 576 -32.71 -12.81 -11.89
CA GLU B 576 -34.02 -12.96 -12.57
C GLU B 576 -34.09 -12.17 -13.90
N TYR B 577 -33.72 -10.90 -13.84
CA TYR B 577 -33.70 -10.05 -15.00
C TYR B 577 -32.62 -10.53 -15.99
N ALA B 578 -31.40 -10.80 -15.50
CA ALA B 578 -30.27 -11.09 -16.38
C ALA B 578 -30.40 -12.41 -17.12
N TYR B 579 -31.12 -13.36 -16.51
CA TYR B 579 -31.35 -14.67 -17.11
C TYR B 579 -31.95 -14.62 -18.54
N ALA B 580 -32.99 -13.80 -18.73
CA ALA B 580 -33.60 -13.65 -20.05
C ALA B 580 -32.57 -13.16 -21.10
N ALA B 581 -31.75 -12.22 -20.68
CA ALA B 581 -30.76 -11.66 -21.53
C ALA B 581 -29.73 -12.76 -21.92
N GLU B 582 -29.42 -13.63 -20.94
CA GLU B 582 -28.47 -14.73 -21.12
C GLU B 582 -29.00 -15.70 -22.20
N LEU B 583 -30.28 -16.01 -22.08
CA LEU B 583 -31.02 -16.82 -23.06
C LEU B 583 -30.97 -16.20 -24.43
N ALA B 584 -31.00 -14.86 -24.49
CA ALA B 584 -30.94 -14.15 -25.78
C ALA B 584 -29.53 -13.83 -26.27
N GLY B 585 -28.51 -14.52 -25.73
CA GLY B 585 -27.15 -14.37 -26.24
C GLY B 585 -26.48 -13.11 -25.73
N LEU B 586 -26.95 -12.61 -24.58
CA LEU B 586 -26.36 -11.40 -24.02
C LEU B 586 -25.92 -11.71 -22.59
N SER B 587 -24.62 -11.84 -22.37
CA SER B 587 -24.20 -12.26 -21.03
C SER B 587 -23.25 -11.25 -20.33
N TYR B 588 -23.08 -11.39 -19.04
CA TYR B 588 -22.15 -10.52 -18.36
C TYR B 588 -21.38 -11.23 -17.27
N ASP B 589 -20.21 -10.68 -16.98
CA ASP B 589 -19.35 -11.15 -15.93
C ASP B 589 -19.02 -9.95 -15.01
N LEU B 590 -19.16 -10.14 -13.70
CA LEU B 590 -18.86 -9.11 -12.72
C LEU B 590 -18.07 -9.68 -11.54
N GLN B 591 -16.81 -9.26 -11.42
CA GLN B 591 -15.99 -9.82 -10.32
C GLN B 591 -15.09 -8.82 -9.64
N ASN B 592 -14.73 -9.08 -8.39
CA ASN B 592 -13.82 -8.20 -7.71
C ASN B 592 -12.38 -8.63 -8.08
N THR B 593 -11.47 -7.67 -8.07
CA THR B 593 -10.07 -7.89 -8.43
C THR B 593 -9.22 -7.33 -7.27
N ILE B 594 -7.90 -7.45 -7.40
CA ILE B 594 -6.98 -6.88 -6.44
C ILE B 594 -6.88 -5.36 -6.51
N TYR B 595 -7.48 -4.75 -7.54
CA TYR B 595 -7.48 -3.30 -7.78
C TYR B 595 -8.87 -2.65 -7.79
N GLY B 596 -9.92 -3.45 -7.68
CA GLY B 596 -11.28 -2.93 -7.77
C GLY B 596 -12.26 -3.98 -8.25
N MET B 597 -12.95 -3.68 -9.35
CA MET B 597 -13.99 -4.52 -9.94
C MET B 597 -13.78 -4.67 -11.46
N TYR B 598 -14.25 -5.79 -11.99
CA TYR B 598 -14.19 -6.04 -13.41
C TYR B 598 -15.60 -6.42 -13.89
N LEU B 599 -16.04 -5.78 -14.97
CA LEU B 599 -17.32 -6.02 -15.57
C LEU B 599 -17.13 -6.22 -17.04
N SER B 600 -17.71 -7.29 -17.56
CA SER B 600 -17.71 -7.57 -18.99
C SER B 600 -19.12 -7.88 -19.47
N VAL B 601 -19.49 -7.25 -20.58
CA VAL B 601 -20.76 -7.50 -21.24
C VAL B 601 -20.47 -7.92 -22.68
N LYS B 602 -20.94 -9.12 -23.06
CA LYS B 602 -20.61 -9.74 -24.34
C LYS B 602 -21.85 -10.28 -25.04
N GLY B 603 -21.83 -10.30 -26.37
CA GLY B 603 -22.88 -10.93 -27.17
C GLY B 603 -23.52 -9.96 -28.14
N TYR B 604 -24.76 -10.24 -28.52
CA TYR B 604 -25.46 -9.41 -29.52
C TYR B 604 -25.52 -7.97 -29.07
N ASN B 605 -25.04 -7.07 -29.92
CA ASN B 605 -24.94 -5.64 -29.57
C ASN B 605 -26.29 -4.97 -29.39
N ASP B 606 -27.32 -5.54 -30.02
CA ASP B 606 -28.64 -4.92 -30.10
C ASP B 606 -29.10 -4.31 -28.78
N LYS B 607 -29.38 -5.16 -27.78
CA LYS B 607 -29.99 -4.75 -26.51
C LYS B 607 -28.91 -4.55 -25.43
N GLN B 608 -27.65 -4.64 -25.87
CA GLN B 608 -26.51 -4.52 -24.97
C GLN B 608 -26.54 -3.27 -24.08
N PRO B 609 -26.87 -2.08 -24.65
CA PRO B 609 -26.93 -0.89 -23.79
C PRO B 609 -27.99 -0.94 -22.69
N ILE B 610 -29.06 -1.67 -22.93
CA ILE B 610 -30.15 -1.76 -21.93
C ILE B 610 -29.66 -2.56 -20.71
N LEU B 611 -28.95 -3.66 -20.95
CA LEU B 611 -28.40 -4.48 -19.87
C LEU B 611 -27.31 -3.73 -19.11
N LEU B 612 -26.37 -3.11 -19.83
CA LEU B 612 -25.31 -2.35 -19.16
C LEU B 612 -25.88 -1.32 -18.20
N LYS B 613 -26.88 -0.57 -18.65
CA LYS B 613 -27.51 0.48 -17.84
C LYS B 613 -28.10 -0.07 -16.57
N LYS B 614 -28.80 -1.19 -16.69
CA LYS B 614 -29.42 -1.84 -15.54
C LYS B 614 -28.38 -2.29 -14.50
N ILE B 615 -27.24 -2.81 -14.98
CA ILE B 615 -26.15 -3.24 -14.07
C ILE B 615 -25.58 -2.03 -13.32
N ILE B 616 -25.19 -0.99 -14.06
CA ILE B 616 -24.56 0.19 -13.45
C ILE B 616 -25.50 0.86 -12.45
N GLU B 617 -26.78 1.00 -12.81
CA GLU B 617 -27.80 1.52 -11.89
C GLU B 617 -27.89 0.72 -10.63
N LYS B 618 -28.11 -0.57 -10.78
CA LYS B 618 -28.19 -1.46 -9.65
C LYS B 618 -26.91 -1.38 -8.79
N MET B 619 -25.71 -1.28 -9.41
CA MET B 619 -24.45 -1.12 -8.69
C MET B 619 -24.55 0.01 -7.67
N ALA B 620 -25.13 1.13 -8.13
CA ALA B 620 -25.18 2.40 -7.41
C ALA B 620 -26.39 2.57 -6.48
N THR B 621 -27.47 1.82 -6.70
CA THR B 621 -28.72 2.07 -5.98
C THR B 621 -29.18 0.82 -5.26
N PHE B 622 -28.21 -0.06 -5.04
CA PHE B 622 -28.44 -1.41 -4.56
C PHE B 622 -29.00 -1.46 -3.14
N GLU B 623 -30.10 -2.21 -2.98
CA GLU B 623 -30.68 -2.51 -1.67
C GLU B 623 -30.58 -3.99 -1.26
N ILE B 624 -29.74 -4.23 -0.26
CA ILE B 624 -29.40 -5.59 0.15
C ILE B 624 -30.51 -6.25 0.96
N ASP B 625 -30.89 -7.47 0.58
CA ASP B 625 -31.79 -8.29 1.37
C ASP B 625 -30.98 -9.02 2.45
N GLU B 626 -31.38 -8.82 3.70
CA GLU B 626 -30.69 -9.39 4.84
C GLU B 626 -30.56 -10.89 4.75
N LYS B 627 -31.67 -11.55 4.42
CA LYS B 627 -31.68 -13.01 4.26
C LYS B 627 -30.62 -13.51 3.26
N ARG B 628 -30.57 -12.86 2.10
CA ARG B 628 -29.67 -13.23 1.02
C ARG B 628 -28.22 -12.99 1.48
N PHE B 629 -28.00 -11.84 2.11
CA PHE B 629 -26.71 -11.47 2.71
C PHE B 629 -26.16 -12.59 3.59
N GLU B 630 -26.96 -12.98 4.59
CA GLU B 630 -26.58 -14.10 5.46
C GLU B 630 -26.28 -15.41 4.72
N ILE B 631 -27.10 -15.72 3.72
CA ILE B 631 -26.96 -16.98 2.96
C ILE B 631 -25.67 -16.96 2.11
N ILE B 632 -25.43 -15.85 1.43
CA ILE B 632 -24.26 -15.69 0.56
C ILE B 632 -22.99 -15.64 1.40
N LYS B 633 -23.10 -15.04 2.60
CA LYS B 633 -21.97 -14.94 3.53
C LYS B 633 -21.53 -16.33 3.99
N GLU B 634 -22.51 -17.17 4.32
CA GLU B 634 -22.26 -18.57 4.69
C GLU B 634 -21.64 -19.34 3.54
N ALA B 635 -22.18 -19.16 2.32
CA ALA B 635 -21.69 -19.89 1.16
C ALA B 635 -20.21 -19.51 0.92
N TYR B 636 -19.90 -18.21 1.07
CA TYR B 636 -18.56 -17.67 0.87
C TYR B 636 -17.55 -18.24 1.88
N MET B 637 -17.93 -18.32 3.14
CA MET B 637 -17.13 -18.98 4.16
C MET B 637 -16.75 -20.41 3.72
N ARG B 638 -17.77 -21.18 3.36
CA ARG B 638 -17.55 -22.55 2.88
C ARG B 638 -16.63 -22.59 1.65
N SER B 639 -16.87 -21.66 0.73
CA SER B 639 -16.08 -21.57 -0.46
C SER B 639 -14.60 -21.33 -0.10
N LEU B 640 -14.35 -20.57 0.97
CA LEU B 640 -12.99 -20.28 1.41
C LEU B 640 -12.38 -21.51 2.05
N ASN B 641 -13.12 -22.21 2.88
CA ASN B 641 -12.63 -23.49 3.44
C ASN B 641 -12.35 -24.54 2.39
N ASN B 642 -13.22 -24.63 1.37
CA ASN B 642 -13.07 -25.64 0.29
C ASN B 642 -11.78 -25.58 -0.51
N PHE B 643 -11.01 -24.52 -0.31
CA PHE B 643 -9.77 -24.43 -1.03
C PHE B 643 -8.83 -25.51 -0.51
N ARG B 644 -9.01 -25.96 0.73
CA ARG B 644 -8.23 -27.06 1.30
C ARG B 644 -8.35 -28.34 0.45
N ALA B 645 -9.48 -28.53 -0.22
CA ALA B 645 -9.72 -29.73 -1.05
C ALA B 645 -9.26 -29.58 -2.51
N GLU B 646 -8.72 -28.42 -2.87
CA GLU B 646 -8.22 -28.22 -4.22
C GLU B 646 -6.92 -28.99 -4.41
N GLN B 647 -6.53 -29.18 -5.66
CA GLN B 647 -5.33 -29.98 -5.99
C GLN B 647 -3.99 -29.36 -5.56
N PRO B 648 -3.01 -30.21 -5.20
CA PRO B 648 -1.73 -29.71 -4.70
C PRO B 648 -1.01 -28.72 -5.62
N HIS B 649 -1.05 -28.93 -6.94
CA HIS B 649 -0.42 -27.98 -7.86
C HIS B 649 -1.14 -26.66 -7.83
N GLN B 650 -2.47 -26.70 -7.68
CA GLN B 650 -3.28 -25.49 -7.51
C GLN B 650 -2.81 -24.72 -6.28
N HIS B 651 -2.64 -25.39 -5.15
CA HIS B 651 -2.04 -24.78 -3.96
C HIS B 651 -0.69 -24.13 -4.21
N ALA B 652 0.19 -24.85 -4.90
CA ALA B 652 1.56 -24.36 -5.20
C ALA B 652 1.54 -23.02 -5.93
N MET B 653 0.74 -22.95 -6.98
CA MET B 653 0.55 -21.72 -7.75
C MET B 653 -0.02 -20.58 -6.90
N TYR B 654 -0.98 -20.90 -6.05
CA TYR B 654 -1.59 -19.92 -5.15
C TYR B 654 -0.54 -19.34 -4.19
N TYR B 655 0.20 -20.21 -3.52
CA TYR B 655 1.27 -19.76 -2.61
C TYR B 655 2.33 -18.88 -3.29
N LEU B 656 2.65 -19.16 -4.56
CA LEU B 656 3.68 -18.36 -5.24
C LEU B 656 3.15 -16.97 -5.55
N ARG B 657 1.91 -16.86 -6.02
CA ARG B 657 1.28 -15.53 -6.19
C ARG B 657 1.30 -14.74 -4.89
N LEU B 658 1.07 -15.42 -3.77
CA LEU B 658 1.07 -14.75 -2.46
C LEU B 658 2.44 -14.20 -2.16
N LEU B 659 3.44 -14.97 -2.56
CA LEU B 659 4.82 -14.76 -2.14
C LEU B 659 5.44 -13.63 -2.92
N MET B 660 5.12 -13.57 -4.21
CA MET B 660 5.85 -12.71 -5.12
C MET B 660 5.21 -11.35 -5.36
N THR B 661 4.01 -11.13 -4.84
CA THR B 661 3.26 -9.90 -5.05
C THR B 661 3.39 -9.07 -3.78
N GLU B 662 3.52 -7.76 -3.94
CA GLU B 662 3.69 -6.83 -2.84
C GLU B 662 2.61 -6.96 -1.71
N VAL B 663 1.33 -7.02 -2.08
CA VAL B 663 0.19 -7.18 -1.15
C VAL B 663 -0.66 -8.37 -1.64
N ALA B 664 -1.06 -9.25 -0.72
CA ALA B 664 -1.89 -10.43 -1.02
C ALA B 664 -2.44 -10.98 0.25
N TRP B 665 -3.77 -10.97 0.39
CA TRP B 665 -4.45 -11.54 1.58
C TRP B 665 -4.65 -13.02 1.41
N THR B 666 -4.27 -13.80 2.42
CA THR B 666 -4.47 -15.27 2.36
C THR B 666 -5.93 -15.65 2.59
N LYS B 667 -6.28 -16.90 2.21
CA LYS B 667 -7.59 -17.47 2.46
C LYS B 667 -7.93 -17.49 3.93
N ASP B 668 -6.95 -17.81 4.76
CA ASP B 668 -7.09 -17.79 6.21
C ASP B 668 -7.36 -16.40 6.74
N GLU B 669 -6.65 -15.40 6.21
CA GLU B 669 -6.88 -14.03 6.65
C GLU B 669 -8.28 -13.58 6.18
N LEU B 670 -8.67 -13.95 4.98
CA LEU B 670 -9.99 -13.60 4.48
C LEU B 670 -11.05 -14.20 5.39
N LYS B 671 -10.93 -15.49 5.71
CA LYS B 671 -11.95 -16.11 6.56
C LYS B 671 -11.97 -15.59 7.99
N GLU B 672 -10.82 -15.22 8.49
CA GLU B 672 -10.78 -14.60 9.81
C GLU B 672 -11.53 -13.27 9.83
N ALA B 673 -11.38 -12.49 8.77
CA ALA B 673 -12.04 -11.19 8.70
C ALA B 673 -13.53 -11.30 8.35
N LEU B 674 -13.96 -12.45 7.82
CA LEU B 674 -15.33 -12.61 7.35
C LEU B 674 -16.39 -12.44 8.43
N ASP B 675 -16.10 -12.92 9.63
CA ASP B 675 -17.05 -12.81 10.74
C ASP B 675 -17.37 -11.39 11.10
N ASP B 676 -16.41 -10.48 10.89
CA ASP B 676 -16.63 -9.06 11.15
C ASP B 676 -17.46 -8.33 10.10
N VAL B 677 -17.77 -8.97 8.97
CA VAL B 677 -18.61 -8.34 7.96
C VAL B 677 -20.08 -8.38 8.42
N THR B 678 -20.58 -7.23 8.84
CA THR B 678 -22.00 -7.16 9.26
C THR B 678 -22.75 -6.48 8.16
N LEU B 679 -24.08 -6.59 8.18
CA LEU B 679 -24.92 -5.89 7.21
C LEU B 679 -24.67 -4.36 7.18
N PRO B 680 -24.73 -3.67 8.35
CA PRO B 680 -24.45 -2.21 8.34
C PRO B 680 -23.06 -1.85 7.80
N ARG B 681 -22.06 -2.65 8.09
CA ARG B 681 -20.70 -2.40 7.59
C ARG B 681 -20.63 -2.53 6.05
N LEU B 682 -21.29 -3.54 5.50
CA LEU B 682 -21.40 -3.64 4.06
C LEU B 682 -22.20 -2.49 3.45
N LYS B 683 -23.27 -2.04 4.12
CA LYS B 683 -24.02 -0.88 3.61
C LYS B 683 -23.13 0.37 3.59
N ALA B 684 -22.30 0.51 4.61
CA ALA B 684 -21.38 1.65 4.61
C ALA B 684 -20.26 1.50 3.54
N PHE B 685 -19.79 0.29 3.32
CA PHE B 685 -18.69 0.06 2.36
C PHE B 685 -19.03 0.46 0.91
N ILE B 686 -20.25 0.17 0.44
CA ILE B 686 -20.58 0.38 -0.98
C ILE B 686 -20.42 1.84 -1.47
N PRO B 687 -21.09 2.81 -0.80
CA PRO B 687 -20.82 4.21 -1.14
C PRO B 687 -19.34 4.59 -1.05
N GLN B 688 -18.61 4.08 -0.06
CA GLN B 688 -17.16 4.37 0.05
C GLN B 688 -16.44 3.85 -1.20
N LEU B 689 -16.65 2.58 -1.52
CA LEU B 689 -16.05 1.99 -2.71
C LEU B 689 -16.32 2.85 -3.95
N LEU B 690 -17.58 3.30 -4.08
CA LEU B 690 -18.02 3.95 -5.32
C LEU B 690 -17.72 5.43 -5.37
N SER B 691 -17.37 6.00 -4.20
CA SER B 691 -17.16 7.44 -4.07
C SER B 691 -16.12 7.99 -5.00
N ARG B 692 -15.04 7.24 -5.22
CA ARG B 692 -13.94 7.67 -6.07
C ARG B 692 -13.48 6.50 -6.92
N LEU B 693 -13.52 6.67 -8.24
CA LEU B 693 -13.14 5.58 -9.18
C LEU B 693 -12.33 6.07 -10.35
N HIS B 694 -11.60 5.16 -10.96
CA HIS B 694 -11.12 5.35 -12.32
C HIS B 694 -11.62 4.17 -13.12
N ILE B 695 -12.07 4.44 -14.34
CA ILE B 695 -12.58 3.38 -15.22
C ILE B 695 -11.63 3.27 -16.41
N GLU B 696 -11.15 2.07 -16.69
CA GLU B 696 -10.47 1.81 -17.95
C GLU B 696 -11.29 0.79 -18.72
N ALA B 697 -11.64 1.10 -19.95
CA ALA B 697 -12.55 0.27 -20.73
C ALA B 697 -11.99 -0.08 -22.10
N LEU B 698 -12.41 -1.24 -22.59
CA LEU B 698 -12.22 -1.62 -23.98
C LEU B 698 -13.59 -1.98 -24.56
N LEU B 699 -13.97 -1.27 -25.62
CA LEU B 699 -15.19 -1.60 -26.35
C LEU B 699 -14.78 -2.02 -27.76
N HIS B 700 -15.14 -3.24 -28.10
CA HIS B 700 -14.68 -3.83 -29.33
C HIS B 700 -15.82 -4.60 -29.95
N GLY B 701 -16.13 -4.26 -31.20
CA GLY B 701 -17.03 -5.08 -32.02
C GLY B 701 -17.87 -4.28 -33.02
N ASN B 702 -19.14 -4.66 -33.14
CA ASN B 702 -20.07 -4.03 -34.07
C ASN B 702 -20.64 -2.77 -33.45
N ILE B 703 -19.78 -1.75 -33.34
CA ILE B 703 -20.09 -0.44 -32.75
C ILE B 703 -19.24 0.63 -33.42
N THR B 704 -19.78 1.85 -33.48
CA THR B 704 -19.09 3.05 -33.97
C THR B 704 -18.42 3.83 -32.82
N LYS B 705 -17.48 4.70 -33.22
CA LYS B 705 -16.82 5.62 -32.30
C LYS B 705 -17.82 6.37 -31.41
N GLN B 706 -18.86 6.96 -32.00
CA GLN B 706 -19.85 7.73 -31.22
C GLN B 706 -20.69 6.86 -30.31
N ALA B 707 -21.12 5.70 -30.78
CA ALA B 707 -21.85 4.78 -29.91
C ALA B 707 -20.96 4.38 -28.69
N ALA B 708 -19.68 4.05 -28.94
CA ALA B 708 -18.71 3.74 -27.86
C ALA B 708 -18.65 4.85 -26.80
N LEU B 709 -18.41 6.08 -27.26
CA LEU B 709 -18.41 7.27 -26.41
C LEU B 709 -19.75 7.44 -25.66
N GLY B 710 -20.86 7.11 -26.32
CA GLY B 710 -22.21 7.21 -25.71
C GLY B 710 -22.39 6.19 -24.59
N ILE B 711 -21.74 5.04 -24.73
CA ILE B 711 -21.81 3.99 -23.72
C ILE B 711 -20.99 4.39 -22.49
N MET B 712 -19.74 4.77 -22.72
CA MET B 712 -18.88 5.24 -21.64
C MET B 712 -19.52 6.37 -20.83
N GLN B 713 -20.17 7.30 -21.53
CA GLN B 713 -20.76 8.48 -20.89
C GLN B 713 -21.94 8.07 -19.99
N MET B 714 -22.76 7.16 -20.50
CA MET B 714 -23.86 6.61 -19.73
C MET B 714 -23.37 5.87 -18.48
N VAL B 715 -22.25 5.17 -18.57
CA VAL B 715 -21.70 4.49 -17.40
C VAL B 715 -21.27 5.55 -16.38
N GLU B 716 -20.47 6.50 -16.86
CA GLU B 716 -20.04 7.61 -16.00
C GLU B 716 -21.21 8.37 -15.34
N ASP B 717 -22.18 8.78 -16.15
CA ASP B 717 -23.30 9.61 -15.67
C ASP B 717 -24.11 8.86 -14.64
N THR B 718 -24.26 7.55 -14.86
CA THR B 718 -25.06 6.75 -13.94
C THR B 718 -24.41 6.69 -12.56
N LEU B 719 -23.09 6.51 -12.52
CA LEU B 719 -22.37 6.45 -11.25
C LEU B 719 -22.35 7.83 -10.56
N ILE B 720 -22.15 8.88 -11.37
CA ILE B 720 -22.05 10.24 -10.86
C ILE B 720 -23.36 10.64 -10.21
N GLU B 721 -24.47 10.34 -10.88
CA GLU B 721 -25.77 10.70 -10.41
C GLU B 721 -26.17 9.95 -9.12
N HIS B 722 -25.96 8.64 -9.10
CA HIS B 722 -26.45 7.79 -8.02
C HIS B 722 -25.44 7.53 -6.93
N ALA B 723 -24.16 7.53 -7.25
CA ALA B 723 -23.12 7.18 -6.27
C ALA B 723 -22.20 8.38 -5.96
N HIS B 724 -22.38 9.47 -6.70
CA HIS B 724 -21.63 10.72 -6.50
C HIS B 724 -20.19 10.49 -6.76
N THR B 725 -19.89 9.65 -7.74
CA THR B 725 -18.51 9.30 -8.06
C THR B 725 -17.70 10.52 -8.53
N LYS B 726 -16.49 10.65 -7.99
CA LYS B 726 -15.53 11.64 -8.43
C LYS B 726 -14.27 10.88 -8.78
N PRO B 727 -13.38 11.48 -9.60
CA PRO B 727 -12.19 10.72 -10.02
C PRO B 727 -11.09 10.49 -8.94
N LEU B 728 -10.26 9.47 -9.14
CA LEU B 728 -9.11 9.24 -8.27
C LEU B 728 -8.01 10.10 -8.76
N LEU B 729 -7.03 10.43 -7.90
CA LEU B 729 -5.81 11.16 -8.28
C LEU B 729 -4.84 10.27 -9.03
N PRO B 730 -4.08 10.82 -9.98
CA PRO B 730 -3.13 10.01 -10.75
C PRO B 730 -2.14 9.25 -9.87
N SER B 731 -1.66 9.91 -8.83
CA SER B 731 -0.82 9.29 -7.79
C SER B 731 -1.50 8.10 -7.08
N GLN B 732 -2.84 8.02 -7.07
CA GLN B 732 -3.53 6.94 -6.36
C GLN B 732 -3.64 5.66 -7.19
N LEU B 733 -3.34 5.77 -8.48
CA LEU B 733 -3.46 4.63 -9.38
C LEU B 733 -2.16 3.85 -9.35
N VAL B 734 -1.96 3.16 -8.25
CA VAL B 734 -0.77 2.35 -7.99
C VAL B 734 -1.04 0.89 -8.31
N ARG B 735 -0.04 0.26 -8.92
CA ARG B 735 -0.11 -1.14 -9.25
C ARG B 735 0.87 -1.87 -8.34
N TYR B 736 0.67 -3.16 -8.09
CA TYR B 736 1.55 -3.91 -7.19
C TYR B 736 2.84 -4.37 -7.89
N ARG B 737 3.92 -4.33 -7.14
CA ARG B 737 5.25 -4.68 -7.68
C ARG B 737 5.57 -6.14 -7.44
N GLU B 738 6.48 -6.70 -8.26
CA GLU B 738 6.96 -8.03 -7.96
C GLU B 738 8.20 -7.93 -7.09
N VAL B 739 8.36 -8.94 -6.22
CA VAL B 739 9.50 -9.07 -5.33
C VAL B 739 10.77 -9.35 -6.16
N GLN B 740 11.82 -8.60 -5.88
CA GLN B 740 13.09 -8.75 -6.59
C GLN B 740 14.04 -9.74 -5.86
N LEU B 741 14.15 -10.96 -6.39
CA LEU B 741 15.00 -12.00 -5.79
C LEU B 741 16.50 -11.70 -5.96
N PRO B 742 17.34 -12.10 -4.98
CA PRO B 742 18.76 -11.79 -5.10
C PRO B 742 19.48 -12.79 -6.02
N ASP B 743 20.49 -12.29 -6.72
CA ASP B 743 21.46 -13.11 -7.48
C ASP B 743 21.91 -14.33 -6.69
N ARG B 744 21.71 -15.52 -7.27
CA ARG B 744 22.20 -16.78 -6.71
C ARG B 744 21.43 -17.28 -5.48
N GLY B 745 20.27 -16.68 -5.22
CA GLY B 745 19.40 -17.18 -4.16
C GLY B 745 18.45 -18.29 -4.60
N TRP B 746 18.12 -19.14 -3.65
CA TRP B 746 17.11 -20.14 -3.83
C TRP B 746 16.28 -20.19 -2.58
N PHE B 747 14.99 -19.90 -2.74
CA PHE B 747 14.09 -19.87 -1.62
C PHE B 747 13.07 -20.99 -1.76
N VAL B 748 12.72 -21.62 -0.63
CA VAL B 748 11.65 -22.60 -0.62
C VAL B 748 10.54 -22.30 0.39
N TYR B 749 9.30 -22.34 -0.09
CA TYR B 749 8.16 -22.29 0.80
C TYR B 749 7.47 -23.64 0.78
N GLN B 750 7.17 -24.17 1.96
CA GLN B 750 6.55 -25.48 2.06
C GLN B 750 5.24 -25.46 2.85
N GLN B 751 4.25 -26.21 2.35
CA GLN B 751 2.97 -26.41 3.03
C GLN B 751 2.50 -27.83 2.72
N ARG B 752 1.39 -28.23 3.33
CA ARG B 752 0.83 -29.56 3.11
C ARG B 752 -0.62 -29.49 2.60
N ASN B 753 -0.94 -30.32 1.62
CA ASN B 753 -2.32 -30.53 1.17
C ASN B 753 -2.91 -31.66 2.01
N GLU B 754 -3.97 -31.35 2.75
CA GLU B 754 -4.55 -32.28 3.74
C GLU B 754 -5.56 -33.26 3.13
N VAL B 755 -5.86 -33.11 1.85
CA VAL B 755 -6.88 -33.90 1.15
C VAL B 755 -6.30 -34.91 0.14
N HIS B 756 -5.37 -34.47 -0.70
CA HIS B 756 -4.82 -35.32 -1.74
C HIS B 756 -3.52 -35.94 -1.33
N ASN B 757 -3.35 -37.22 -1.69
CA ASN B 757 -2.09 -37.93 -1.46
C ASN B 757 -1.19 -37.89 -2.68
N ASN B 758 -0.94 -36.67 -3.14
CA ASN B 758 -0.04 -36.35 -4.23
C ASN B 758 0.64 -35.07 -3.84
N SER B 759 1.90 -34.91 -4.26
CA SER B 759 2.62 -33.64 -4.11
C SER B 759 2.32 -32.62 -5.21
N GLY B 760 2.62 -31.36 -4.91
CA GLY B 760 2.60 -30.29 -5.89
C GLY B 760 3.85 -29.42 -5.78
N ILE B 761 4.27 -28.86 -6.91
CA ILE B 761 5.44 -28.00 -6.91
C ILE B 761 5.34 -26.92 -7.98
N GLU B 762 5.82 -25.72 -7.65
CA GLU B 762 6.08 -24.75 -8.66
C GLU B 762 7.51 -24.26 -8.49
N ILE B 763 8.29 -24.32 -9.57
CA ILE B 763 9.63 -23.75 -9.57
C ILE B 763 9.62 -22.56 -10.51
N TYR B 764 10.11 -21.43 -10.01
CA TYR B 764 10.15 -20.20 -10.77
C TYR B 764 11.57 -19.64 -10.76
N TYR B 765 12.17 -19.58 -11.96
CA TYR B 765 13.45 -18.90 -12.17
C TYR B 765 13.14 -17.50 -12.69
N GLN B 766 13.30 -16.50 -11.83
CA GLN B 766 12.94 -15.13 -12.18
C GLN B 766 14.06 -14.55 -13.06
N THR B 767 13.70 -13.93 -14.16
CA THR B 767 14.71 -13.37 -15.04
C THR B 767 14.88 -11.87 -14.83
N ASP B 768 14.08 -11.08 -15.53
CA ASP B 768 14.13 -9.62 -15.40
C ASP B 768 12.77 -9.00 -15.80
N MET B 769 12.74 -7.67 -15.80
CA MET B 769 11.66 -6.89 -16.36
C MET B 769 11.38 -7.29 -17.81
N GLN B 770 10.11 -7.24 -18.21
CA GLN B 770 9.73 -7.48 -19.61
C GLN B 770 10.26 -6.38 -20.53
N SER B 771 10.70 -6.81 -21.73
CA SER B 771 11.31 -5.96 -22.75
C SER B 771 11.38 -6.83 -24.00
N THR B 772 11.40 -6.22 -25.17
CA THR B 772 11.44 -7.00 -26.43
C THR B 772 12.48 -8.12 -26.41
N SER B 773 13.72 -7.80 -26.02
CA SER B 773 14.78 -8.80 -25.98
C SER B 773 14.58 -9.86 -24.90
N GLU B 774 14.40 -9.44 -23.64
CA GLU B 774 14.15 -10.37 -22.54
C GLU B 774 12.99 -11.33 -22.84
N ASN B 775 11.89 -10.77 -23.36
CA ASN B 775 10.70 -11.57 -23.71
C ASN B 775 11.06 -12.68 -24.66
N MET B 776 11.86 -12.34 -25.67
CA MET B 776 12.11 -13.30 -26.75
C MET B 776 13.19 -14.31 -26.40
N PHE B 777 14.21 -13.89 -25.65
CA PHE B 777 15.18 -14.82 -25.08
C PHE B 777 14.44 -15.92 -24.34
N LEU B 778 13.57 -15.51 -23.42
CA LEU B 778 12.79 -16.44 -22.60
C LEU B 778 11.81 -17.28 -23.42
N GLU B 779 11.14 -16.67 -24.37
CA GLU B 779 10.10 -17.38 -25.14
C GLU B 779 10.71 -18.40 -26.11
N LEU B 780 11.87 -18.07 -26.68
CA LEU B 780 12.57 -19.05 -27.51
C LEU B 780 13.06 -20.23 -26.67
N PHE B 781 13.68 -19.94 -25.52
CA PHE B 781 14.12 -20.99 -24.63
C PHE B 781 12.93 -21.87 -24.23
N ALA B 782 11.79 -21.24 -23.90
CA ALA B 782 10.55 -21.96 -23.56
C ALA B 782 10.09 -22.85 -24.70
N GLN B 783 10.06 -22.28 -25.91
CA GLN B 783 9.85 -23.02 -27.17
C GLN B 783 10.71 -24.30 -27.25
N ILE B 784 12.03 -24.10 -27.18
CA ILE B 784 13.00 -25.18 -27.28
C ILE B 784 12.73 -26.31 -26.30
N ILE B 785 12.45 -25.96 -25.05
CA ILE B 785 12.39 -26.98 -23.99
C ILE B 785 11.00 -27.58 -23.85
N SER B 786 10.01 -26.96 -24.48
CA SER B 786 8.62 -27.28 -24.26
C SER B 786 8.30 -28.77 -24.48
N GLU B 787 8.46 -29.26 -25.71
CA GLU B 787 8.18 -30.66 -26.01
C GLU B 787 9.06 -31.65 -25.23
N PRO B 788 10.40 -31.43 -25.22
CA PRO B 788 11.26 -32.33 -24.45
C PRO B 788 10.83 -32.51 -23.00
N ALA B 789 10.45 -31.40 -22.35
CA ALA B 789 10.02 -31.42 -20.94
C ALA B 789 8.89 -32.43 -20.72
N PHE B 790 7.92 -32.41 -21.62
CA PHE B 790 6.82 -33.36 -21.58
C PHE B 790 7.31 -34.80 -21.87
N ASN B 791 8.03 -34.97 -22.97
CA ASN B 791 8.51 -36.28 -23.37
C ASN B 791 9.44 -36.91 -22.32
N THR B 792 10.32 -36.10 -21.74
CA THR B 792 11.23 -36.58 -20.70
C THR B 792 10.55 -36.76 -19.34
N LEU B 793 10.11 -35.66 -18.73
CA LEU B 793 9.61 -35.71 -17.35
C LEU B 793 8.27 -36.45 -17.17
N ARG B 794 7.35 -36.29 -18.12
CA ARG B 794 6.05 -36.98 -18.05
C ARG B 794 6.14 -38.36 -18.69
N THR B 795 6.50 -38.39 -19.97
CA THR B 795 6.47 -39.64 -20.73
C THR B 795 7.55 -40.65 -20.32
N LYS B 796 8.82 -40.26 -20.36
CA LYS B 796 9.89 -41.18 -19.95
C LYS B 796 9.92 -41.43 -18.44
N GLU B 797 10.30 -40.44 -17.65
CA GLU B 797 10.49 -40.61 -16.20
C GLU B 797 9.20 -40.85 -15.39
N GLN B 798 8.04 -40.73 -16.04
CA GLN B 798 6.74 -40.96 -15.40
C GLN B 798 6.46 -40.13 -14.12
N LEU B 799 6.97 -38.90 -14.08
CA LEU B 799 6.95 -38.12 -12.83
C LEU B 799 5.56 -37.89 -12.26
N GLY B 800 4.59 -37.58 -13.12
CA GLY B 800 3.22 -37.37 -12.64
C GLY B 800 2.22 -37.03 -13.71
N TYR B 801 0.96 -36.93 -13.30
CA TYR B 801 -0.12 -36.63 -14.25
C TYR B 801 0.08 -35.24 -14.87
N ILE B 802 0.58 -34.32 -14.06
CA ILE B 802 0.79 -32.93 -14.48
C ILE B 802 2.28 -32.57 -14.59
N VAL B 803 2.69 -32.26 -15.82
CA VAL B 803 4.00 -31.66 -16.04
C VAL B 803 3.76 -30.48 -16.95
N PHE B 804 4.20 -29.29 -16.53
CA PHE B 804 4.05 -28.07 -17.32
C PHE B 804 5.32 -27.24 -17.24
N SER B 805 5.67 -26.60 -18.35
CA SER B 805 6.74 -25.64 -18.38
C SER B 805 6.37 -24.48 -19.32
N GLY B 806 6.89 -23.29 -19.03
CA GLY B 806 6.71 -22.13 -19.89
C GLY B 806 6.99 -20.82 -19.17
N PRO B 807 6.84 -19.70 -19.89
CA PRO B 807 7.07 -18.39 -19.28
C PRO B 807 6.03 -18.05 -18.18
N ARG B 808 6.48 -17.30 -17.18
CA ARG B 808 5.61 -16.76 -16.16
C ARG B 808 5.68 -15.23 -16.27
N ARG B 809 4.51 -14.59 -16.24
CA ARG B 809 4.43 -13.15 -16.38
C ARG B 809 3.52 -12.59 -15.29
N ALA B 810 4.03 -11.65 -14.49
CA ALA B 810 3.21 -10.98 -13.48
C ALA B 810 3.83 -9.65 -13.17
N ASN B 811 2.99 -8.63 -13.05
CA ASN B 811 3.43 -7.31 -12.58
C ASN B 811 4.60 -6.72 -13.35
N GLY B 812 4.67 -7.00 -14.66
CA GLY B 812 5.71 -6.45 -15.55
C GLY B 812 7.06 -7.17 -15.53
N ILE B 813 7.15 -8.20 -14.69
CA ILE B 813 8.34 -9.07 -14.53
C ILE B 813 8.02 -10.44 -15.12
N GLN B 814 9.07 -11.25 -15.32
CA GLN B 814 8.94 -12.55 -15.98
C GLN B 814 10.06 -13.51 -15.59
N GLY B 815 9.90 -14.76 -15.98
CA GLY B 815 10.85 -15.81 -15.63
C GLY B 815 10.37 -17.12 -16.22
N LEU B 816 11.12 -18.20 -15.93
CA LEU B 816 10.77 -19.54 -16.38
C LEU B 816 10.11 -20.34 -15.28
N ARG B 817 9.08 -21.10 -15.60
CA ARG B 817 8.38 -21.87 -14.57
C ARG B 817 8.17 -23.34 -14.93
N PHE B 818 8.18 -24.17 -13.90
CA PHE B 818 7.77 -25.57 -13.99
C PHE B 818 6.70 -25.77 -12.94
N ILE B 819 5.66 -26.50 -13.33
CA ILE B 819 4.63 -26.91 -12.41
C ILE B 819 4.49 -28.41 -12.57
N ILE B 820 4.52 -29.13 -11.44
CA ILE B 820 4.41 -30.58 -11.46
C ILE B 820 3.56 -31.09 -10.30
N GLN B 821 2.71 -32.07 -10.59
CA GLN B 821 1.99 -32.78 -9.55
C GLN B 821 2.34 -34.25 -9.65
N SER B 822 2.85 -34.80 -8.55
CA SER B 822 3.43 -36.15 -8.56
C SER B 822 3.14 -36.93 -7.27
N GLU B 823 3.35 -38.23 -7.29
CA GLU B 823 3.31 -39.02 -6.06
C GLU B 823 4.64 -38.93 -5.31
N LYS B 824 5.69 -38.47 -6.01
CA LYS B 824 7.05 -38.43 -5.48
C LYS B 824 7.29 -37.13 -4.68
N PRO B 825 8.26 -37.12 -3.73
CA PRO B 825 8.51 -35.91 -2.92
C PRO B 825 9.11 -34.71 -3.70
N PRO B 826 8.73 -33.49 -3.29
CA PRO B 826 9.17 -32.25 -3.90
C PRO B 826 10.65 -32.20 -4.24
N HIS B 827 11.50 -32.59 -3.29
CA HIS B 827 12.92 -32.45 -3.51
C HIS B 827 13.42 -33.39 -4.58
N TYR B 828 12.75 -34.51 -4.75
CA TYR B 828 13.06 -35.39 -5.86
C TYR B 828 12.75 -34.70 -7.19
N LEU B 829 11.57 -34.08 -7.30
CA LEU B 829 11.18 -33.40 -8.52
C LEU B 829 12.16 -32.30 -8.85
N GLU B 830 12.71 -31.69 -7.80
CA GLU B 830 13.67 -30.60 -7.96
C GLU B 830 14.91 -31.08 -8.71
N SER B 831 15.44 -32.24 -8.33
CA SER B 831 16.67 -32.76 -8.90
C SER B 831 16.45 -33.15 -10.35
N ARG B 832 15.28 -33.73 -10.62
CA ARG B 832 14.94 -34.14 -11.98
C ARG B 832 14.81 -32.96 -12.94
N VAL B 833 14.30 -31.83 -12.43
CA VAL B 833 14.09 -30.64 -13.27
C VAL B 833 15.46 -30.10 -13.58
N GLU B 834 16.32 -30.04 -12.56
CA GLU B 834 17.68 -29.51 -12.73
C GLU B 834 18.54 -30.37 -13.66
N ALA B 835 18.36 -31.69 -13.60
CA ALA B 835 19.02 -32.60 -14.53
C ALA B 835 18.51 -32.33 -15.96
N PHE B 836 17.20 -32.21 -16.10
CA PHE B 836 16.59 -31.89 -17.38
C PHE B 836 17.15 -30.62 -18.00
N LEU B 837 17.34 -29.59 -17.18
CA LEU B 837 17.90 -28.32 -17.65
C LEU B 837 19.34 -28.47 -18.15
N ILE B 838 20.09 -29.39 -17.55
CA ILE B 838 21.43 -29.73 -18.06
C ILE B 838 21.35 -30.39 -19.45
N THR B 839 20.44 -31.35 -19.58
CA THR B 839 20.11 -31.96 -20.87
C THR B 839 19.81 -30.93 -21.95
N MET B 840 19.00 -29.93 -21.60
CA MET B 840 18.62 -28.87 -22.55
C MET B 840 19.76 -27.92 -22.93
N GLU B 841 20.65 -27.65 -21.97
CA GLU B 841 21.84 -26.85 -22.26
C GLU B 841 22.67 -27.60 -23.30
N LYS B 842 22.88 -28.89 -23.04
CA LYS B 842 23.59 -29.78 -23.96
C LYS B 842 22.95 -29.78 -25.33
N SER B 843 21.64 -30.00 -25.32
CA SER B 843 20.83 -30.08 -26.52
C SER B 843 20.96 -28.87 -27.42
N ILE B 844 21.12 -27.68 -26.82
CA ILE B 844 21.20 -26.44 -27.60
C ILE B 844 22.58 -26.28 -28.24
N GLU B 845 23.62 -26.63 -27.49
CA GLU B 845 24.97 -26.70 -28.05
C GLU B 845 24.99 -27.67 -29.23
N ASP B 846 24.34 -28.82 -29.05
CA ASP B 846 24.32 -29.90 -30.04
C ASP B 846 23.48 -29.66 -31.29
N MET B 847 22.38 -28.93 -31.17
CA MET B 847 21.43 -28.84 -32.29
C MET B 847 21.97 -28.09 -33.51
N THR B 848 21.63 -28.59 -34.69
CA THR B 848 22.03 -27.97 -35.94
C THR B 848 21.40 -26.59 -36.09
N GLU B 849 22.03 -25.74 -36.89
CA GLU B 849 21.43 -24.47 -37.27
C GLU B 849 20.02 -24.63 -37.85
N GLU B 850 19.83 -25.63 -38.70
CA GLU B 850 18.51 -25.90 -39.30
C GLU B 850 17.43 -26.18 -38.25
N ALA B 851 17.75 -27.03 -37.27
CA ALA B 851 16.81 -27.42 -36.20
C ALA B 851 16.45 -26.20 -35.32
N PHE B 852 17.44 -25.32 -35.13
CA PHE B 852 17.28 -24.09 -34.38
C PHE B 852 16.29 -23.18 -35.09
N GLN B 853 16.47 -23.01 -36.40
CA GLN B 853 15.61 -22.15 -37.21
C GLN B 853 14.20 -22.69 -37.28
N LYS B 854 14.07 -24.00 -37.12
CA LYS B 854 12.76 -24.62 -37.07
C LYS B 854 12.02 -24.21 -35.79
N HIS B 855 12.76 -24.09 -34.69
CA HIS B 855 12.24 -23.55 -33.43
C HIS B 855 11.85 -22.11 -33.55
N ILE B 856 12.71 -21.29 -34.18
CA ILE B 856 12.37 -19.89 -34.43
C ILE B 856 11.09 -19.77 -35.27
N GLN B 857 10.99 -20.58 -36.32
CA GLN B 857 9.81 -20.60 -37.18
C GLN B 857 8.52 -21.01 -36.43
N ALA B 858 8.59 -22.08 -35.63
CA ALA B 858 7.44 -22.54 -34.85
C ALA B 858 6.93 -21.46 -33.89
N LEU B 859 7.85 -20.80 -33.20
CA LEU B 859 7.45 -19.75 -32.27
C LEU B 859 6.81 -18.57 -33.01
N ALA B 860 7.45 -18.16 -34.11
CA ALA B 860 6.96 -17.05 -34.93
C ALA B 860 5.54 -17.31 -35.42
N ILE B 861 5.31 -18.50 -35.95
CA ILE B 861 4.00 -18.91 -36.44
C ILE B 861 2.97 -18.79 -35.32
N ARG B 862 3.28 -19.41 -34.18
CA ARG B 862 2.34 -19.41 -33.06
C ARG B 862 2.06 -18.00 -32.54
N ARG B 863 3.09 -17.17 -32.44
CA ARG B 863 2.91 -15.79 -32.02
C ARG B 863 2.17 -14.93 -33.05
N LEU B 864 2.22 -15.30 -34.33
CA LEU B 864 1.48 -14.57 -35.38
C LEU B 864 0.12 -15.20 -35.72
N ASP B 865 -0.22 -16.30 -35.05
CA ASP B 865 -1.53 -16.94 -35.19
C ASP B 865 -2.65 -15.91 -34.98
N LYS B 866 -3.57 -15.84 -35.94
CA LYS B 866 -4.69 -14.89 -35.91
C LYS B 866 -5.89 -15.38 -35.12
N PRO B 867 -6.55 -14.47 -34.34
CA PRO B 867 -7.73 -14.89 -33.60
C PRO B 867 -8.84 -15.31 -34.55
N LYS B 868 -9.61 -16.32 -34.17
CA LYS B 868 -10.63 -16.90 -35.03
C LYS B 868 -12.07 -16.46 -34.65
N LYS B 869 -12.18 -15.76 -33.53
CA LYS B 869 -13.44 -15.13 -33.07
C LYS B 869 -13.19 -13.80 -32.32
N LEU B 870 -14.21 -12.95 -32.22
CA LEU B 870 -14.11 -11.60 -31.62
C LEU B 870 -13.49 -11.66 -30.19
N SER B 871 -14.02 -12.53 -29.32
CA SER B 871 -13.56 -12.61 -27.93
CA SER B 871 -13.57 -12.63 -27.94
C SER B 871 -12.07 -12.94 -27.85
N ALA B 872 -11.58 -13.78 -28.75
CA ALA B 872 -10.16 -14.14 -28.77
C ALA B 872 -9.29 -12.94 -29.14
N GLU B 873 -9.81 -12.05 -30.01
CA GLU B 873 -9.12 -10.80 -30.34
C GLU B 873 -9.23 -9.76 -29.21
N SER B 874 -10.43 -9.59 -28.65
CA SER B 874 -10.65 -8.70 -27.51
C SER B 874 -9.74 -9.07 -26.35
N ALA B 875 -9.64 -10.36 -26.03
CA ALA B 875 -8.79 -10.89 -24.95
C ALA B 875 -7.35 -10.44 -25.08
N LYS B 876 -6.80 -10.56 -26.29
CA LYS B 876 -5.43 -10.17 -26.56
C LYS B 876 -5.26 -8.67 -26.28
N TYR B 877 -6.24 -7.86 -26.72
CA TYR B 877 -6.20 -6.42 -26.44
C TYR B 877 -6.34 -6.13 -24.94
N TRP B 878 -7.24 -6.84 -24.27
CA TRP B 878 -7.45 -6.64 -22.83
C TRP B 878 -6.17 -6.92 -22.06
N GLY B 879 -5.46 -7.98 -22.45
CA GLY B 879 -4.15 -8.30 -21.87
C GLY B 879 -3.20 -7.12 -21.88
N GLU B 880 -3.18 -6.39 -23.00
CA GLU B 880 -2.30 -5.24 -23.14
C GLU B 880 -2.76 -4.05 -22.29
N ILE B 881 -4.08 -3.94 -22.11
CA ILE B 881 -4.66 -2.86 -21.31
C ILE B 881 -4.45 -3.08 -19.83
N ILE B 882 -4.80 -4.26 -19.30
CA ILE B 882 -4.62 -4.49 -17.87
C ILE B 882 -3.15 -4.59 -17.43
N SER B 883 -2.26 -4.90 -18.36
CA SER B 883 -0.84 -4.91 -18.00
C SER B 883 -0.29 -3.49 -18.12
N GLN B 884 -1.11 -2.59 -18.65
CA GLN B 884 -0.72 -1.20 -18.87
C GLN B 884 0.51 -1.07 -19.76
N GLN B 885 0.76 -2.05 -20.61
CA GLN B 885 1.81 -1.91 -21.61
C GLN B 885 1.29 -1.31 -22.93
N TYR B 886 0.04 -1.63 -23.29
CA TYR B 886 -0.63 -1.00 -24.45
C TYR B 886 0.11 -1.19 -25.79
N ASN B 887 0.69 -2.37 -25.99
CA ASN B 887 1.55 -2.62 -27.15
C ASN B 887 0.85 -3.58 -28.12
N PHE B 888 -0.17 -3.04 -28.79
CA PHE B 888 -1.06 -3.82 -29.65
C PHE B 888 -0.37 -4.38 -30.90
N ASP B 889 0.69 -3.73 -31.32
CA ASP B 889 1.48 -4.20 -32.47
C ASP B 889 2.65 -5.09 -32.01
N ARG B 890 2.57 -5.58 -30.76
CA ARG B 890 3.64 -6.38 -30.15
C ARG B 890 4.12 -7.55 -31.01
N ASP B 891 3.17 -8.35 -31.50
CA ASP B 891 3.52 -9.57 -32.25
C ASP B 891 4.52 -9.34 -33.41
N ASN B 892 4.18 -8.45 -34.35
CA ASN B 892 5.11 -8.14 -35.47
C ASN B 892 6.51 -7.74 -34.97
N THR B 893 6.55 -6.83 -34.01
CA THR B 893 7.80 -6.29 -33.49
C THR B 893 8.63 -7.38 -32.81
N GLU B 894 7.96 -8.21 -32.02
CA GLU B 894 8.66 -9.26 -31.30
C GLU B 894 9.13 -10.38 -32.21
N VAL B 895 8.36 -10.68 -33.26
CA VAL B 895 8.77 -11.70 -34.24
C VAL B 895 9.99 -11.22 -35.03
N ALA B 896 9.91 -10.00 -35.58
CA ALA B 896 11.04 -9.40 -36.27
C ALA B 896 12.32 -9.46 -35.43
N TYR B 897 12.22 -9.29 -34.11
CA TYR B 897 13.40 -9.34 -33.25
C TYR B 897 13.81 -10.79 -33.05
N LEU B 898 12.83 -11.63 -32.76
CA LEU B 898 13.10 -13.04 -32.56
C LEU B 898 13.98 -13.65 -33.70
N LYS B 899 13.65 -13.27 -34.93
CA LYS B 899 14.27 -13.84 -36.13
C LYS B 899 15.77 -13.53 -36.26
N THR B 900 16.21 -12.44 -35.65
CA THR B 900 17.62 -12.08 -35.58
C THR B 900 18.43 -12.87 -34.53
N LEU B 901 17.77 -13.73 -33.76
CA LEU B 901 18.44 -14.36 -32.62
C LEU B 901 19.29 -15.56 -33.00
N THR B 902 20.43 -15.72 -32.30
CA THR B 902 21.37 -16.82 -32.56
C THR B 902 21.46 -17.82 -31.41
N LYS B 903 21.82 -19.06 -31.74
CA LYS B 903 22.08 -20.11 -30.75
C LYS B 903 23.02 -19.63 -29.63
N GLU B 904 23.99 -18.79 -29.97
CA GLU B 904 24.86 -18.22 -28.95
C GLU B 904 24.14 -17.28 -28.01
N ASP B 905 23.24 -16.46 -28.56
CA ASP B 905 22.38 -15.56 -27.78
C ASP B 905 21.67 -16.34 -26.67
N ILE B 906 21.02 -17.43 -27.05
CA ILE B 906 20.27 -18.27 -26.14
C ILE B 906 21.17 -18.97 -25.10
N ILE B 907 22.35 -19.44 -25.53
CA ILE B 907 23.30 -20.08 -24.64
C ILE B 907 23.77 -19.06 -23.59
N LYS B 908 24.17 -17.87 -24.05
CA LYS B 908 24.59 -16.79 -23.17
C LYS B 908 23.53 -16.52 -22.11
N PHE B 909 22.30 -16.32 -22.58
CA PHE B 909 21.17 -15.97 -21.71
C PHE B 909 20.96 -17.05 -20.65
N TYR B 910 20.91 -18.31 -21.07
CA TYR B 910 20.79 -19.45 -20.17
C TYR B 910 21.91 -19.44 -19.11
N LYS B 911 23.12 -19.16 -19.58
CA LYS B 911 24.30 -19.20 -18.73
C LYS B 911 24.29 -18.06 -17.72
N GLU B 912 23.70 -16.93 -18.11
CA GLU B 912 23.63 -15.76 -17.24
C GLU B 912 22.48 -15.82 -16.22
N MET B 913 21.34 -16.38 -16.63
CA MET B 913 20.06 -16.26 -15.88
C MET B 913 19.52 -17.55 -15.28
N LEU B 914 19.76 -18.69 -15.95
CA LEU B 914 19.08 -19.95 -15.68
C LEU B 914 19.90 -21.15 -15.20
N ALA B 915 21.14 -21.29 -15.67
CA ALA B 915 22.06 -22.38 -15.29
C ALA B 915 22.24 -22.49 -13.77
N VAL B 916 22.40 -23.71 -13.26
CA VAL B 916 22.63 -23.93 -11.82
C VAL B 916 23.73 -23.01 -11.23
N ASP B 917 24.71 -22.63 -12.05
CA ASP B 917 25.83 -21.83 -11.58
C ASP B 917 25.82 -20.41 -12.17
N ALA B 918 24.66 -20.01 -12.74
CA ALA B 918 24.51 -18.67 -13.31
C ALA B 918 24.77 -17.60 -12.25
N PRO B 919 25.48 -16.54 -12.61
CA PRO B 919 25.68 -15.45 -11.64
C PRO B 919 24.39 -14.70 -11.20
N ARG B 920 23.37 -14.71 -12.05
CA ARG B 920 22.10 -14.01 -11.84
C ARG B 920 20.89 -14.99 -11.77
N ARG B 921 21.13 -16.19 -11.22
CA ARG B 921 20.04 -17.14 -10.97
C ARG B 921 19.15 -16.60 -9.85
N HIS B 922 17.85 -16.62 -10.06
CA HIS B 922 16.90 -16.17 -9.04
C HIS B 922 15.87 -17.24 -8.94
N LYS B 923 16.04 -18.20 -8.01
CA LYS B 923 15.14 -19.37 -7.93
C LYS B 923 14.22 -19.32 -6.69
N VAL B 924 12.94 -19.56 -6.91
CA VAL B 924 11.96 -19.67 -5.82
C VAL B 924 11.05 -20.86 -6.11
N SER B 925 10.97 -21.75 -5.14
CA SER B 925 10.17 -22.94 -5.28
C SER B 925 9.08 -22.98 -4.20
N VAL B 926 7.92 -23.50 -4.55
CA VAL B 926 6.91 -23.80 -3.55
C VAL B 926 6.63 -25.28 -3.60
N HIS B 927 6.76 -25.91 -2.44
CA HIS B 927 6.57 -27.34 -2.29
C HIS B 927 5.32 -27.60 -1.52
N VAL B 928 4.37 -28.27 -2.16
CA VAL B 928 3.17 -28.70 -1.41
C VAL B 928 3.20 -30.22 -1.23
N LEU B 929 3.31 -30.65 0.03
CA LEU B 929 3.41 -32.08 0.39
C LEU B 929 2.10 -32.84 0.33
N ALA B 930 2.19 -34.12 -0.03
CA ALA B 930 1.04 -35.01 -0.03
C ALA B 930 0.51 -35.25 1.38
N ARG B 931 -0.77 -35.59 1.46
CA ARG B 931 -1.49 -35.86 2.71
C ARG B 931 -0.66 -36.68 3.70
N GLU B 932 -0.15 -37.84 3.25
CA GLU B 932 0.51 -38.86 4.11
C GLU B 932 2.03 -38.67 4.23
N MET B 933 2.63 -37.97 3.27
CA MET B 933 4.04 -37.60 3.28
C MET B 933 4.38 -36.75 4.51
N ASP B 934 5.65 -36.71 4.89
CA ASP B 934 6.10 -35.79 5.95
C ASP B 934 7.59 -35.49 5.72
N SER B 935 8.05 -34.34 6.19
CA SER B 935 9.48 -33.98 6.08
C SER B 935 10.33 -34.60 7.20
N ASP B 947 21.76 -43.81 -10.27
CA ASP B 947 21.91 -43.98 -11.70
C ASP B 947 20.59 -44.39 -12.35
N ILE B 948 20.25 -45.69 -12.27
CA ILE B 948 19.03 -46.28 -12.86
C ILE B 948 18.91 -45.98 -14.38
N ASN B 949 20.00 -45.47 -14.96
CA ASN B 949 20.05 -44.97 -16.36
C ASN B 949 19.42 -43.59 -16.57
N LEU B 950 19.05 -42.94 -15.47
CA LEU B 950 18.49 -41.59 -15.49
C LEU B 950 19.59 -40.55 -15.61
N SER B 951 19.23 -39.42 -16.23
CA SER B 951 20.08 -38.25 -16.34
C SER B 951 20.71 -37.84 -14.99
N GLN B 952 21.98 -37.45 -15.00
CA GLN B 952 22.69 -37.01 -13.78
C GLN B 952 22.19 -35.64 -13.28
N ALA B 953 21.53 -35.64 -12.13
CA ALA B 953 21.10 -34.39 -11.49
C ALA B 953 22.30 -33.70 -10.84
N PRO B 954 22.45 -32.38 -11.07
CA PRO B 954 23.58 -31.61 -10.54
C PRO B 954 23.55 -31.43 -9.02
N ALA B 955 24.63 -30.87 -8.46
CA ALA B 955 24.67 -30.56 -7.03
C ALA B 955 23.82 -29.30 -6.73
N LEU B 956 22.94 -29.40 -5.74
CA LEU B 956 22.02 -28.31 -5.45
C LEU B 956 22.28 -27.71 -4.07
N PRO B 957 22.32 -26.36 -3.98
CA PRO B 957 22.55 -25.72 -2.67
C PRO B 957 21.41 -25.97 -1.67
N GLN B 958 21.63 -25.60 -0.42
CA GLN B 958 20.59 -25.62 0.57
C GLN B 958 19.66 -24.43 0.29
N PRO B 959 18.34 -24.68 0.25
CA PRO B 959 17.45 -23.57 0.04
C PRO B 959 17.23 -22.82 1.34
N GLU B 960 17.00 -21.52 1.26
CA GLU B 960 16.58 -20.81 2.46
C GLU B 960 15.06 -20.98 2.60
N VAL B 961 14.65 -21.48 3.76
CA VAL B 961 13.26 -21.81 3.96
C VAL B 961 12.51 -20.60 4.47
N ILE B 962 11.44 -20.27 3.76
CA ILE B 962 10.58 -19.15 4.14
C ILE B 962 9.65 -19.61 5.27
N GLN B 963 9.75 -18.96 6.42
CA GLN B 963 8.87 -19.27 7.56
C GLN B 963 7.72 -18.28 7.61
N ASN B 964 8.00 -17.05 7.21
CA ASN B 964 7.06 -15.96 7.32
C ASN B 964 7.13 -15.09 6.05
N MET B 965 6.04 -15.06 5.31
CA MET B 965 5.96 -14.39 4.03
C MET B 965 6.20 -12.88 4.12
N THR B 966 5.80 -12.30 5.25
CA THR B 966 6.00 -10.88 5.47
C THR B 966 7.48 -10.55 5.65
N GLU B 967 8.18 -11.33 6.47
CA GLU B 967 9.63 -11.17 6.68
C GLU B 967 10.38 -11.28 5.34
N PHE B 968 10.07 -12.31 4.56
CA PHE B 968 10.62 -12.51 3.23
C PHE B 968 10.48 -11.26 2.36
N LYS B 969 9.26 -10.71 2.27
CA LYS B 969 9.04 -9.51 1.43
C LYS B 969 9.72 -8.24 1.96
N ARG B 970 9.67 -8.00 3.26
CA ARG B 970 10.39 -6.86 3.85
C ARG B 970 11.91 -6.90 3.56
N GLY B 971 12.47 -8.09 3.51
CA GLY B 971 13.91 -8.22 3.36
C GLY B 971 14.39 -8.15 1.91
N LEU B 972 13.48 -7.89 0.97
CA LEU B 972 13.84 -7.81 -0.42
C LEU B 972 13.40 -6.53 -1.09
N PRO B 973 14.14 -6.06 -2.12
CA PRO B 973 13.70 -4.90 -2.89
C PRO B 973 12.51 -5.26 -3.75
N LEU B 974 11.83 -4.24 -4.30
CA LEU B 974 10.73 -4.48 -5.22
C LEU B 974 11.12 -3.90 -6.55
N PHE B 975 10.81 -4.62 -7.62
CA PHE B 975 11.06 -4.18 -8.96
C PHE B 975 10.31 -2.88 -9.31
N PRO B 976 10.79 -2.15 -10.36
CA PRO B 976 9.96 -1.06 -10.92
C PRO B 976 8.68 -1.62 -11.55
N LEU B 977 7.83 -0.75 -12.07
CA LEU B 977 6.71 -1.16 -12.91
C LEU B 977 7.06 -0.77 -14.36
N VAL B 978 6.71 -1.63 -15.32
CA VAL B 978 7.05 -1.42 -16.76
C VAL B 978 6.37 -0.14 -17.27
N LYS B 979 7.11 0.65 -18.05
CA LYS B 979 6.58 1.87 -18.67
C LYS B 979 5.60 1.55 -19.83
N PRO B 980 4.53 2.36 -19.97
CA PRO B 980 3.56 2.15 -21.06
C PRO B 980 4.06 2.54 -22.47
N HIS B 981 3.47 1.93 -23.50
CA HIS B 981 3.76 2.25 -24.91
C HIS B 981 3.05 3.50 -25.36
N ILE B 982 1.82 3.69 -24.85
CA ILE B 982 0.97 4.87 -25.17
C ILE B 982 0.62 5.69 -23.91
N ALA C 1 -3.13 30.54 27.65
CA ALA C 1 -1.76 30.29 28.22
C ALA C 1 -1.17 31.61 28.79
N ALA C 2 -0.24 31.47 29.73
CA ALA C 2 0.49 32.62 30.28
C ALA C 2 1.73 32.91 29.43
N ALA C 3 2.01 34.19 29.17
CA ALA C 3 3.11 34.62 28.26
C ALA C 3 4.51 34.07 28.55
N ALA D 1 -31.01 -22.98 -14.48
CA ALA D 1 -30.28 -23.20 -15.77
C ALA D 1 -30.71 -24.53 -16.45
N ALA D 2 -30.76 -24.53 -17.79
CA ALA D 2 -31.00 -25.74 -18.59
C ALA D 2 -29.71 -26.58 -18.69
N ALA D 3 -29.79 -27.91 -18.49
CA ALA D 3 -28.60 -28.78 -18.53
C ALA D 3 -27.91 -28.81 -19.90
C7 2PJ E . 1.25 48.40 16.71
C6 2PJ E . 2.08 47.86 15.74
C1 2PJ E . 2.52 42.28 18.17
C5 2PJ E . 2.47 46.54 15.87
C4 2PJ E . 2.06 45.78 16.93
C3 2PJ E . 2.49 44.46 17.01
C2 2PJ E . 2.08 43.70 18.08
C8 2PJ E . 0.84 47.62 17.77
C9 2PJ E . 1.23 46.31 17.90
N10 2PJ E . 0.81 45.57 18.95
C11 2PJ E . 1.25 44.30 19.01
C12 2PJ E . 3.68 41.98 19.12
C13 2PJ E . 3.66 40.51 19.49
C14 2PJ E . 3.84 39.45 18.62
F15 2PJ E . 4.05 39.68 17.30
C16 2PJ E . 3.78 38.14 19.03
C17 2PJ E . 3.56 37.86 20.36
C18 2PJ E . 3.39 38.92 21.23
C19 2PJ E . 3.43 40.22 20.81
F20 2PJ E . 3.18 38.69 22.54
C21 2PJ E . 5.03 42.32 18.55
N22 2PJ E . 5.91 42.39 19.68
C23 2PJ E . 6.89 41.48 20.00
O24 2PJ E . 7.60 41.52 21.00
O25 2PJ E . 7.00 40.52 19.05
C26 2PJ E . 7.56 39.25 19.42
C27 2PJ E . 6.90 38.73 20.69
C28 2PJ E . 7.26 38.33 18.24
C29 2PJ E . 9.07 39.31 19.61
ZN ZN F . 24.77 38.20 14.70
C7 2PJ G . -28.03 -42.33 -6.58
C6 2PJ G . -26.67 -42.35 -6.31
C1 2PJ G . -25.34 -37.16 -9.15
C5 2PJ G . -25.88 -41.32 -6.77
C4 2PJ G . -26.46 -40.30 -7.49
C3 2PJ G . -25.64 -39.28 -7.94
C2 2PJ G . -26.20 -38.27 -8.66
C8 2PJ G . -28.60 -41.31 -7.30
C9 2PJ G . -27.82 -40.27 -7.77
N10 2PJ G . -28.39 -39.28 -8.47
C11 2PJ G . -27.56 -38.31 -8.90
C12 2PJ G . -25.20 -37.22 -10.66
C13 2PJ G . -24.99 -35.85 -11.25
C14 2PJ G . -24.04 -34.93 -10.86
F15 2PJ G . -23.16 -35.16 -9.85
C16 2PJ G . -23.94 -33.69 -11.47
C17 2PJ G . -24.79 -33.39 -12.50
C18 2PJ G . -25.74 -34.32 -12.89
C19 2PJ G . -25.85 -35.54 -12.28
F20 2PJ G . -26.59 -34.05 -13.88
C21 2PJ G . -24.09 -38.12 -11.13
N22 2PJ G . -24.28 -38.46 -12.51
C23 2PJ G . -23.48 -37.94 -13.51
O24 2PJ G . -23.63 -38.23 -14.69
O25 2PJ G . -22.52 -37.08 -13.02
C26 2PJ G . -21.85 -36.23 -13.98
C27 2PJ G . -22.79 -35.38 -14.81
C28 2PJ G . -21.01 -35.28 -13.14
C29 2PJ G . -20.92 -36.98 -14.90
ZN ZN H . -7.03 -42.28 -21.06
#